data_8V5G
#
_entry.id   8V5G
#
_cell.length_a   72.010
_cell.length_b   183.850
_cell.length_c   84.725
_cell.angle_alpha   90.00
_cell.angle_beta   93.40
_cell.angle_gamma   90.00
#
_symmetry.space_group_name_H-M   'P 1 21 1'
#
loop_
_entity.id
_entity.type
_entity.pdbx_description
1 polymer 'Acetyl-coenzyme A synthetase'
2 non-polymer "5'-deoxy-5'-(ethylsulfamamido)adenosine"
3 non-polymer 'CHLORIDE ION'
4 water water
#
_entity_poly.entity_id   1
_entity_poly.type   'polypeptide(L)'
_entity_poly.pdbx_seq_one_letter_code
;MHHHHHHHHENLYFQGKTEVAPGVHHVHPLPDSVPESEDLFAPPPRMQGKEGRPKPHIGPNYESYVKEWAKTVGPNSDEW
WAAKARETLDWYDDFKTVRAGGFEHGDVQWFPEGTLNAAYNCLDRHYYKNPKKTAIIYEADEPSESREVSYEELMQETCR
VANVLKSYGVKKGDAVSIYLPMTWQAAAAFLACARIGAIHSAVFAGFSAESLRDRVNDCECKVLITTDEGRRGGKTIATK
QIVDAALQQCPLVENVLVLRRTGNKVPMTEGRDKWWDEECAKMPAYCPCERMASEDPLFILYTSGSTGKPKGVVHSTAGY
LLGTALTLKYVFDAHPDDRFACMADIGWITGHSYIIYGPLANGITTAVFESTPVYPTPSRYWDFVDKWKATQLYTAPTAI
RLLRRMGEDHVKNHDLSSLRVLGSVGEPINPEAWHWYNDFAGKNQCAIVDTYWMTETGSISIAPLPGAISTKPGSATFPF
FGMDVDIIDPQTGQVLEGNDVEGVLVARRPWPSIARTVYRDHKRYLETYMKPYPGYFFFGDGAARDYDGYMWIKGRVDDV
INVSGHRLSTAEVESALILHKGVAETAVVGCADDLTGQAVYAFVTMKPEFDLKATKEADLSKELAIQVRKVIGPFAAPKK
IYLVSDLPKTRSGKIMRRVLRKIVAGEGDQLGDLSSIADPQIVEEVKQKVTGSA
;
_entity_poly.pdbx_strand_id   A,B,C
#
# COMPACT_ATOMS: atom_id res chain seq x y z
N HIS A 25 38.98 42.34 2.57
CA HIS A 25 37.96 41.46 2.03
C HIS A 25 36.58 42.10 2.05
N HIS A 26 35.76 41.73 1.07
CA HIS A 26 34.42 42.29 0.96
C HIS A 26 33.47 41.65 1.96
N VAL A 27 33.68 40.38 2.27
CA VAL A 27 32.81 39.63 3.19
C VAL A 27 33.47 39.64 4.57
N HIS A 28 32.76 40.18 5.55
CA HIS A 28 33.26 40.25 6.92
C HIS A 28 32.55 39.26 7.83
N PRO A 29 33.24 38.71 8.83
CA PRO A 29 32.56 37.84 9.80
C PRO A 29 31.67 38.65 10.72
N LEU A 30 30.78 37.97 11.41
CA LEU A 30 29.94 38.64 12.38
C LEU A 30 30.85 39.38 13.36
N PRO A 31 30.49 40.59 13.77
CA PRO A 31 31.33 41.32 14.73
C PRO A 31 31.71 40.48 15.93
N ASP A 32 32.99 40.50 16.25
CA ASP A 32 33.52 39.82 17.44
C ASP A 32 34.61 40.70 18.04
N SER A 33 34.86 40.52 19.33
CA SER A 33 35.90 41.26 20.02
C SER A 33 37.25 40.55 19.97
N VAL A 34 37.34 39.38 19.34
CA VAL A 34 38.62 38.70 19.22
C VAL A 34 39.19 38.99 17.84
N PRO A 35 40.50 39.22 17.70
CA PRO A 35 41.07 39.39 16.36
C PRO A 35 40.79 38.17 15.49
N GLU A 36 40.61 38.43 14.19
CA GLU A 36 40.30 37.34 13.27
C GLU A 36 41.38 36.28 13.28
N SER A 37 42.64 36.70 13.40
CA SER A 37 43.75 35.75 13.43
C SER A 37 43.72 34.84 14.65
N GLU A 38 42.99 35.23 15.71
CA GLU A 38 42.92 34.45 16.94
C GLU A 38 41.54 33.85 17.18
N ASP A 39 40.73 33.73 16.13
CA ASP A 39 39.32 33.37 16.27
C ASP A 39 38.97 32.16 15.39
N LEU A 40 39.91 31.22 15.29
CA LEU A 40 39.73 29.97 14.56
C LEU A 40 40.11 28.84 15.51
N PHE A 41 39.13 28.03 15.91
CA PHE A 41 39.31 27.06 16.98
C PHE A 41 39.28 25.64 16.42
N ALA A 42 40.40 24.93 16.54
CA ALA A 42 40.54 23.59 15.99
C ALA A 42 39.98 22.56 16.96
N PRO A 43 39.57 21.39 16.45
CA PRO A 43 38.94 20.38 17.32
C PRO A 43 39.78 20.14 18.55
N PRO A 44 39.19 20.25 19.75
CA PRO A 44 39.97 20.06 20.97
C PRO A 44 40.27 18.59 21.21
N PRO A 45 41.06 18.27 22.24
CA PRO A 45 41.49 16.87 22.44
C PRO A 45 40.35 15.88 22.65
N ARG A 46 39.22 16.31 23.20
CA ARG A 46 38.09 15.41 23.34
C ARG A 46 37.61 14.90 21.98
N MET A 47 37.72 15.74 20.94
CA MET A 47 37.38 15.35 19.57
C MET A 47 38.59 14.91 18.75
N GLN A 48 39.72 14.61 19.42
CA GLN A 48 40.88 14.00 18.78
C GLN A 48 41.08 12.56 19.23
N GLY A 49 40.04 11.94 19.77
CA GLY A 49 40.19 10.60 20.30
C GLY A 49 40.96 10.50 21.59
N LYS A 50 41.32 11.63 22.20
CA LYS A 50 42.11 11.64 23.41
C LYS A 50 41.19 11.70 24.62
N GLU A 51 41.75 11.63 25.81
CA GLU A 51 40.98 11.69 27.05
C GLU A 51 39.98 10.53 27.16
N GLY A 52 40.24 9.42 26.47
CA GLY A 52 39.33 8.30 26.52
C GLY A 52 38.05 8.49 25.73
N ARG A 53 38.02 9.44 24.80
CA ARG A 53 36.80 9.62 24.03
C ARG A 53 36.90 8.87 22.70
N PRO A 54 35.75 8.48 22.13
CA PRO A 54 35.78 7.75 20.86
C PRO A 54 36.33 8.60 19.73
N LYS A 55 37.12 7.98 18.85
CA LYS A 55 37.66 8.69 17.70
C LYS A 55 36.50 9.20 16.84
N PRO A 56 36.61 10.39 16.26
CA PRO A 56 35.52 10.90 15.43
C PRO A 56 35.33 10.07 14.17
N HIS A 57 34.09 10.09 13.66
CA HIS A 57 33.77 9.38 12.42
C HIS A 57 34.47 10.04 11.23
N ILE A 58 34.51 11.36 11.19
CA ILE A 58 35.24 12.10 10.17
C ILE A 58 36.31 12.92 10.87
N GLY A 59 37.52 12.88 10.32
CA GLY A 59 38.62 13.61 10.89
C GLY A 59 39.94 13.23 10.25
N PRO A 60 41.02 13.89 10.66
CA PRO A 60 41.10 14.90 11.72
C PRO A 60 41.11 16.35 11.23
N ASN A 61 40.92 16.62 9.93
CA ASN A 61 41.10 17.96 9.37
C ASN A 61 40.03 18.23 8.32
N TYR A 62 40.07 19.43 7.75
CA TYR A 62 39.10 19.83 6.73
C TYR A 62 39.13 18.89 5.53
N GLU A 63 40.31 18.40 5.16
CA GLU A 63 40.42 17.55 3.97
C GLU A 63 39.64 16.25 4.14
N SER A 64 39.54 15.73 5.36
CA SER A 64 38.78 14.52 5.56
C SER A 64 37.30 14.77 5.36
N TYR A 65 36.81 15.97 5.71
CA TYR A 65 35.41 16.30 5.46
C TYR A 65 35.13 16.35 3.96
N VAL A 66 35.93 17.11 3.20
CA VAL A 66 35.69 17.25 1.78
C VAL A 66 35.75 15.90 1.08
N LYS A 67 36.68 15.04 1.50
CA LYS A 67 36.84 13.75 0.84
C LYS A 67 35.54 12.95 0.89
N GLU A 68 34.90 12.91 2.06
CA GLU A 68 33.63 12.20 2.19
C GLU A 68 32.49 12.98 1.55
N TRP A 69 32.46 14.30 1.73
CA TRP A 69 31.37 15.09 1.20
C TRP A 69 31.25 14.97 -0.31
N ALA A 70 32.38 14.93 -1.02
CA ALA A 70 32.33 14.87 -2.48
C ALA A 70 31.69 13.58 -2.99
N LYS A 71 31.63 12.54 -2.16
CA LYS A 71 30.93 11.33 -2.51
C LYS A 71 29.42 11.49 -2.37
N THR A 72 28.97 12.56 -1.74
CA THR A 72 27.56 12.73 -1.38
C THR A 72 26.81 13.67 -2.31
N VAL A 73 27.49 14.30 -3.26
CA VAL A 73 26.88 15.26 -4.18
C VAL A 73 27.41 15.01 -5.58
N GLY A 74 26.71 15.54 -6.57
CA GLY A 74 27.14 15.42 -7.93
C GLY A 74 26.45 14.29 -8.65
N PRO A 75 26.85 14.05 -9.90
CA PRO A 75 26.19 13.01 -10.70
C PRO A 75 26.61 11.59 -10.37
N ASN A 76 27.55 11.40 -9.46
CA ASN A 76 28.01 10.06 -9.09
C ASN A 76 27.85 9.79 -7.59
N SER A 77 26.86 10.41 -6.98
CA SER A 77 26.65 10.23 -5.56
C SER A 77 25.61 9.17 -5.23
N ASP A 78 24.91 8.62 -6.22
CA ASP A 78 23.92 7.58 -5.95
C ASP A 78 24.53 6.37 -5.21
N GLU A 79 25.77 6.01 -5.53
CA GLU A 79 26.38 4.85 -4.87
C GLU A 79 26.48 5.06 -3.36
N TRP A 80 27.00 6.23 -2.95
CA TRP A 80 27.15 6.51 -1.53
C TRP A 80 25.80 6.50 -0.82
N TRP A 81 24.80 7.12 -1.42
CA TRP A 81 23.51 7.23 -0.73
C TRP A 81 22.83 5.87 -0.65
N ALA A 82 22.93 5.05 -1.70
CA ALA A 82 22.37 3.70 -1.61
C ALA A 82 23.01 2.93 -0.45
N ALA A 83 24.34 2.98 -0.34
CA ALA A 83 25.01 2.24 0.72
C ALA A 83 24.62 2.77 2.11
N LYS A 84 24.64 4.09 2.29
CA LYS A 84 24.31 4.63 3.60
C LYS A 84 22.86 4.33 3.98
N ALA A 85 21.96 4.31 2.98
CA ALA A 85 20.57 3.99 3.26
C ALA A 85 20.42 2.54 3.72
N ARG A 86 21.16 1.61 3.10
CA ARG A 86 21.07 0.22 3.49
C ARG A 86 21.85 -0.09 4.76
N GLU A 87 22.86 0.72 5.09
CA GLU A 87 23.60 0.51 6.32
C GLU A 87 22.90 1.13 7.52
N THR A 88 22.21 2.25 7.33
CA THR A 88 21.69 3.02 8.45
C THR A 88 20.33 2.52 8.91
N LEU A 89 19.49 2.08 7.98
CA LEU A 89 18.11 1.72 8.25
C LEU A 89 17.86 0.24 7.98
N ASP A 90 16.86 -0.30 8.65
CA ASP A 90 16.33 -1.63 8.36
C ASP A 90 15.11 -1.50 7.47
N TRP A 91 15.11 -2.24 6.37
CA TRP A 91 14.06 -2.20 5.38
C TRP A 91 13.32 -3.52 5.38
N TYR A 92 12.00 -3.49 5.15
CA TYR A 92 11.25 -4.71 4.91
C TYR A 92 11.38 -5.16 3.46
N ASP A 93 11.43 -4.19 2.56
CA ASP A 93 11.65 -4.41 1.14
C ASP A 93 12.76 -3.47 0.70
N ASP A 94 13.72 -3.99 -0.06
CA ASP A 94 14.78 -3.13 -0.57
C ASP A 94 14.23 -2.18 -1.63
N PHE A 95 15.00 -1.13 -1.90
CA PHE A 95 14.68 -0.18 -2.97
C PHE A 95 15.52 -0.48 -4.21
N LYS A 96 15.06 0.03 -5.34
CA LYS A 96 15.75 -0.11 -6.61
C LYS A 96 16.34 1.20 -7.07
N THR A 97 15.51 2.24 -7.16
CA THR A 97 15.90 3.60 -7.50
C THR A 97 16.39 4.37 -6.26
N VAL A 98 17.47 5.15 -6.44
CA VAL A 98 17.98 5.97 -5.34
C VAL A 98 17.24 7.29 -5.27
N ARG A 99 17.18 8.03 -6.38
CA ARG A 99 16.48 9.31 -6.38
C ARG A 99 15.84 9.56 -7.73
N ALA A 100 14.81 10.41 -7.71
CA ALA A 100 14.11 10.87 -8.91
C ALA A 100 13.34 12.13 -8.51
N GLY A 101 12.74 12.79 -9.50
CA GLY A 101 11.96 13.98 -9.24
C GLY A 101 12.84 15.20 -9.01
N GLY A 102 12.19 16.32 -8.70
CA GLY A 102 12.94 17.54 -8.51
C GLY A 102 12.10 18.68 -7.99
N PHE A 103 12.74 19.88 -7.93
CA PHE A 103 12.13 21.06 -7.33
C PHE A 103 10.93 21.56 -8.12
N GLU A 104 11.03 21.50 -9.46
CA GLU A 104 10.15 22.30 -10.32
C GLU A 104 8.68 21.98 -10.07
N HIS A 105 8.33 20.70 -10.03
CA HIS A 105 6.95 20.28 -9.80
C HIS A 105 6.70 19.74 -8.39
N GLY A 106 7.75 19.57 -7.59
CA GLY A 106 7.58 19.05 -6.25
C GLY A 106 7.16 17.60 -6.31
N ASP A 107 8.01 16.78 -6.92
CA ASP A 107 7.81 15.34 -7.02
C ASP A 107 9.05 14.61 -6.54
N VAL A 108 9.73 15.15 -5.52
CA VAL A 108 10.97 14.57 -5.05
C VAL A 108 10.71 13.16 -4.52
N GLN A 109 11.55 12.22 -4.92
CA GLN A 109 11.48 10.83 -4.52
C GLN A 109 12.85 10.32 -4.09
N TRP A 110 12.87 9.55 -2.99
CA TRP A 110 14.08 8.87 -2.55
C TRP A 110 13.74 7.44 -2.14
N PHE A 111 14.49 6.49 -2.69
CA PHE A 111 14.31 5.08 -2.38
C PHE A 111 12.87 4.63 -2.58
N PRO A 112 12.22 5.01 -3.69
CA PRO A 112 10.75 4.88 -3.74
C PRO A 112 10.22 3.46 -3.64
N GLU A 113 10.95 2.46 -4.14
CA GLU A 113 10.44 1.10 -4.11
C GLU A 113 10.65 0.41 -2.76
N GLY A 114 11.42 1.00 -1.87
CA GLY A 114 11.69 0.35 -0.59
C GLY A 114 10.56 0.53 0.39
N THR A 115 10.51 -0.35 1.40
CA THR A 115 9.56 -0.24 2.49
C THR A 115 10.27 -0.36 3.83
N LEU A 116 9.73 0.33 4.85
CA LEU A 116 10.29 0.30 6.20
C LEU A 116 9.24 0.86 7.16
N ASN A 117 9.59 0.89 8.45
CA ASN A 117 8.76 1.55 9.46
C ASN A 117 9.66 2.32 10.43
N ALA A 118 9.25 3.55 10.76
CA ALA A 118 10.09 4.40 11.60
C ALA A 118 10.21 3.85 13.01
N ALA A 119 9.11 3.31 13.55
CA ALA A 119 9.15 2.77 14.91
C ALA A 119 10.01 1.52 14.98
N TYR A 120 10.05 0.74 13.92
CA TYR A 120 10.95 -0.41 13.91
C TYR A 120 12.40 0.04 13.96
N ASN A 121 12.71 1.11 13.24
CA ASN A 121 14.08 1.61 13.20
C ASN A 121 14.45 2.37 14.49
N CYS A 122 13.47 2.95 15.18
CA CYS A 122 13.72 3.70 16.40
C CYS A 122 13.55 2.89 17.68
N LEU A 123 12.85 1.75 17.63
CA LEU A 123 12.58 0.97 18.84
C LEU A 123 12.95 -0.50 18.65
N ASP A 124 12.14 -1.21 17.86
CA ASP A 124 12.19 -2.67 17.85
C ASP A 124 13.61 -3.19 17.66
N ARG A 125 14.32 -2.72 16.63
CA ARG A 125 15.62 -3.31 16.32
C ARG A 125 16.63 -3.07 17.42
N HIS A 126 16.45 -2.00 18.20
CA HIS A 126 17.33 -1.78 19.34
C HIS A 126 16.87 -2.57 20.55
N TYR A 127 15.55 -2.66 20.74
CA TYR A 127 15.00 -3.53 21.77
C TYR A 127 15.50 -4.97 21.61
N TYR A 128 15.45 -5.49 20.38
CA TYR A 128 15.91 -6.85 20.14
C TYR A 128 17.40 -7.03 20.43
N LYS A 129 18.16 -5.92 20.42
CA LYS A 129 19.60 -5.96 20.63
C LYS A 129 19.98 -5.74 22.09
N ASN A 130 19.45 -4.67 22.71
CA ASN A 130 19.78 -4.32 24.09
C ASN A 130 18.53 -3.73 24.76
N PRO A 131 17.57 -4.59 25.13
CA PRO A 131 16.28 -4.05 25.59
C PRO A 131 16.38 -3.15 26.80
N LYS A 132 17.40 -3.34 27.63
CA LYS A 132 17.52 -2.59 28.88
C LYS A 132 18.38 -1.35 28.75
N LYS A 133 18.99 -1.11 27.59
CA LYS A 133 19.66 0.14 27.33
C LYS A 133 18.65 1.29 27.42
N THR A 134 19.11 2.41 27.94
CA THR A 134 18.23 3.56 28.15
C THR A 134 17.96 4.26 26.82
N ALA A 135 16.68 4.49 26.53
CA ALA A 135 16.27 5.26 25.36
C ALA A 135 16.03 6.73 25.70
N ILE A 136 15.25 7.00 26.74
CA ILE A 136 14.93 8.37 27.14
C ILE A 136 15.39 8.59 28.57
N ILE A 137 16.14 9.67 28.77
CA ILE A 137 16.41 10.24 30.09
C ILE A 137 15.32 11.28 30.29
N TYR A 138 14.29 10.93 31.06
CA TYR A 138 13.16 11.83 31.31
C TYR A 138 13.51 12.74 32.48
N GLU A 139 13.97 13.96 32.15
CA GLU A 139 14.27 15.00 33.13
C GLU A 139 13.00 15.81 33.37
N ALA A 140 12.27 15.46 34.43
CA ALA A 140 11.02 16.12 34.73
C ALA A 140 11.26 17.53 35.26
N ASP A 141 10.20 18.33 35.24
CA ASP A 141 10.31 19.72 35.71
C ASP A 141 10.92 19.77 37.11
N GLU A 142 10.46 18.89 38.01
CA GLU A 142 11.13 18.71 39.30
C GLU A 142 12.26 17.71 39.16
N PRO A 143 13.50 18.06 39.51
CA PRO A 143 14.61 17.10 39.34
C PRO A 143 14.42 15.78 40.07
N SER A 144 13.69 15.77 41.19
CA SER A 144 13.55 14.52 41.92
C SER A 144 12.74 13.51 41.12
N GLU A 145 11.83 13.97 40.27
CA GLU A 145 10.95 13.08 39.52
C GLU A 145 11.57 12.51 38.24
N SER A 146 12.87 12.69 38.01
CA SER A 146 13.49 12.22 36.79
C SER A 146 13.86 10.74 36.87
N ARG A 147 13.79 10.05 35.73
CA ARG A 147 14.16 8.64 35.66
C ARG A 147 14.52 8.26 34.23
N GLU A 148 15.14 7.09 34.10
CA GLU A 148 15.52 6.52 32.81
C GLU A 148 14.46 5.58 32.27
N VAL A 149 14.16 5.72 30.99
CA VAL A 149 13.20 4.89 30.28
C VAL A 149 13.97 4.05 29.26
N SER A 150 13.90 2.73 29.40
CA SER A 150 14.66 1.85 28.52
C SER A 150 13.91 1.65 27.21
N TYR A 151 14.61 1.09 26.22
CA TYR A 151 13.96 0.80 24.94
C TYR A 151 12.78 -0.15 25.10
N GLU A 152 12.88 -1.11 26.02
CA GLU A 152 11.77 -2.01 26.30
C GLU A 152 10.55 -1.26 26.81
N GLU A 153 10.72 -0.41 27.82
CA GLU A 153 9.58 0.33 28.35
C GLU A 153 8.95 1.20 27.26
N LEU A 154 9.77 1.95 26.52
CA LEU A 154 9.25 2.83 25.47
C LEU A 154 8.62 2.05 24.34
N MET A 155 9.19 0.91 23.98
CA MET A 155 8.57 0.08 22.95
C MET A 155 7.19 -0.39 23.41
N GLN A 156 7.09 -0.87 24.66
CA GLN A 156 5.81 -1.35 25.17
C GLN A 156 4.76 -0.24 25.19
N GLU A 157 5.15 0.96 25.63
CA GLU A 157 4.20 2.07 25.67
C GLU A 157 3.78 2.47 24.27
N THR A 158 4.74 2.50 23.34
CA THR A 158 4.41 2.79 21.94
C THR A 158 3.41 1.77 21.40
N CYS A 159 3.62 0.48 21.69
CA CYS A 159 2.72 -0.53 21.13
C CYS A 159 1.33 -0.48 21.77
N ARG A 160 1.23 -0.08 23.04
CA ARG A 160 -0.09 0.03 23.64
C ARG A 160 -0.89 1.15 22.99
N VAL A 161 -0.26 2.32 22.79
CA VAL A 161 -0.96 3.44 22.16
C VAL A 161 -1.37 3.09 20.73
N ALA A 162 -0.49 2.43 19.98
CA ALA A 162 -0.81 2.04 18.60
C ALA A 162 -2.06 1.19 18.55
N ASN A 163 -2.17 0.20 19.43
CA ASN A 163 -3.38 -0.59 19.52
C ASN A 163 -4.58 0.26 19.88
N VAL A 164 -4.39 1.27 20.74
CA VAL A 164 -5.49 2.14 21.14
C VAL A 164 -5.97 2.96 19.96
N LEU A 165 -5.03 3.56 19.23
CA LEU A 165 -5.38 4.31 18.02
C LEU A 165 -6.12 3.42 17.02
N LYS A 166 -5.64 2.19 16.81
CA LYS A 166 -6.32 1.29 15.88
C LYS A 166 -7.73 0.95 16.38
N SER A 167 -7.89 0.74 17.69
CA SER A 167 -9.24 0.52 18.20
C SER A 167 -10.16 1.70 17.88
N TYR A 168 -9.58 2.91 17.78
CA TYR A 168 -10.35 4.09 17.40
C TYR A 168 -10.66 4.15 15.90
N GLY A 169 -10.23 3.16 15.12
CA GLY A 169 -10.40 3.20 13.68
C GLY A 169 -9.32 3.90 12.90
N VAL A 170 -8.19 4.24 13.53
CA VAL A 170 -7.15 4.98 12.83
C VAL A 170 -6.48 4.07 11.82
N LYS A 171 -6.40 4.52 10.57
CA LYS A 171 -5.86 3.75 9.46
C LYS A 171 -4.60 4.41 8.91
N LYS A 172 -3.83 3.62 8.17
CA LYS A 172 -2.67 4.15 7.46
C LYS A 172 -3.05 5.41 6.68
N GLY A 173 -2.29 6.48 6.88
CA GLY A 173 -2.50 7.72 6.17
C GLY A 173 -3.46 8.71 6.81
N ASP A 174 -4.12 8.35 7.91
CA ASP A 174 -4.94 9.29 8.65
C ASP A 174 -4.06 10.23 9.47
N ALA A 175 -4.55 11.43 9.71
CA ALA A 175 -3.82 12.41 10.51
C ALA A 175 -4.29 12.33 11.94
N VAL A 176 -3.33 12.39 12.86
CA VAL A 176 -3.57 12.34 14.30
C VAL A 176 -2.85 13.53 14.92
N SER A 177 -3.60 14.46 15.51
CA SER A 177 -2.98 15.61 16.15
C SER A 177 -2.46 15.23 17.53
N ILE A 178 -1.36 15.88 17.92
CA ILE A 178 -0.73 15.68 19.22
C ILE A 178 -0.48 17.05 19.84
N TYR A 179 -0.98 17.25 21.06
CA TYR A 179 -0.82 18.50 21.82
C TYR A 179 -0.26 18.09 23.19
N LEU A 180 1.03 17.74 23.22
CA LEU A 180 1.61 17.15 24.42
C LEU A 180 2.82 17.94 24.91
N PRO A 181 2.92 18.15 26.23
CA PRO A 181 4.13 18.78 26.79
C PRO A 181 5.31 17.82 26.76
N MET A 182 6.48 18.28 27.21
CA MET A 182 7.70 17.51 27.11
C MET A 182 7.83 16.48 28.23
N THR A 183 6.90 15.53 28.26
CA THR A 183 7.06 14.31 29.03
C THR A 183 7.45 13.17 28.09
N TRP A 184 8.07 12.12 28.66
CA TRP A 184 8.64 11.09 27.80
C TRP A 184 7.58 10.41 26.94
N GLN A 185 6.32 10.38 27.39
CA GLN A 185 5.27 9.72 26.63
C GLN A 185 5.08 10.34 25.26
N ALA A 186 5.55 11.59 25.07
CA ALA A 186 5.41 12.25 23.78
C ALA A 186 6.09 11.46 22.68
N ALA A 187 7.22 10.81 22.99
CA ALA A 187 7.90 9.98 22.01
C ALA A 187 7.06 8.77 21.66
N ALA A 188 6.37 8.19 22.65
CA ALA A 188 5.53 7.02 22.37
C ALA A 188 4.35 7.39 21.49
N ALA A 189 3.84 8.62 21.62
CA ALA A 189 2.74 9.06 20.78
C ALA A 189 3.19 9.28 19.34
N PHE A 190 4.33 9.92 19.14
CA PHE A 190 4.87 10.06 17.78
C PHE A 190 5.10 8.68 17.14
N LEU A 191 5.80 7.79 17.86
CA LEU A 191 6.18 6.51 17.29
C LEU A 191 5.00 5.56 17.19
N ALA A 192 3.95 5.77 18.01
CA ALA A 192 2.75 4.95 17.84
C ALA A 192 2.07 5.26 16.53
N CYS A 193 1.99 6.54 16.17
CA CYS A 193 1.42 6.92 14.88
C CYS A 193 2.27 6.35 13.74
N ALA A 194 3.60 6.50 13.84
CA ALA A 194 4.47 6.00 12.78
C ALA A 194 4.42 4.49 12.67
N ARG A 195 4.16 3.79 13.79
CA ARG A 195 4.13 2.34 13.80
C ARG A 195 2.99 1.81 12.95
N ILE A 196 1.84 2.49 12.97
CA ILE A 196 0.67 2.03 12.23
C ILE A 196 0.45 2.81 10.94
N GLY A 197 1.39 3.69 10.57
CA GLY A 197 1.25 4.44 9.34
C GLY A 197 0.36 5.64 9.41
N ALA A 198 -0.01 6.09 10.59
CA ALA A 198 -0.73 7.35 10.70
C ALA A 198 0.24 8.51 10.54
N ILE A 199 -0.31 9.68 10.29
CA ILE A 199 0.46 10.90 10.04
C ILE A 199 0.34 11.75 11.30
N HIS A 200 1.37 11.80 12.15
CA HIS A 200 1.27 12.62 13.36
C HIS A 200 1.50 14.09 13.04
N SER A 201 0.77 14.96 13.75
CA SER A 201 0.85 16.42 13.61
C SER A 201 0.98 17.05 15.01
N ALA A 202 2.21 17.36 15.40
CA ALA A 202 2.49 17.87 16.75
C ALA A 202 2.23 19.37 16.84
N VAL A 203 1.65 19.79 17.96
CA VAL A 203 1.35 21.19 18.23
C VAL A 203 1.97 21.54 19.57
N PHE A 204 2.82 22.55 19.59
CA PHE A 204 3.49 22.98 20.82
C PHE A 204 2.50 23.11 21.97
N ALA A 205 2.78 22.46 23.09
CA ALA A 205 1.94 22.55 24.28
C ALA A 205 2.09 23.93 24.88
N GLY A 206 1.14 24.81 24.61
CA GLY A 206 1.30 26.20 24.99
C GLY A 206 0.74 27.16 23.96
N PHE A 207 0.49 26.67 22.75
CA PHE A 207 -0.24 27.46 21.78
C PHE A 207 -1.65 27.73 22.31
N SER A 208 -2.19 28.90 21.94
CA SER A 208 -3.56 29.21 22.26
C SER A 208 -4.49 28.19 21.62
N ALA A 209 -5.72 28.13 22.14
CA ALA A 209 -6.74 27.30 21.50
C ALA A 209 -6.95 27.73 20.05
N GLU A 210 -6.86 29.03 19.77
CA GLU A 210 -7.06 29.50 18.40
C GLU A 210 -6.01 28.91 17.45
N SER A 211 -4.77 28.80 17.91
CA SER A 211 -3.73 28.22 17.07
C SER A 211 -3.90 26.70 16.99
N LEU A 212 -4.27 26.07 18.10
CA LEU A 212 -4.49 24.63 18.08
C LEU A 212 -5.64 24.27 17.14
N ARG A 213 -6.74 25.02 17.20
CA ARG A 213 -7.91 24.73 16.40
C ARG A 213 -7.60 24.79 14.92
N ASP A 214 -6.86 25.83 14.49
CA ASP A 214 -6.53 25.95 13.08
C ASP A 214 -5.75 24.75 12.60
N ARG A 215 -4.81 24.27 13.42
CA ARG A 215 -3.97 23.14 13.05
C ARG A 215 -4.77 21.84 13.08
N VAL A 216 -5.70 21.69 14.03
CA VAL A 216 -6.49 20.46 14.10
C VAL A 216 -7.43 20.37 12.91
N ASN A 217 -8.03 21.49 12.50
CA ASN A 217 -8.94 21.44 11.36
C ASN A 217 -8.19 21.26 10.05
N ASP A 218 -7.07 21.96 9.88
CA ASP A 218 -6.38 21.89 8.60
C ASP A 218 -5.93 20.46 8.29
N CYS A 219 -5.36 19.76 9.28
CA CYS A 219 -4.91 18.40 9.05
C CYS A 219 -6.07 17.41 9.04
N GLU A 220 -7.26 17.86 9.42
CA GLU A 220 -8.50 17.08 9.30
C GLU A 220 -8.50 15.81 10.13
N CYS A 221 -7.75 15.81 11.22
CA CYS A 221 -7.64 14.63 12.06
C CYS A 221 -8.95 14.32 12.79
N LYS A 222 -9.08 13.06 13.18
CA LYS A 222 -10.20 12.56 13.95
C LYS A 222 -9.83 12.16 15.37
N VAL A 223 -8.53 12.08 15.67
CA VAL A 223 -8.03 11.66 16.97
C VAL A 223 -7.05 12.71 17.46
N LEU A 224 -7.14 13.08 18.75
CA LEU A 224 -6.24 14.02 19.38
C LEU A 224 -5.64 13.41 20.64
N ILE A 225 -4.33 13.56 20.80
CA ILE A 225 -3.60 13.04 21.95
C ILE A 225 -3.07 14.23 22.74
N THR A 226 -3.34 14.24 24.04
CA THR A 226 -2.99 15.38 24.87
C THR A 226 -2.91 14.95 26.33
N THR A 227 -2.58 15.90 27.20
CA THR A 227 -2.48 15.65 28.64
C THR A 227 -3.60 16.38 29.38
N ASP A 228 -3.76 16.03 30.66
CA ASP A 228 -4.66 16.81 31.50
C ASP A 228 -4.06 18.18 31.79
N GLU A 229 -2.77 18.22 32.13
CA GLU A 229 -2.04 19.46 32.31
C GLU A 229 -0.57 19.25 31.97
N GLY A 230 0.14 20.35 31.78
CA GLY A 230 1.58 20.33 31.60
C GLY A 230 2.25 21.02 32.78
N ARG A 231 3.57 20.89 32.83
CA ARG A 231 4.39 21.45 33.91
C ARG A 231 5.69 21.94 33.30
N ARG A 232 5.95 23.23 33.42
CA ARG A 232 7.20 23.79 32.90
C ARG A 232 7.61 24.95 33.79
N GLY A 233 8.82 24.88 34.33
CA GLY A 233 9.31 25.96 35.17
C GLY A 233 8.54 26.19 36.44
N GLY A 234 7.77 25.20 36.90
CA GLY A 234 6.97 25.35 38.10
C GLY A 234 5.53 25.73 37.82
N LYS A 235 5.19 26.08 36.59
CA LYS A 235 3.84 26.48 36.22
C LYS A 235 3.01 25.27 35.76
N THR A 236 1.70 25.47 35.69
CA THR A 236 0.76 24.43 35.28
C THR A 236 0.05 24.90 34.01
N ILE A 237 0.23 24.14 32.93
CA ILE A 237 -0.38 24.43 31.64
C ILE A 237 -1.69 23.65 31.58
N ALA A 238 -2.80 24.37 31.35
CA ALA A 238 -4.13 23.74 31.34
C ALA A 238 -4.44 23.25 29.92
N THR A 239 -3.64 22.27 29.47
CA THR A 239 -3.79 21.77 28.12
C THR A 239 -5.22 21.32 27.87
N LYS A 240 -5.79 20.52 28.79
CA LYS A 240 -7.13 20.03 28.54
C LYS A 240 -8.13 21.18 28.45
N GLN A 241 -7.92 22.22 29.27
CA GLN A 241 -8.79 23.38 29.24
C GLN A 241 -8.70 24.07 27.88
N ILE A 242 -7.48 24.25 27.37
CA ILE A 242 -7.29 24.82 26.04
C ILE A 242 -7.93 23.93 24.98
N VAL A 243 -7.72 22.62 25.10
CA VAL A 243 -8.23 21.67 24.12
C VAL A 243 -9.74 21.77 24.03
N ASP A 244 -10.43 21.71 25.18
CA ASP A 244 -11.88 21.76 25.16
C ASP A 244 -12.38 23.02 24.47
N ALA A 245 -11.72 24.15 24.71
CA ALA A 245 -12.09 25.37 24.00
C ALA A 245 -11.85 25.23 22.50
N ALA A 246 -10.71 24.64 22.12
CA ALA A 246 -10.43 24.48 20.70
C ALA A 246 -11.40 23.51 20.04
N LEU A 247 -11.73 22.41 20.73
CA LEU A 247 -12.56 21.35 20.15
C LEU A 247 -14.01 21.75 19.99
N GLN A 248 -14.46 22.83 20.62
CA GLN A 248 -15.80 23.33 20.36
C GLN A 248 -15.95 23.88 18.95
N GLN A 249 -14.84 24.08 18.22
CA GLN A 249 -14.88 24.50 16.82
C GLN A 249 -14.10 23.55 15.93
N CYS A 250 -13.91 22.30 16.37
CA CYS A 250 -13.26 21.23 15.59
C CYS A 250 -14.26 20.11 15.35
N PRO A 251 -15.09 20.23 14.32
CA PRO A 251 -16.19 19.27 14.14
C PRO A 251 -15.74 17.84 13.81
N LEU A 252 -14.53 17.66 13.27
CA LEU A 252 -14.11 16.34 12.83
C LEU A 252 -13.52 15.46 13.93
N VAL A 253 -13.15 16.02 15.07
CA VAL A 253 -12.46 15.25 16.10
C VAL A 253 -13.45 14.36 16.85
N GLU A 254 -13.20 13.05 16.83
CA GLU A 254 -14.09 12.07 17.46
C GLU A 254 -13.50 11.41 18.69
N ASN A 255 -12.19 11.47 18.89
CA ASN A 255 -11.55 10.81 20.02
C ASN A 255 -10.43 11.66 20.57
N VAL A 256 -10.28 11.66 21.89
CA VAL A 256 -9.21 12.40 22.56
C VAL A 256 -8.63 11.48 23.63
N LEU A 257 -7.32 11.28 23.57
CA LEU A 257 -6.61 10.40 24.51
C LEU A 257 -5.83 11.29 25.47
N VAL A 258 -6.18 11.25 26.75
CA VAL A 258 -5.68 12.20 27.73
C VAL A 258 -4.70 11.49 28.67
N LEU A 259 -3.42 11.77 28.52
CA LEU A 259 -2.43 11.27 29.47
C LEU A 259 -2.64 11.94 30.82
N ARG A 260 -2.50 11.15 31.89
CA ARG A 260 -2.73 11.62 33.26
C ARG A 260 -1.40 12.13 33.83
N ARG A 261 -1.07 13.37 33.48
CA ARG A 261 0.23 13.92 33.85
C ARG A 261 0.23 14.45 35.28
N THR A 262 -0.74 15.29 35.65
CA THR A 262 -0.78 15.88 36.98
C THR A 262 -1.74 15.18 37.91
N GLY A 263 -2.87 14.70 37.41
CA GLY A 263 -3.92 14.15 38.25
C GLY A 263 -4.93 15.15 38.77
N ASN A 264 -4.68 16.45 38.60
CA ASN A 264 -5.64 17.45 39.01
C ASN A 264 -6.90 17.37 38.14
N LYS A 265 -8.03 17.74 38.73
CA LYS A 265 -9.31 17.56 38.08
C LYS A 265 -9.36 18.36 36.78
N VAL A 266 -9.74 17.70 35.70
CA VAL A 266 -9.96 18.37 34.42
C VAL A 266 -11.32 17.94 33.89
N PRO A 267 -12.01 18.76 33.08
CA PRO A 267 -13.27 18.32 32.48
C PRO A 267 -13.03 17.31 31.37
N MET A 268 -13.72 16.17 31.45
CA MET A 268 -13.62 15.07 30.50
C MET A 268 -14.99 14.82 29.87
N THR A 269 -15.16 15.19 28.60
CA THR A 269 -16.41 14.91 27.91
C THR A 269 -16.61 13.41 27.74
N GLU A 270 -17.81 12.93 28.07
CA GLU A 270 -18.08 11.50 28.05
C GLU A 270 -18.05 10.95 26.63
N GLY A 271 -17.41 9.80 26.47
CA GLY A 271 -17.35 9.15 25.16
C GLY A 271 -16.25 9.68 24.26
N ARG A 272 -16.21 11.00 24.09
CA ARG A 272 -15.17 11.60 23.25
C ARG A 272 -13.79 11.46 23.90
N ASP A 273 -13.71 11.53 25.22
CA ASP A 273 -12.44 11.59 25.93
C ASP A 273 -12.20 10.33 26.76
N LYS A 274 -10.97 9.81 26.70
CA LYS A 274 -10.59 8.63 27.45
C LYS A 274 -9.21 8.84 28.03
N TRP A 275 -8.94 8.17 29.16
CA TRP A 275 -7.65 8.28 29.81
C TRP A 275 -6.64 7.33 29.16
N TRP A 276 -5.50 7.89 28.75
CA TRP A 276 -4.36 7.12 28.26
C TRP A 276 -4.13 5.85 29.07
N ASP A 277 -4.05 5.96 30.39
CA ASP A 277 -3.65 4.79 31.19
C ASP A 277 -4.75 3.74 31.23
N GLU A 278 -6.02 4.17 31.17
CA GLU A 278 -7.12 3.21 31.13
C GLU A 278 -7.20 2.53 29.77
N GLU A 279 -7.07 3.29 28.68
CA GLU A 279 -7.14 2.69 27.36
C GLU A 279 -5.97 1.71 27.15
N CYS A 280 -4.75 2.13 27.53
CA CYS A 280 -3.58 1.32 27.23
C CYS A 280 -3.53 0.05 28.07
N ALA A 281 -4.12 0.09 29.27
CA ALA A 281 -4.12 -1.09 30.12
C ALA A 281 -4.93 -2.23 29.51
N LYS A 282 -5.83 -1.92 28.57
CA LYS A 282 -6.63 -2.95 27.92
C LYS A 282 -5.92 -3.64 26.76
N MET A 283 -4.84 -3.07 26.22
CA MET A 283 -4.23 -3.53 24.96
C MET A 283 -2.97 -4.35 25.21
N PRO A 284 -2.55 -5.14 24.22
CA PRO A 284 -1.29 -5.88 24.35
C PRO A 284 -0.09 -4.93 24.29
N ALA A 285 1.03 -5.44 24.79
CA ALA A 285 2.25 -4.67 24.84
C ALA A 285 3.06 -4.80 23.57
N TYR A 286 2.54 -5.50 22.57
CA TYR A 286 3.14 -5.52 21.25
C TYR A 286 2.06 -5.28 20.20
N CYS A 287 2.51 -4.75 19.07
CA CYS A 287 1.72 -4.33 17.94
C CYS A 287 2.57 -4.51 16.69
N PRO A 288 2.03 -5.07 15.61
CA PRO A 288 2.83 -5.17 14.40
C PRO A 288 3.11 -3.81 13.77
N CYS A 289 4.23 -3.75 13.05
CA CYS A 289 4.58 -2.56 12.29
C CYS A 289 3.94 -2.57 10.91
N GLU A 290 3.43 -1.41 10.52
CA GLU A 290 2.92 -1.22 9.19
C GLU A 290 4.08 -1.05 8.20
N ARG A 291 4.09 -1.86 7.13
CA ARG A 291 5.11 -1.71 6.09
C ARG A 291 4.79 -0.48 5.25
N MET A 292 5.61 0.56 5.37
CA MET A 292 5.38 1.86 4.74
C MET A 292 6.25 2.03 3.51
N ALA A 293 5.68 2.58 2.45
CA ALA A 293 6.51 3.00 1.33
C ALA A 293 7.44 4.13 1.80
N SER A 294 8.64 4.18 1.21
CA SER A 294 9.59 5.22 1.59
C SER A 294 8.95 6.61 1.55
N GLU A 295 8.11 6.87 0.55
CA GLU A 295 7.52 8.18 0.34
C GLU A 295 6.16 8.35 0.99
N ASP A 296 5.68 7.37 1.74
CA ASP A 296 4.48 7.61 2.53
C ASP A 296 4.78 8.72 3.52
N PRO A 297 3.85 9.65 3.73
CA PRO A 297 4.14 10.75 4.67
C PRO A 297 4.25 10.25 6.09
N LEU A 298 5.27 10.75 6.81
CA LEU A 298 5.52 10.42 8.20
C LEU A 298 4.87 11.43 9.14
N PHE A 299 4.94 12.73 8.85
CA PHE A 299 4.26 13.67 9.71
C PHE A 299 4.02 15.00 9.01
N ILE A 300 3.15 15.78 9.62
CA ILE A 300 2.90 17.16 9.27
C ILE A 300 3.32 17.99 10.46
N LEU A 301 4.17 18.98 10.24
CA LEU A 301 4.54 19.90 11.30
C LEU A 301 4.16 21.31 10.86
N TYR A 302 3.12 21.86 11.49
CA TYR A 302 2.68 23.20 11.15
C TYR A 302 3.62 24.26 11.72
N THR A 303 3.74 25.34 10.98
CA THR A 303 4.54 26.49 11.36
C THR A 303 3.61 27.70 11.27
N SER A 304 3.74 28.61 12.25
CA SER A 304 2.99 29.85 12.24
C SER A 304 3.66 30.84 11.30
N GLY A 305 3.87 30.43 10.06
CA GLY A 305 4.81 31.07 9.17
C GLY A 305 4.18 31.91 8.08
N SER A 306 5.08 32.51 7.28
CA SER A 306 4.76 33.42 6.19
C SER A 306 3.65 34.41 6.54
N THR A 307 2.39 33.98 6.51
CA THR A 307 1.30 34.86 6.90
C THR A 307 -0.03 34.17 6.64
N GLY A 308 -1.08 34.67 7.25
CA GLY A 308 -2.42 34.18 7.02
C GLY A 308 -2.69 32.84 7.69
N LYS A 309 -2.44 31.76 6.96
CA LYS A 309 -2.78 30.42 7.39
C LYS A 309 -1.55 29.72 7.96
N PRO A 310 -1.75 28.58 8.63
CA PRO A 310 -0.60 27.79 9.09
C PRO A 310 -0.12 26.89 7.97
N LYS A 311 1.19 26.75 7.89
CA LYS A 311 1.85 26.00 6.83
C LYS A 311 2.26 24.63 7.39
N GLY A 312 1.54 23.59 6.96
CA GLY A 312 1.81 22.23 7.42
C GLY A 312 2.86 21.53 6.60
N VAL A 313 4.11 21.56 7.08
CA VAL A 313 5.23 20.99 6.33
C VAL A 313 5.17 19.48 6.47
N VAL A 314 5.25 18.78 5.32
CA VAL A 314 5.06 17.33 5.23
C VAL A 314 6.38 16.67 4.90
N HIS A 315 6.78 15.70 5.71
CA HIS A 315 7.97 14.92 5.46
C HIS A 315 7.58 13.48 5.21
N SER A 316 8.29 12.83 4.30
CA SER A 316 8.06 11.42 4.02
C SER A 316 8.92 10.62 5.00
N THR A 317 9.03 9.31 4.80
CA THR A 317 9.54 8.42 5.84
C THR A 317 11.04 8.17 5.68
N ALA A 318 11.44 7.50 4.59
CA ALA A 318 12.80 6.96 4.54
C ALA A 318 13.85 8.08 4.46
N GLY A 319 13.66 9.04 3.56
CA GLY A 319 14.65 10.12 3.41
C GLY A 319 14.78 10.98 4.65
N TYR A 320 13.64 11.37 5.25
CA TYR A 320 13.70 12.12 6.51
C TYR A 320 14.43 11.31 7.57
N LEU A 321 14.06 10.04 7.74
CA LEU A 321 14.68 9.23 8.77
C LEU A 321 16.17 9.05 8.52
N LEU A 322 16.56 8.82 7.27
CA LEU A 322 17.98 8.69 6.96
C LEU A 322 18.72 10.01 7.16
N GLY A 323 18.08 11.13 6.81
CA GLY A 323 18.71 12.42 7.02
C GLY A 323 18.99 12.72 8.47
N THR A 324 18.00 12.51 9.34
CA THR A 324 18.23 12.77 10.76
C THR A 324 19.24 11.78 11.34
N ALA A 325 19.20 10.53 10.91
CA ALA A 325 20.17 9.58 11.48
C ALA A 325 21.59 9.99 11.10
N LEU A 326 21.81 10.32 9.83
CA LEU A 326 23.17 10.63 9.38
C LEU A 326 23.68 11.94 9.98
N THR A 327 22.82 12.95 10.07
CA THR A 327 23.27 14.23 10.62
C THR A 327 23.64 14.10 12.09
N LEU A 328 22.80 13.41 12.88
CA LEU A 328 23.15 13.21 14.29
C LEU A 328 24.46 12.44 14.41
N LYS A 329 24.65 11.44 13.56
CA LYS A 329 25.84 10.60 13.68
C LYS A 329 27.11 11.38 13.34
N TYR A 330 27.07 12.27 12.33
CA TYR A 330 28.27 12.98 11.90
C TYR A 330 28.41 14.38 12.46
N VAL A 331 27.33 15.14 12.58
CA VAL A 331 27.44 16.51 13.08
C VAL A 331 27.67 16.53 14.59
N PHE A 332 27.17 15.54 15.32
CA PHE A 332 27.39 15.46 16.76
C PHE A 332 28.33 14.30 17.15
N ASP A 333 28.94 13.65 16.15
CA ASP A 333 29.82 12.51 16.33
C ASP A 333 29.27 11.52 17.37
N ALA A 334 28.07 11.01 17.07
CA ALA A 334 27.40 10.13 18.01
C ALA A 334 27.99 8.73 17.95
N HIS A 335 28.27 8.17 19.11
CA HIS A 335 28.78 6.80 19.28
C HIS A 335 27.84 6.03 20.19
N PRO A 336 27.90 4.69 20.16
CA PRO A 336 26.79 3.90 20.72
C PRO A 336 26.38 4.22 22.15
N ASP A 337 27.32 4.51 23.05
CA ASP A 337 26.98 4.70 24.46
C ASP A 337 26.74 6.16 24.82
N ASP A 338 26.74 7.07 23.85
CA ASP A 338 26.57 8.48 24.13
C ASP A 338 25.21 8.76 24.76
N ARG A 339 25.11 9.93 25.38
CA ARG A 339 23.88 10.37 26.03
C ARG A 339 23.62 11.78 25.50
N PHE A 340 22.72 11.86 24.53
CA PHE A 340 22.50 13.08 23.76
C PHE A 340 21.44 13.92 24.45
N ALA A 341 21.76 15.18 24.70
CA ALA A 341 20.90 16.07 25.49
C ALA A 341 20.49 17.27 24.64
N CYS A 342 19.47 17.07 23.80
CA CYS A 342 18.84 18.16 23.06
C CYS A 342 17.74 18.75 23.94
N MET A 343 17.87 20.03 24.26
CA MET A 343 16.99 20.68 25.21
C MET A 343 15.84 21.39 24.53
N ALA A 344 15.50 20.98 23.31
CA ALA A 344 14.45 21.63 22.55
C ALA A 344 13.10 21.00 22.90
N ASP A 345 12.05 21.39 22.22
CA ASP A 345 10.70 20.90 22.48
C ASP A 345 10.22 20.10 21.28
N ILE A 346 9.56 18.96 21.56
CA ILE A 346 9.11 18.08 20.49
C ILE A 346 8.06 18.72 19.61
N GLY A 347 7.49 19.85 20.02
CA GLY A 347 6.59 20.59 19.16
C GLY A 347 7.25 21.33 18.03
N TRP A 348 8.58 21.30 17.95
CA TRP A 348 9.34 21.97 16.89
C TRP A 348 10.20 20.96 16.16
N ILE A 349 10.70 21.36 14.99
CA ILE A 349 11.44 20.43 14.15
C ILE A 349 12.70 19.94 14.83
N THR A 350 13.32 20.78 15.68
CA THR A 350 14.52 20.35 16.39
C THR A 350 14.21 19.19 17.34
N GLY A 351 13.04 19.23 17.97
CA GLY A 351 12.60 18.10 18.77
C GLY A 351 12.33 16.86 17.93
N HIS A 352 11.62 17.02 16.81
CA HIS A 352 11.34 15.88 15.93
C HIS A 352 12.63 15.17 15.52
N SER A 353 13.58 15.92 15.02
CA SER A 353 14.73 15.36 14.33
C SER A 353 15.85 14.97 15.29
N TYR A 354 16.00 15.71 16.41
CA TYR A 354 17.17 15.55 17.27
C TYR A 354 16.84 15.31 18.73
N ILE A 355 15.58 15.11 19.09
CA ILE A 355 15.23 14.41 20.32
C ILE A 355 14.75 13.00 20.03
N ILE A 356 13.78 12.84 19.11
CA ILE A 356 13.14 11.56 18.87
C ILE A 356 13.81 10.81 17.72
N TYR A 357 13.57 11.24 16.48
CA TYR A 357 13.86 10.39 15.33
C TYR A 357 15.35 10.12 15.17
N GLY A 358 16.17 11.16 15.22
CA GLY A 358 17.58 11.02 15.01
C GLY A 358 18.28 10.11 16.01
N PRO A 359 18.25 10.49 17.29
CA PRO A 359 18.93 9.66 18.31
C PRO A 359 18.37 8.25 18.43
N LEU A 360 17.04 8.09 18.50
CA LEU A 360 16.47 6.76 18.68
C LEU A 360 16.75 5.86 17.48
N ALA A 361 16.72 6.41 16.27
CA ALA A 361 17.12 5.63 15.10
C ALA A 361 18.56 5.14 15.26
N ASN A 362 19.45 5.99 15.74
CA ASN A 362 20.83 5.57 15.99
C ASN A 362 20.95 4.64 17.19
N GLY A 363 19.87 4.40 17.94
CA GLY A 363 19.92 3.46 19.03
C GLY A 363 20.69 3.93 20.25
N ILE A 364 20.70 5.24 20.51
CA ILE A 364 21.43 5.77 21.67
C ILE A 364 20.46 6.29 22.72
N THR A 365 20.98 7.03 23.69
CA THR A 365 20.18 7.59 24.77
C THR A 365 19.87 9.03 24.43
N THR A 366 18.60 9.41 24.55
CA THR A 366 18.18 10.75 24.22
C THR A 366 17.48 11.36 25.43
N ALA A 367 17.59 12.68 25.55
CA ALA A 367 17.04 13.39 26.70
C ALA A 367 15.73 14.06 26.33
N VAL A 368 14.76 13.98 27.24
CA VAL A 368 13.49 14.71 27.12
C VAL A 368 13.42 15.64 28.33
N PHE A 369 13.67 16.94 28.10
CA PHE A 369 13.83 17.95 29.15
C PHE A 369 12.53 18.70 29.34
N GLU A 370 11.89 18.49 30.48
CA GLU A 370 10.57 19.04 30.74
C GLU A 370 10.61 20.42 31.39
N SER A 371 11.78 20.95 31.71
CA SER A 371 11.89 22.20 32.45
C SER A 371 12.40 23.35 31.57
N THR A 372 12.67 24.49 32.18
CA THR A 372 13.32 25.62 31.55
C THR A 372 14.77 25.63 31.98
N PRO A 373 15.61 26.44 31.33
CA PRO A 373 17.03 26.52 31.76
C PRO A 373 17.23 27.28 33.06
N VAL A 374 16.19 27.91 33.61
CA VAL A 374 16.29 28.72 34.81
C VAL A 374 15.45 28.18 35.96
N TYR A 375 14.91 26.97 35.83
CA TYR A 375 14.10 26.42 36.91
C TYR A 375 14.69 25.11 37.41
N PRO A 376 14.87 24.94 38.74
CA PRO A 376 14.63 25.92 39.82
C PRO A 376 15.57 27.12 39.75
N THR A 377 16.77 26.96 39.18
CA THR A 377 17.76 28.02 39.10
C THR A 377 18.46 27.97 37.74
N PRO A 378 19.24 28.99 37.37
CA PRO A 378 19.94 28.99 36.08
C PRO A 378 21.02 27.93 35.95
N SER A 379 21.17 27.07 36.94
CA SER A 379 22.16 25.99 36.87
C SER A 379 21.55 24.69 36.38
N ARG A 380 20.27 24.70 35.99
CA ARG A 380 19.58 23.46 35.65
C ARG A 380 20.30 22.69 34.54
N TYR A 381 20.65 23.38 33.44
CA TYR A 381 21.33 22.67 32.36
C TYR A 381 22.53 21.91 32.89
N TRP A 382 23.34 22.57 33.72
CA TRP A 382 24.62 22.02 34.13
C TRP A 382 24.46 20.94 35.19
N ASP A 383 23.50 21.12 36.10
CA ASP A 383 23.13 20.05 37.00
C ASP A 383 22.72 18.82 36.21
N PHE A 384 21.90 19.03 35.17
CA PHE A 384 21.49 17.95 34.30
C PHE A 384 22.68 17.26 33.66
N VAL A 385 23.63 18.03 33.13
CA VAL A 385 24.75 17.41 32.42
C VAL A 385 25.55 16.51 33.37
N ASP A 386 25.85 17.03 34.57
CA ASP A 386 26.65 16.24 35.51
C ASP A 386 25.84 15.10 36.13
N LYS A 387 24.57 15.35 36.45
CA LYS A 387 23.70 14.33 37.00
C LYS A 387 23.65 13.11 36.08
N TRP A 388 23.54 13.32 34.78
CA TRP A 388 23.41 12.23 33.82
C TRP A 388 24.65 12.01 32.98
N LYS A 389 25.71 12.79 33.19
CA LYS A 389 26.94 12.66 32.40
C LYS A 389 26.64 12.72 30.91
N ALA A 390 25.93 13.77 30.50
CA ALA A 390 25.59 13.99 29.10
C ALA A 390 26.85 14.20 28.26
N THR A 391 26.84 13.64 27.05
CA THR A 391 28.01 13.67 26.18
C THR A 391 27.93 14.68 25.05
N GLN A 392 26.73 15.17 24.73
CA GLN A 392 26.52 16.24 23.75
C GLN A 392 25.34 17.07 24.23
N LEU A 393 25.43 18.38 24.04
CA LEU A 393 24.38 19.32 24.40
C LEU A 393 24.01 20.13 23.17
N TYR A 394 22.70 20.34 22.98
CA TYR A 394 22.17 20.98 21.78
C TYR A 394 21.06 21.92 22.22
N THR A 395 21.32 23.22 22.18
CA THR A 395 20.35 24.22 22.62
C THR A 395 20.37 25.38 21.63
N ALA A 396 19.78 26.51 22.02
CA ALA A 396 19.60 27.67 21.15
C ALA A 396 20.38 28.88 21.64
N PRO A 397 20.61 29.86 20.76
CA PRO A 397 21.22 31.12 21.23
C PRO A 397 20.38 31.85 22.26
N THR A 398 19.06 31.84 22.12
CA THR A 398 18.23 32.56 23.08
C THR A 398 18.46 32.08 24.52
N ALA A 399 18.70 30.77 24.70
CA ALA A 399 19.01 30.27 26.04
C ALA A 399 20.46 30.53 26.41
N ILE A 400 21.39 30.45 25.45
CA ILE A 400 22.77 30.79 25.78
C ILE A 400 22.84 32.24 26.26
N ARG A 401 22.15 33.16 25.58
CA ARG A 401 22.13 34.54 26.02
C ARG A 401 21.44 34.70 27.37
N LEU A 402 20.38 33.91 27.58
CA LEU A 402 19.63 33.98 28.84
C LEU A 402 20.53 33.58 30.01
N LEU A 403 21.19 32.41 29.91
CA LEU A 403 22.07 31.96 30.97
C LEU A 403 23.19 32.99 31.19
N ARG A 404 23.82 33.43 30.09
CA ARG A 404 24.89 34.42 30.15
C ARG A 404 24.45 35.71 30.85
N ARG A 405 23.16 35.99 30.87
CA ARG A 405 22.64 37.17 31.53
C ARG A 405 22.54 36.98 33.03
N MET A 406 22.34 35.74 33.49
CA MET A 406 22.10 35.47 34.90
C MET A 406 23.37 35.33 35.70
N GLY A 407 24.49 34.97 35.07
CA GLY A 407 25.74 34.94 35.77
C GLY A 407 26.54 33.68 35.54
N GLU A 408 27.85 33.79 35.70
CA GLU A 408 28.76 32.67 35.57
C GLU A 408 28.95 31.94 36.88
N ASP A 409 28.24 32.34 37.95
CA ASP A 409 28.29 31.59 39.19
C ASP A 409 27.57 30.26 39.10
N HIS A 410 26.51 30.19 38.29
CA HIS A 410 25.72 28.96 38.19
C HIS A 410 26.36 27.90 37.31
N VAL A 411 27.35 28.27 36.49
CA VAL A 411 27.99 27.32 35.60
C VAL A 411 29.43 27.03 36.00
N LYS A 412 30.07 27.91 36.76
CA LYS A 412 31.50 27.74 37.06
C LYS A 412 31.76 26.55 37.97
N ASN A 413 30.84 26.23 38.87
CA ASN A 413 31.07 25.21 39.90
C ASN A 413 30.58 23.83 39.46
N HIS A 414 30.72 23.50 38.19
CA HIS A 414 30.30 22.22 37.67
C HIS A 414 31.45 21.57 36.92
N ASP A 415 31.32 20.27 36.70
CA ASP A 415 32.35 19.49 36.01
C ASP A 415 32.21 19.63 34.49
N LEU A 416 31.11 19.14 33.92
CA LEU A 416 30.82 19.28 32.50
C LEU A 416 31.85 18.59 31.62
N SER A 417 32.73 17.79 32.19
CA SER A 417 33.78 17.12 31.42
C SER A 417 33.22 16.00 30.56
N SER A 418 32.02 15.49 30.88
CA SER A 418 31.44 14.45 30.04
C SER A 418 31.10 14.97 28.64
N LEU A 419 30.83 16.28 28.53
CA LEU A 419 30.51 16.88 27.25
C LEU A 419 31.74 16.90 26.34
N ARG A 420 31.49 16.77 25.03
CA ARG A 420 32.53 16.97 24.03
C ARG A 420 32.02 17.66 22.76
N VAL A 421 30.71 17.83 22.59
CA VAL A 421 30.19 18.61 21.46
C VAL A 421 28.99 19.43 21.94
N LEU A 422 29.02 20.73 21.65
CA LEU A 422 27.93 21.63 21.99
C LEU A 422 27.37 22.22 20.70
N GLY A 423 26.04 22.29 20.62
CA GLY A 423 25.36 22.67 19.40
C GLY A 423 24.45 23.87 19.63
N SER A 424 24.26 24.63 18.57
CA SER A 424 23.39 25.79 18.59
C SER A 424 22.54 25.80 17.33
N VAL A 425 21.23 25.98 17.49
CA VAL A 425 20.29 25.97 16.39
C VAL A 425 19.23 27.03 16.67
N GLY A 426 18.66 27.57 15.60
CA GLY A 426 17.50 28.43 15.73
C GLY A 426 17.64 29.77 15.04
N GLU A 427 18.85 30.30 15.04
CA GLU A 427 19.13 31.63 14.49
C GLU A 427 20.64 31.84 14.52
N PRO A 428 21.16 32.90 13.93
CA PRO A 428 22.60 33.17 14.07
C PRO A 428 22.94 33.39 15.53
N ILE A 429 24.07 32.86 15.96
CA ILE A 429 24.57 33.03 17.31
C ILE A 429 25.60 34.13 17.31
N ASN A 430 25.37 35.16 18.11
CA ASN A 430 26.34 36.24 18.26
C ASN A 430 27.68 35.65 18.72
N PRO A 431 28.81 36.09 18.14
CA PRO A 431 30.10 35.58 18.62
C PRO A 431 30.34 35.77 20.11
N GLU A 432 29.71 36.77 20.75
CA GLU A 432 29.84 36.93 22.19
C GLU A 432 29.18 35.76 22.94
N ALA A 433 27.94 35.41 22.55
CA ALA A 433 27.32 34.24 23.13
C ALA A 433 28.09 32.98 22.77
N TRP A 434 28.66 32.96 21.56
CA TRP A 434 29.44 31.80 21.15
C TRP A 434 30.60 31.56 22.10
N HIS A 435 31.26 32.64 22.53
CA HIS A 435 32.42 32.50 23.40
C HIS A 435 32.01 32.11 24.81
N TRP A 436 30.91 32.68 25.32
CA TRP A 436 30.39 32.25 26.61
C TRP A 436 30.07 30.75 26.60
N TYR A 437 29.44 30.29 25.52
CA TYR A 437 29.21 28.85 25.33
C TYR A 437 30.51 28.08 25.33
N ASN A 438 31.48 28.52 24.52
CA ASN A 438 32.73 27.78 24.40
C ASN A 438 33.52 27.81 25.70
N ASP A 439 33.47 28.93 26.42
CA ASP A 439 34.32 29.13 27.60
C ASP A 439 33.74 28.44 28.83
N PHE A 440 32.45 28.66 29.12
CA PHE A 440 31.87 28.21 30.39
C PHE A 440 31.13 26.89 30.28
N ALA A 441 30.46 26.60 29.16
CA ALA A 441 29.82 25.30 29.01
C ALA A 441 30.80 24.22 28.56
N GLY A 442 31.74 24.56 27.68
CA GLY A 442 32.71 23.62 27.19
C GLY A 442 34.08 23.73 27.82
N LYS A 443 34.27 24.71 28.72
CA LYS A 443 35.56 24.95 29.36
C LYS A 443 36.71 24.94 28.36
N ASN A 444 36.42 25.41 27.15
CA ASN A 444 37.40 25.47 26.06
C ASN A 444 37.90 24.08 25.68
N GLN A 445 37.06 23.06 25.89
CA GLN A 445 37.44 21.68 25.61
C GLN A 445 36.39 20.92 24.79
N CYS A 446 35.34 21.58 24.33
CA CYS A 446 34.33 20.98 23.47
C CYS A 446 34.37 21.62 22.10
N ALA A 447 33.96 20.86 21.08
CA ALA A 447 33.70 21.43 19.76
C ALA A 447 32.30 22.07 19.73
N ILE A 448 32.21 23.26 19.14
CA ILE A 448 30.95 23.99 19.01
C ILE A 448 30.42 23.81 17.60
N VAL A 449 29.21 23.26 17.45
CA VAL A 449 28.61 23.03 16.14
C VAL A 449 27.43 23.98 15.98
N ASP A 450 27.57 24.94 15.07
CA ASP A 450 26.51 25.87 14.68
C ASP A 450 25.74 25.25 13.53
N THR A 451 24.51 24.81 13.79
CA THR A 451 23.75 24.03 12.83
C THR A 451 22.71 24.95 12.20
N TYR A 452 22.84 25.15 10.89
CA TYR A 452 21.85 25.89 10.13
C TYR A 452 20.95 24.91 9.40
N TRP A 453 19.65 25.10 9.50
CA TRP A 453 18.69 24.30 8.74
C TRP A 453 17.31 24.88 9.01
N MET A 454 16.29 24.27 8.38
CA MET A 454 14.91 24.73 8.54
C MET A 454 13.99 23.55 8.76
N THR A 455 12.78 23.84 9.26
CA THR A 455 11.75 22.82 9.29
C THR A 455 11.66 22.13 7.94
N GLU A 456 11.74 22.90 6.85
CA GLU A 456 11.55 22.40 5.50
C GLU A 456 12.73 21.58 4.98
N THR A 457 13.90 21.64 5.64
CA THR A 457 15.01 20.80 5.22
C THR A 457 15.03 19.41 5.86
N GLY A 458 14.29 19.22 6.95
CA GLY A 458 14.25 17.94 7.63
C GLY A 458 15.41 17.71 8.58
N SER A 459 16.63 18.06 8.16
CA SER A 459 17.80 17.77 8.96
C SER A 459 18.85 18.86 8.73
N ILE A 460 19.96 18.75 9.46
CA ILE A 460 20.98 19.79 9.45
C ILE A 460 21.53 19.96 8.04
N SER A 461 21.55 21.20 7.58
CA SER A 461 21.97 21.57 6.22
C SER A 461 23.43 22.00 6.16
N ILE A 462 23.84 22.87 7.08
CA ILE A 462 25.17 23.47 7.08
C ILE A 462 25.65 23.49 8.52
N ALA A 463 26.77 22.84 8.80
CA ALA A 463 27.32 22.78 10.15
C ALA A 463 28.72 22.21 10.06
N PRO A 464 29.54 22.45 11.09
CA PRO A 464 30.86 21.83 11.12
C PRO A 464 30.81 20.43 11.70
N LEU A 465 31.60 19.54 11.10
CA LEU A 465 31.84 18.23 11.68
C LEU A 465 32.84 18.37 12.82
N PRO A 466 32.47 18.03 14.05
CA PRO A 466 33.25 18.49 15.22
C PRO A 466 34.67 17.94 15.29
N GLY A 467 34.93 16.75 14.77
CA GLY A 467 36.24 16.16 14.75
C GLY A 467 37.09 16.54 13.56
N ALA A 468 36.61 17.40 12.65
CA ALA A 468 37.33 17.69 11.42
C ALA A 468 37.46 19.17 11.07
N ILE A 469 36.51 19.99 11.51
CA ILE A 469 36.37 21.37 11.05
C ILE A 469 36.79 22.32 12.16
N SER A 470 37.64 23.27 11.81
CA SER A 470 38.03 24.34 12.73
C SER A 470 37.02 25.47 12.61
N THR A 471 36.41 25.80 13.74
CA THR A 471 35.22 26.64 13.72
C THR A 471 35.58 28.12 13.81
N LYS A 472 34.61 28.95 13.44
CA LYS A 472 34.66 30.39 13.59
C LYS A 472 33.41 30.85 14.33
N PRO A 473 33.54 31.75 15.31
CA PRO A 473 32.33 32.21 16.03
C PRO A 473 31.31 32.81 15.07
N GLY A 474 30.12 32.22 15.06
CA GLY A 474 29.01 32.71 14.26
C GLY A 474 28.89 32.16 12.87
N SER A 475 29.71 31.18 12.49
CA SER A 475 29.67 30.61 11.15
C SER A 475 29.30 29.14 11.22
N ALA A 476 28.32 28.74 10.41
CA ALA A 476 27.97 27.33 10.26
C ALA A 476 29.01 26.56 9.45
N THR A 477 29.77 27.25 8.59
CA THR A 477 30.87 26.71 7.80
C THR A 477 30.38 25.99 6.55
N PHE A 478 30.38 24.65 6.56
CA PHE A 478 30.28 23.91 5.31
C PHE A 478 29.04 23.03 5.25
N PRO A 479 28.51 22.79 4.06
CA PRO A 479 27.25 22.04 3.96
C PRO A 479 27.45 20.58 4.32
N PHE A 480 26.35 19.97 4.77
CA PHE A 480 26.40 18.57 5.17
C PHE A 480 26.33 17.67 3.93
N PHE A 481 26.62 16.39 4.14
CA PHE A 481 26.49 15.39 3.09
C PHE A 481 25.16 15.53 2.36
N GLY A 482 25.23 15.57 1.02
CA GLY A 482 24.04 15.72 0.21
C GLY A 482 23.59 17.15 -0.05
N MET A 483 24.13 18.14 0.65
CA MET A 483 23.76 19.53 0.47
C MET A 483 24.80 20.20 -0.42
N ASP A 484 24.35 20.66 -1.58
CA ASP A 484 25.16 21.40 -2.54
C ASP A 484 24.51 22.78 -2.66
N VAL A 485 25.01 23.74 -1.88
CA VAL A 485 24.38 25.04 -1.79
C VAL A 485 25.20 26.06 -2.57
N ASP A 486 24.57 27.19 -2.90
CA ASP A 486 25.22 28.28 -3.60
C ASP A 486 24.71 29.61 -3.08
N ILE A 487 25.35 30.69 -3.52
CA ILE A 487 24.94 32.06 -3.22
C ILE A 487 24.51 32.68 -4.55
N ILE A 488 23.38 33.37 -4.53
CA ILE A 488 22.80 34.00 -5.72
C ILE A 488 22.64 35.49 -5.45
N ASP A 489 23.06 36.30 -6.41
CA ASP A 489 22.83 37.74 -6.40
C ASP A 489 21.35 37.98 -6.68
N PRO A 490 20.54 38.44 -5.72
CA PRO A 490 19.10 38.53 -5.96
C PRO A 490 18.71 39.43 -7.10
N GLN A 491 19.61 40.30 -7.57
CA GLN A 491 19.32 41.22 -8.67
C GLN A 491 19.70 40.69 -10.04
N THR A 492 20.59 39.71 -10.11
CA THR A 492 20.96 39.13 -11.39
C THR A 492 20.50 37.69 -11.55
N GLY A 493 20.05 37.05 -10.47
CA GLY A 493 19.58 35.69 -10.54
C GLY A 493 20.65 34.67 -10.85
N GLN A 494 21.91 35.06 -10.80
CA GLN A 494 23.00 34.21 -11.23
C GLN A 494 23.82 33.74 -10.03
N VAL A 495 24.47 32.60 -10.19
CA VAL A 495 25.31 32.05 -9.15
C VAL A 495 26.61 32.84 -9.10
N LEU A 496 26.99 33.26 -7.91
CA LEU A 496 28.24 33.99 -7.73
C LEU A 496 29.36 32.97 -7.55
N GLU A 497 30.20 32.84 -8.56
CA GLU A 497 31.32 31.91 -8.46
C GLU A 497 32.37 32.45 -7.49
N GLY A 498 33.03 31.53 -6.81
CA GLY A 498 34.16 31.86 -5.97
C GLY A 498 33.78 32.09 -4.53
N ASN A 499 34.76 32.60 -3.79
CA ASN A 499 34.63 32.89 -2.37
C ASN A 499 34.58 34.40 -2.16
N ASP A 500 34.26 34.80 -0.93
CA ASP A 500 34.10 36.21 -0.62
C ASP A 500 32.96 36.81 -1.44
N VAL A 501 31.82 36.10 -1.44
CA VAL A 501 30.61 36.51 -2.15
C VAL A 501 29.45 36.58 -1.16
N GLU A 502 28.44 37.36 -1.51
CA GLU A 502 27.33 37.68 -0.62
C GLU A 502 26.03 37.70 -1.40
N GLY A 503 24.98 37.15 -0.81
CA GLY A 503 23.69 37.14 -1.47
C GLY A 503 22.62 36.40 -0.69
N VAL A 504 21.89 35.52 -1.37
CA VAL A 504 20.87 34.68 -0.74
C VAL A 504 21.29 33.22 -0.89
N LEU A 505 20.87 32.39 0.06
CA LEU A 505 21.25 30.99 0.05
C LEU A 505 20.28 30.16 -0.79
N VAL A 506 20.84 29.20 -1.55
CA VAL A 506 20.04 28.28 -2.36
C VAL A 506 20.74 26.92 -2.39
N ALA A 507 19.94 25.88 -2.60
CA ALA A 507 20.43 24.52 -2.81
C ALA A 507 20.23 24.12 -4.26
N ARG A 508 21.20 23.40 -4.82
CA ARG A 508 21.18 23.10 -6.24
C ARG A 508 20.37 21.85 -6.58
N ARG A 509 20.33 20.88 -5.70
CA ARG A 509 19.69 19.60 -6.00
C ARG A 509 18.97 19.12 -4.75
N PRO A 510 17.91 18.34 -4.92
CA PRO A 510 17.22 17.81 -3.74
C PRO A 510 18.19 16.99 -2.90
N TRP A 511 17.86 16.92 -1.62
CA TRP A 511 18.52 16.05 -0.67
C TRP A 511 17.46 15.13 -0.07
N PRO A 512 17.88 14.04 0.57
CA PRO A 512 16.93 13.01 1.00
C PRO A 512 15.86 13.50 2.00
N SER A 513 16.17 14.43 2.90
CA SER A 513 15.24 14.80 3.96
C SER A 513 14.40 16.03 3.64
N ILE A 514 14.34 16.47 2.37
CA ILE A 514 13.61 17.68 2.03
C ILE A 514 12.12 17.46 2.20
N ALA A 515 11.42 18.49 2.70
CA ALA A 515 9.98 18.43 2.80
C ALA A 515 9.40 18.17 1.41
N ARG A 516 8.35 17.34 1.36
CA ARG A 516 7.82 16.90 0.07
C ARG A 516 6.64 17.73 -0.41
N THR A 517 5.99 18.47 0.48
CA THR A 517 4.88 19.34 0.09
C THR A 517 4.46 20.15 1.30
N VAL A 518 3.47 21.02 1.12
CA VAL A 518 2.69 21.60 2.20
C VAL A 518 1.30 20.98 2.15
N TYR A 519 0.84 20.46 3.29
CA TYR A 519 -0.32 19.59 3.32
C TYR A 519 -1.50 20.23 2.62
N ARG A 520 -1.95 19.59 1.54
CA ARG A 520 -3.09 20.04 0.75
C ARG A 520 -2.89 21.45 0.20
N ASP A 521 -1.64 21.87 0.02
CA ASP A 521 -1.35 23.19 -0.53
C ASP A 521 -0.03 23.15 -1.31
N HIS A 522 0.04 22.23 -2.29
CA HIS A 522 1.27 22.07 -3.05
C HIS A 522 1.65 23.35 -3.76
N LYS A 523 0.65 24.17 -4.12
CA LYS A 523 0.94 25.45 -4.75
C LYS A 523 1.75 26.35 -3.82
N ARG A 524 1.36 26.43 -2.55
CA ARG A 524 2.13 27.23 -1.60
C ARG A 524 3.55 26.71 -1.48
N TYR A 525 3.71 25.37 -1.56
CA TYR A 525 5.04 24.76 -1.50
C TYR A 525 5.88 25.17 -2.70
N LEU A 526 5.32 25.05 -3.92
CA LEU A 526 6.10 25.44 -5.08
C LEU A 526 6.36 26.95 -5.10
N GLU A 527 5.33 27.74 -4.82
CA GLU A 527 5.49 29.19 -4.90
C GLU A 527 6.52 29.71 -3.91
N THR A 528 6.64 29.10 -2.73
CA THR A 528 7.48 29.67 -1.69
C THR A 528 8.96 29.29 -1.86
N TYR A 529 9.26 28.08 -2.33
CA TYR A 529 10.64 27.60 -2.31
C TYR A 529 11.20 27.28 -3.69
N MET A 530 10.36 27.10 -4.70
CA MET A 530 10.83 26.56 -5.96
C MET A 530 10.72 27.51 -7.13
N LYS A 531 9.81 28.48 -7.05
CA LYS A 531 9.61 29.48 -8.11
C LYS A 531 10.57 30.67 -7.94
N PRO A 532 10.80 31.16 -6.72
CA PRO A 532 11.60 32.39 -6.58
C PRO A 532 12.93 32.32 -7.29
N TYR A 533 13.60 31.18 -7.30
CA TYR A 533 14.82 30.98 -8.09
C TYR A 533 14.68 29.64 -8.80
N PRO A 534 14.05 29.62 -9.98
CA PRO A 534 13.79 28.35 -10.66
C PRO A 534 15.05 27.53 -10.88
N GLY A 535 14.95 26.23 -10.64
CA GLY A 535 16.12 25.37 -10.64
C GLY A 535 16.71 25.13 -9.26
N TYR A 536 16.24 25.87 -8.25
CA TYR A 536 16.86 25.82 -6.94
C TYR A 536 15.80 25.74 -5.86
N PHE A 537 16.26 25.43 -4.65
CA PHE A 537 15.48 25.58 -3.42
C PHE A 537 15.89 26.89 -2.79
N PHE A 538 14.91 27.73 -2.40
CA PHE A 538 15.15 29.03 -1.81
C PHE A 538 14.91 28.97 -0.30
N PHE A 539 15.99 29.00 0.47
CA PHE A 539 15.88 28.94 1.93
C PHE A 539 15.14 30.16 2.49
N GLY A 540 15.40 31.35 1.95
CA GLY A 540 14.85 32.56 2.51
C GLY A 540 15.80 33.35 3.40
N ASP A 541 17.10 33.03 3.34
CA ASP A 541 18.12 33.60 4.21
C ASP A 541 19.19 34.28 3.38
N GLY A 542 19.66 35.44 3.85
CA GLY A 542 20.88 36.00 3.32
C GLY A 542 22.07 35.19 3.78
N ALA A 543 23.07 35.09 2.91
CA ALA A 543 24.23 34.29 3.21
C ALA A 543 25.45 34.81 2.47
N ALA A 544 26.63 34.48 2.99
CA ALA A 544 27.88 34.90 2.41
C ALA A 544 28.93 33.83 2.65
N ARG A 545 29.82 33.66 1.67
CA ARG A 545 30.92 32.70 1.74
C ARG A 545 32.23 33.48 1.76
N ASP A 546 32.95 33.40 2.87
CA ASP A 546 34.13 34.23 3.07
C ASP A 546 35.33 33.65 2.31
N TYR A 547 36.49 34.32 2.44
CA TYR A 547 37.67 33.97 1.65
C TYR A 547 38.14 32.54 1.90
N ASP A 548 37.87 31.99 3.09
CA ASP A 548 38.24 30.63 3.43
C ASP A 548 37.19 29.60 3.00
N GLY A 549 36.12 30.04 2.33
CA GLY A 549 35.05 29.15 1.97
C GLY A 549 33.99 28.97 3.05
N TYR A 550 34.20 29.53 4.24
CA TYR A 550 33.22 29.37 5.31
C TYR A 550 31.94 30.12 4.95
N MET A 551 30.81 29.49 5.24
CA MET A 551 29.50 30.07 4.96
C MET A 551 29.00 30.82 6.19
N TRP A 552 28.34 31.94 5.97
CA TRP A 552 27.81 32.77 7.04
C TRP A 552 26.34 33.04 6.77
N ILE A 553 25.47 32.59 7.66
CA ILE A 553 24.04 32.83 7.53
C ILE A 553 23.70 33.96 8.51
N LYS A 554 23.32 35.11 7.98
CA LYS A 554 23.21 36.31 8.81
C LYS A 554 21.78 36.76 9.06
N GLY A 555 20.79 36.06 8.54
CA GLY A 555 19.40 36.35 8.86
C GLY A 555 18.43 36.34 7.69
N ARG A 556 17.14 36.45 8.01
CA ARG A 556 16.11 36.31 7.00
C ARG A 556 16.21 37.45 5.99
N VAL A 557 15.92 37.13 4.72
CA VAL A 557 15.91 38.15 3.68
C VAL A 557 14.87 39.23 3.97
N ASP A 558 13.72 38.84 4.53
CA ASP A 558 12.68 39.81 4.88
C ASP A 558 13.04 40.69 6.07
N ASP A 559 14.16 40.43 6.75
CA ASP A 559 14.59 41.23 7.88
C ASP A 559 15.73 42.19 7.52
N VAL A 560 16.17 42.20 6.26
CA VAL A 560 17.27 43.08 5.87
C VAL A 560 16.86 44.54 6.02
N ILE A 561 17.81 45.37 6.44
CA ILE A 561 17.63 46.82 6.57
C ILE A 561 18.61 47.50 5.63
N ASN A 562 18.13 48.46 4.84
CA ASN A 562 18.93 49.13 3.83
C ASN A 562 19.10 50.59 4.20
N VAL A 563 20.32 50.98 4.52
CA VAL A 563 20.63 52.35 4.96
C VAL A 563 21.57 52.95 3.93
N SER A 564 21.08 53.95 3.21
CA SER A 564 21.90 54.66 2.23
C SER A 564 22.59 53.68 1.29
N GLY A 565 21.87 52.64 0.88
CA GLY A 565 22.41 51.66 -0.03
C GLY A 565 23.19 50.52 0.60
N HIS A 566 23.32 50.50 1.93
CA HIS A 566 23.99 49.44 2.67
C HIS A 566 22.92 48.46 3.18
N ARG A 567 22.89 47.26 2.62
CA ARG A 567 21.99 46.21 3.09
C ARG A 567 22.57 45.59 4.35
N LEU A 568 21.82 45.67 5.45
CA LEU A 568 22.30 45.25 6.75
C LEU A 568 21.54 44.01 7.24
N SER A 569 22.27 43.06 7.79
CA SER A 569 21.63 41.95 8.48
C SER A 569 21.38 42.34 9.93
N THR A 570 20.32 41.78 10.50
CA THR A 570 20.08 42.03 11.93
C THR A 570 21.12 41.33 12.79
N ALA A 571 21.73 40.25 12.28
CA ALA A 571 22.66 39.51 13.11
C ALA A 571 23.96 40.28 13.32
N GLU A 572 24.42 41.03 12.31
CA GLU A 572 25.68 41.75 12.44
C GLU A 572 25.54 43.01 13.30
N VAL A 573 24.43 43.73 13.21
CA VAL A 573 24.28 44.89 14.07
C VAL A 573 24.08 44.44 15.52
N GLU A 574 23.33 43.34 15.73
CA GLU A 574 23.10 42.83 17.07
C GLU A 574 24.35 42.17 17.64
N SER A 575 25.23 41.66 16.78
CA SER A 575 26.49 41.11 17.28
C SER A 575 27.41 42.23 17.74
N ALA A 576 27.42 43.34 17.02
CA ALA A 576 28.27 44.47 17.43
C ALA A 576 27.77 45.10 18.73
N LEU A 577 26.45 45.20 18.90
CA LEU A 577 25.91 45.79 20.11
C LEU A 577 26.31 44.98 21.35
N ILE A 578 26.24 43.66 21.26
CA ILE A 578 26.44 42.79 22.41
C ILE A 578 27.92 42.74 22.82
N LEU A 579 28.80 43.40 22.05
CA LEU A 579 30.21 43.51 22.44
C LEU A 579 30.44 44.54 23.54
N HIS A 580 29.42 45.33 23.89
CA HIS A 580 29.55 46.35 24.92
C HIS A 580 29.29 45.72 26.28
N LYS A 581 30.14 46.04 27.26
CA LYS A 581 29.97 45.46 28.58
C LYS A 581 28.54 45.70 29.04
N GLY A 582 27.95 44.66 29.64
CA GLY A 582 26.64 44.74 30.23
C GLY A 582 25.48 44.37 29.33
N VAL A 583 25.69 44.27 28.03
CA VAL A 583 24.59 43.95 27.11
C VAL A 583 24.29 42.46 27.18
N ALA A 584 23.01 42.15 27.35
CA ALA A 584 22.53 40.77 27.40
C ALA A 584 21.90 40.33 26.08
N GLU A 585 21.02 41.15 25.54
CA GLU A 585 20.29 40.81 24.33
C GLU A 585 19.86 42.11 23.66
N THR A 586 19.79 42.07 22.32
CA THR A 586 19.40 43.22 21.54
C THR A 586 18.50 42.77 20.41
N ALA A 587 17.80 43.73 19.83
CA ALA A 587 16.99 43.50 18.64
C ALA A 587 16.96 44.80 17.85
N VAL A 588 17.37 44.74 16.60
CA VAL A 588 17.36 45.90 15.71
C VAL A 588 16.30 45.67 14.65
N VAL A 589 15.57 46.73 14.33
CA VAL A 589 14.59 46.74 13.27
C VAL A 589 14.80 48.00 12.44
N GLY A 590 14.28 47.97 11.22
CA GLY A 590 14.44 49.08 10.30
C GLY A 590 13.20 49.94 10.30
N CYS A 591 13.40 51.24 10.24
CA CYS A 591 12.32 52.20 10.13
C CYS A 591 12.58 53.13 8.95
N ALA A 592 11.50 53.52 8.29
CA ALA A 592 11.60 54.35 7.11
C ALA A 592 12.22 55.70 7.44
N ASP A 593 13.07 56.18 6.53
CA ASP A 593 13.78 57.44 6.71
C ASP A 593 13.84 58.17 5.38
N ASP A 594 13.46 59.45 5.38
CA ASP A 594 13.35 60.20 4.14
C ASP A 594 14.69 60.43 3.46
N LEU A 595 15.80 60.36 4.20
CA LEU A 595 17.11 60.70 3.66
C LEU A 595 18.03 59.50 3.49
N THR A 596 17.75 58.38 4.16
CA THR A 596 18.61 57.21 4.05
C THR A 596 17.77 55.98 3.71
N GLY A 597 16.51 56.17 3.30
CA GLY A 597 15.63 55.07 2.97
C GLY A 597 15.09 54.38 4.20
N GLN A 598 15.98 53.72 4.93
CA GLN A 598 15.68 53.13 6.22
C GLN A 598 16.71 53.60 7.24
N ALA A 599 16.39 53.38 8.51
CA ALA A 599 17.28 53.69 9.62
C ALA A 599 17.20 52.56 10.63
N VAL A 600 18.31 52.31 11.31
CA VAL A 600 18.39 51.27 12.33
C VAL A 600 17.82 51.79 13.64
N TYR A 601 16.84 51.10 14.18
CA TYR A 601 16.38 51.31 15.56
C TYR A 601 16.71 50.06 16.37
N ALA A 602 17.39 50.23 17.50
CA ALA A 602 17.84 49.11 18.32
C ALA A 602 17.08 49.07 19.63
N PHE A 603 16.60 47.87 19.99
CA PHE A 603 15.96 47.61 21.28
C PHE A 603 16.92 46.76 22.12
N VAL A 604 17.32 47.29 23.27
CA VAL A 604 18.43 46.75 24.05
C VAL A 604 17.93 46.26 25.40
N THR A 605 18.44 45.10 25.80
CA THR A 605 18.24 44.53 27.14
C THR A 605 19.60 44.38 27.80
N MET A 606 19.68 44.74 29.08
CA MET A 606 20.93 44.74 29.82
C MET A 606 20.97 43.63 30.85
N LYS A 607 22.17 43.35 31.34
CA LYS A 607 22.33 42.39 32.41
C LYS A 607 21.77 42.97 33.71
N PRO A 608 21.27 42.11 34.61
CA PRO A 608 20.72 42.62 35.87
C PRO A 608 21.70 43.40 36.69
N GLU A 609 22.97 42.95 36.73
CA GLU A 609 23.95 43.58 37.60
C GLU A 609 24.37 44.97 37.10
N PHE A 610 24.26 45.22 35.79
CA PHE A 610 24.71 46.49 35.23
C PHE A 610 23.95 47.64 35.89
N ASP A 611 24.68 48.70 36.25
CA ASP A 611 24.11 49.85 36.97
C ASP A 611 23.68 50.92 35.97
N LEU A 612 22.37 51.16 35.88
CA LEU A 612 21.85 52.20 35.00
C LEU A 612 22.02 53.59 35.61
N LYS A 613 22.31 53.68 36.92
CA LYS A 613 22.56 54.96 37.56
C LYS A 613 23.98 55.45 37.29
N ALA A 614 24.96 54.55 37.40
CA ALA A 614 26.35 54.92 37.15
C ALA A 614 26.52 55.44 35.71
N THR A 615 26.11 54.64 34.72
CA THR A 615 26.12 55.04 33.32
C THR A 615 24.71 55.47 32.96
N LYS A 616 24.48 56.78 32.85
CA LYS A 616 23.16 57.28 32.52
C LYS A 616 22.64 56.57 31.27
N GLU A 617 21.31 56.48 31.16
CA GLU A 617 20.72 55.80 30.01
C GLU A 617 21.12 56.44 28.69
N ALA A 618 21.29 57.77 28.68
CA ALA A 618 21.67 58.45 27.44
C ALA A 618 23.13 58.22 27.09
N ASP A 619 23.99 58.15 28.10
CA ASP A 619 25.42 57.95 27.83
C ASP A 619 25.68 56.54 27.35
N LEU A 620 24.96 55.56 27.92
CA LEU A 620 25.09 54.19 27.45
C LEU A 620 24.77 54.08 25.97
N SER A 621 23.66 54.71 25.55
CA SER A 621 23.24 54.63 24.15
C SER A 621 24.33 55.13 23.20
N LYS A 622 24.99 56.25 23.56
CA LYS A 622 26.05 56.79 22.71
C LYS A 622 27.22 55.81 22.58
N GLU A 623 27.62 55.20 23.70
CA GLU A 623 28.69 54.20 23.64
C GLU A 623 28.30 53.04 22.72
N LEU A 624 27.03 52.64 22.73
CA LEU A 624 26.58 51.54 21.89
C LEU A 624 26.65 51.92 20.42
N ALA A 625 26.13 53.10 20.07
CA ALA A 625 26.17 53.57 18.70
C ALA A 625 27.60 53.74 18.21
N ILE A 626 28.51 54.17 19.09
CA ILE A 626 29.90 54.31 18.68
C ILE A 626 30.54 52.95 18.48
N GLN A 627 30.12 51.97 19.26
CA GLN A 627 30.58 50.61 19.04
C GLN A 627 30.22 50.15 17.63
N VAL A 628 28.94 50.31 17.25
CA VAL A 628 28.50 49.85 15.94
C VAL A 628 29.18 50.63 14.82
N ARG A 629 29.26 51.95 14.95
CA ARG A 629 29.93 52.77 13.95
C ARG A 629 31.35 52.29 13.70
N LYS A 630 32.07 51.95 14.78
CA LYS A 630 33.46 51.52 14.68
C LYS A 630 33.58 50.14 14.06
N VAL A 631 32.68 49.24 14.41
CA VAL A 631 32.81 47.85 13.98
C VAL A 631 32.16 47.62 12.63
N ILE A 632 31.05 48.29 12.34
CA ILE A 632 30.33 48.11 11.07
C ILE A 632 30.41 49.39 10.23
N GLY A 633 29.86 50.48 10.73
CA GLY A 633 29.93 51.77 10.06
C GLY A 633 28.76 52.63 10.49
N PRO A 634 28.86 53.95 10.25
CA PRO A 634 27.81 54.85 10.72
C PRO A 634 26.43 54.52 10.19
N PHE A 635 26.33 54.01 8.95
CA PHE A 635 25.04 53.64 8.39
C PHE A 635 24.35 52.59 9.25
N ALA A 636 25.10 51.80 10.01
CA ALA A 636 24.51 50.80 10.89
C ALA A 636 24.29 51.29 12.30
N ALA A 637 24.88 52.43 12.66
CA ALA A 637 24.70 53.01 13.99
C ALA A 637 23.23 53.30 14.25
N PRO A 638 22.62 52.76 15.31
CA PRO A 638 21.20 53.02 15.55
C PRO A 638 20.92 54.51 15.71
N LYS A 639 19.84 54.97 15.06
CA LYS A 639 19.42 56.34 15.21
C LYS A 639 18.81 56.57 16.59
N LYS A 640 18.15 55.55 17.15
CA LYS A 640 17.56 55.66 18.47
C LYS A 640 17.63 54.30 19.14
N ILE A 641 17.83 54.31 20.46
CA ILE A 641 18.00 53.11 21.27
C ILE A 641 16.98 53.16 22.39
N TYR A 642 16.17 52.10 22.48
CA TYR A 642 15.15 51.97 23.50
C TYR A 642 15.59 50.86 24.45
N LEU A 643 15.85 51.22 25.71
CA LEU A 643 16.22 50.21 26.71
C LEU A 643 14.94 49.58 27.27
N VAL A 644 14.76 48.28 27.03
CA VAL A 644 13.59 47.57 27.53
C VAL A 644 14.03 46.51 28.54
N SER A 645 13.05 45.80 29.10
CA SER A 645 13.35 44.71 30.02
C SER A 645 13.45 43.37 29.29
N ASP A 646 12.69 43.21 28.21
CA ASP A 646 12.65 41.95 27.48
C ASP A 646 12.17 42.23 26.07
N LEU A 647 12.47 41.35 25.21
CA LEU A 647 12.00 41.37 23.83
C LEU A 647 10.81 40.44 23.64
N PRO A 648 9.86 40.77 22.76
CA PRO A 648 8.74 39.88 22.45
C PRO A 648 9.17 38.59 21.74
N ARG A 651 7.27 31.37 21.13
CA ARG A 651 7.34 30.15 21.90
C ARG A 651 8.47 29.26 21.40
N SER A 652 8.79 29.37 20.10
CA SER A 652 9.89 28.65 19.47
C SER A 652 11.26 29.19 19.86
N GLY A 653 11.31 30.23 20.68
CA GLY A 653 12.56 30.86 21.05
C GLY A 653 12.95 31.99 20.13
N LYS A 654 12.15 32.29 19.12
CA LYS A 654 12.47 33.33 18.14
C LYS A 654 11.97 34.67 18.65
N ILE A 655 12.76 35.71 18.39
CA ILE A 655 12.40 37.07 18.78
C ILE A 655 11.47 37.65 17.72
N MET A 656 10.28 38.10 18.15
CA MET A 656 9.30 38.64 17.22
C MET A 656 9.73 40.06 16.80
N ARG A 657 10.62 40.10 15.79
CA ARG A 657 11.07 41.37 15.25
C ARG A 657 10.00 42.04 14.40
N ARG A 658 9.03 41.28 13.88
CA ARG A 658 7.96 41.89 13.11
C ARG A 658 7.04 42.71 14.00
N VAL A 659 6.97 42.37 15.29
CA VAL A 659 6.16 43.16 16.21
C VAL A 659 6.87 44.47 16.55
N LEU A 660 8.17 44.40 16.84
CA LEU A 660 8.93 45.62 17.14
C LEU A 660 9.00 46.54 15.93
N ARG A 661 8.99 45.98 14.72
CA ARG A 661 9.02 46.81 13.52
C ARG A 661 7.72 47.59 13.38
N LYS A 662 6.58 46.94 13.66
CA LYS A 662 5.30 47.63 13.56
C LYS A 662 5.13 48.67 14.67
N ILE A 663 5.67 48.41 15.87
CA ILE A 663 5.54 49.35 16.97
C ILE A 663 6.29 50.65 16.68
N VAL A 664 7.56 50.53 16.28
CA VAL A 664 8.34 51.73 15.95
C VAL A 664 7.68 52.50 14.81
N ALA A 665 6.97 51.79 13.93
CA ALA A 665 6.26 52.41 12.83
C ALA A 665 4.93 53.06 13.27
N GLY A 666 4.27 52.54 14.31
CA GLY A 666 3.00 53.09 14.73
C GLY A 666 1.81 52.17 14.50
N GLU A 667 1.76 51.03 15.20
CA GLU A 667 0.70 50.04 15.06
C GLU A 667 -0.05 49.86 16.38
N GLY A 668 -1.01 48.94 16.38
CA GLY A 668 -1.79 48.63 17.57
C GLY A 668 -2.72 49.74 18.02
N ALA A 678 3.68 35.19 22.78
CA ALA A 678 4.15 34.39 23.90
C ALA A 678 3.86 35.09 25.22
N ASP A 679 3.94 36.42 25.22
CA ASP A 679 3.62 37.21 26.40
C ASP A 679 3.11 38.56 25.96
N PRO A 680 1.80 38.83 26.10
CA PRO A 680 1.27 40.14 25.67
C PRO A 680 1.69 41.29 26.56
N GLN A 681 2.35 41.04 27.69
CA GLN A 681 2.72 42.13 28.59
C GLN A 681 3.94 42.89 28.06
N ILE A 682 4.93 42.17 27.51
CA ILE A 682 6.10 42.84 26.98
C ILE A 682 5.73 43.74 25.81
N VAL A 683 4.68 43.39 25.07
CA VAL A 683 4.26 44.20 23.93
C VAL A 683 3.85 45.59 24.39
N GLU A 684 3.08 45.67 25.47
CA GLU A 684 2.72 46.98 26.01
C GLU A 684 3.93 47.67 26.61
N GLU A 685 4.80 46.90 27.27
CA GLU A 685 6.02 47.47 27.84
C GLU A 685 6.85 48.16 26.77
N VAL A 686 6.88 47.60 25.56
CA VAL A 686 7.60 48.22 24.46
C VAL A 686 6.92 49.51 24.04
N LYS A 687 5.61 49.45 23.81
CA LYS A 687 4.86 50.63 23.36
C LYS A 687 5.08 51.83 24.29
N GLN A 688 5.34 51.58 25.58
CA GLN A 688 5.54 52.67 26.52
C GLN A 688 6.86 53.40 26.26
N LYS A 689 7.97 52.66 26.23
CA LYS A 689 9.27 53.29 26.04
C LYS A 689 9.37 53.92 24.65
N VAL A 690 8.71 53.32 23.66
CA VAL A 690 8.66 53.89 22.31
C VAL A 690 7.69 55.06 22.29
N HIS B 25 -12.55 -28.22 -51.72
CA HIS B 25 -12.44 -28.00 -50.29
C HIS B 25 -13.80 -27.71 -49.64
N HIS B 26 -13.94 -28.15 -48.39
CA HIS B 26 -15.17 -27.95 -47.64
C HIS B 26 -15.30 -26.53 -47.08
N VAL B 27 -14.19 -25.92 -46.69
CA VAL B 27 -14.17 -24.59 -46.09
C VAL B 27 -13.81 -23.57 -47.15
N HIS B 28 -14.69 -22.53 -47.33
CA HIS B 28 -14.45 -21.48 -48.31
C HIS B 28 -14.03 -20.19 -47.61
N PRO B 29 -13.13 -19.41 -48.22
CA PRO B 29 -12.83 -18.08 -47.67
C PRO B 29 -13.97 -17.10 -47.95
N LEU B 30 -13.96 -15.99 -47.22
CA LEU B 30 -14.99 -14.97 -47.43
C LEU B 30 -15.02 -14.54 -48.90
N PRO B 31 -16.20 -14.39 -49.50
CA PRO B 31 -16.26 -13.97 -50.91
C PRO B 31 -15.38 -12.77 -51.20
N ASP B 32 -14.57 -12.90 -52.25
CA ASP B 32 -13.69 -11.85 -52.71
C ASP B 32 -13.67 -11.90 -54.24
N SER B 33 -13.33 -10.76 -54.84
CA SER B 33 -13.26 -10.64 -56.28
C SER B 33 -11.88 -10.96 -56.86
N VAL B 34 -10.89 -11.23 -56.01
CA VAL B 34 -9.53 -11.55 -56.45
C VAL B 34 -9.33 -13.06 -56.45
N PRO B 35 -8.63 -13.63 -57.42
CA PRO B 35 -8.35 -15.07 -57.39
C PRO B 35 -7.63 -15.48 -56.11
N GLU B 36 -7.97 -16.68 -55.63
CA GLU B 36 -7.35 -17.19 -54.41
C GLU B 36 -5.84 -17.35 -54.58
N SER B 37 -5.41 -17.79 -55.76
CA SER B 37 -3.98 -18.03 -56.01
C SER B 37 -3.16 -16.75 -55.91
N GLU B 38 -3.80 -15.58 -55.96
CA GLU B 38 -3.10 -14.30 -55.86
C GLU B 38 -3.34 -13.61 -54.52
N ASP B 39 -3.70 -14.37 -53.47
CA ASP B 39 -4.09 -13.81 -52.19
C ASP B 39 -3.27 -14.39 -51.05
N LEU B 40 -1.98 -14.63 -51.27
CA LEU B 40 -1.08 -15.09 -50.22
C LEU B 40 0.12 -14.15 -50.16
N PHE B 41 0.17 -13.33 -49.12
CA PHE B 41 1.09 -12.19 -49.04
C PHE B 41 2.13 -12.42 -47.96
N ALA B 42 3.38 -12.49 -48.36
CA ALA B 42 4.46 -12.79 -47.44
C ALA B 42 4.99 -11.50 -46.81
N PRO B 43 5.63 -11.61 -45.64
CA PRO B 43 6.16 -10.42 -44.99
C PRO B 43 6.97 -9.60 -45.96
N PRO B 44 6.69 -8.31 -46.09
CA PRO B 44 7.46 -7.46 -47.02
C PRO B 44 8.81 -7.09 -46.45
N PRO B 45 9.64 -6.38 -47.23
CA PRO B 45 10.97 -5.99 -46.74
C PRO B 45 10.95 -5.06 -45.52
N ARG B 46 9.91 -4.23 -45.34
CA ARG B 46 9.83 -3.45 -44.11
C ARG B 46 9.72 -4.35 -42.89
N MET B 47 9.07 -5.52 -43.03
CA MET B 47 9.04 -6.50 -41.96
C MET B 47 10.16 -7.52 -42.09
N GLN B 48 11.16 -7.20 -42.88
CA GLN B 48 12.42 -7.92 -42.94
C GLN B 48 13.49 -7.01 -42.38
N GLY B 49 14.63 -7.58 -42.01
CA GLY B 49 15.66 -6.79 -41.37
C GLY B 49 16.24 -5.66 -42.22
N LYS B 50 15.67 -5.42 -43.39
CA LYS B 50 16.22 -4.49 -44.38
C LYS B 50 15.62 -3.09 -44.26
N GLU B 51 16.15 -2.18 -45.07
CA GLU B 51 15.76 -0.76 -45.15
C GLU B 51 16.01 -0.01 -43.84
N GLY B 52 16.93 -0.52 -43.01
CA GLY B 52 17.25 0.13 -41.75
C GLY B 52 16.17 0.02 -40.70
N ARG B 53 15.20 -0.82 -40.89
CA ARG B 53 14.14 -1.00 -39.91
C ARG B 53 14.45 -2.19 -39.01
N PRO B 54 13.93 -2.19 -37.79
CA PRO B 54 14.30 -3.26 -36.85
C PRO B 54 13.88 -4.63 -37.36
N LYS B 55 14.77 -5.59 -37.20
CA LYS B 55 14.46 -6.96 -37.54
C LYS B 55 13.27 -7.44 -36.70
N PRO B 56 12.38 -8.25 -37.26
CA PRO B 56 11.20 -8.66 -36.50
C PRO B 56 11.62 -9.48 -35.27
N HIS B 57 10.76 -9.48 -34.25
CA HIS B 57 11.01 -10.30 -33.08
C HIS B 57 10.83 -11.78 -33.39
N ILE B 58 9.82 -12.10 -34.19
CA ILE B 58 9.58 -13.45 -34.68
C ILE B 58 9.62 -13.40 -36.20
N GLY B 59 10.33 -14.35 -36.81
CA GLY B 59 10.45 -14.43 -38.24
C GLY B 59 11.48 -15.44 -38.71
N PRO B 60 11.60 -15.60 -40.03
CA PRO B 60 10.90 -14.85 -41.08
C PRO B 60 9.71 -15.59 -41.65
N ASN B 61 9.35 -16.75 -41.12
CA ASN B 61 8.41 -17.64 -41.76
C ASN B 61 7.52 -18.35 -40.75
N TYR B 62 6.53 -19.06 -41.30
CA TYR B 62 5.54 -19.73 -40.46
C TYR B 62 6.20 -20.68 -39.47
N GLU B 63 7.25 -21.39 -39.89
CA GLU B 63 7.91 -22.31 -38.97
C GLU B 63 8.54 -21.57 -37.78
N SER B 64 9.00 -20.33 -37.97
CA SER B 64 9.60 -19.61 -36.85
C SER B 64 8.54 -19.24 -35.81
N TYR B 65 7.32 -18.94 -36.25
CA TYR B 65 6.24 -18.71 -35.31
C TYR B 65 5.88 -19.98 -34.55
N VAL B 66 5.70 -21.10 -35.27
CA VAL B 66 5.32 -22.35 -34.64
C VAL B 66 6.37 -22.78 -33.62
N LYS B 67 7.65 -22.60 -33.95
CA LYS B 67 8.72 -23.01 -33.04
C LYS B 67 8.61 -22.29 -31.70
N GLU B 68 8.35 -20.98 -31.72
CA GLU B 68 8.18 -20.25 -30.47
C GLU B 68 6.84 -20.59 -29.83
N TRP B 69 5.78 -20.67 -30.65
CA TRP B 69 4.43 -20.92 -30.12
C TRP B 69 4.36 -22.24 -29.37
N ALA B 70 5.04 -23.28 -29.86
CA ALA B 70 4.95 -24.57 -29.17
C ALA B 70 5.55 -24.52 -27.77
N LYS B 71 6.37 -23.52 -27.47
CA LYS B 71 6.87 -23.37 -26.11
C LYS B 71 5.84 -22.77 -25.16
N THR B 72 4.77 -22.18 -25.68
CA THR B 72 3.84 -21.40 -24.88
C THR B 72 2.56 -22.15 -24.56
N VAL B 73 2.39 -23.36 -25.09
CA VAL B 73 1.22 -24.19 -24.86
C VAL B 73 1.69 -25.62 -24.59
N GLY B 74 0.84 -26.40 -23.96
CA GLY B 74 1.16 -27.76 -23.62
C GLY B 74 1.66 -27.91 -22.20
N PRO B 75 2.00 -29.14 -21.80
CA PRO B 75 2.37 -29.41 -20.40
C PRO B 75 3.79 -28.99 -20.00
N ASN B 76 4.59 -28.42 -20.88
CA ASN B 76 5.91 -27.92 -20.50
C ASN B 76 6.07 -26.43 -20.83
N SER B 77 5.00 -25.65 -20.80
CA SER B 77 5.06 -24.26 -21.16
C SER B 77 5.19 -23.32 -19.95
N ASP B 78 5.09 -23.83 -18.72
CA ASP B 78 5.31 -22.98 -17.56
C ASP B 78 6.68 -22.32 -17.60
N GLU B 79 7.68 -23.01 -18.13
CA GLU B 79 9.02 -22.44 -18.18
C GLU B 79 9.01 -21.15 -19.00
N TRP B 80 8.36 -21.18 -20.17
CA TRP B 80 8.31 -20.02 -21.03
C TRP B 80 7.56 -18.86 -20.37
N TRP B 81 6.41 -19.15 -19.76
CA TRP B 81 5.57 -18.08 -19.26
C TRP B 81 6.20 -17.40 -18.04
N ALA B 82 6.82 -18.18 -17.16
CA ALA B 82 7.53 -17.58 -16.03
C ALA B 82 8.63 -16.65 -16.51
N ALA B 83 9.42 -17.08 -17.48
CA ALA B 83 10.49 -16.21 -17.98
C ALA B 83 9.90 -14.94 -18.57
N LYS B 84 8.87 -15.07 -19.40
CA LYS B 84 8.28 -13.89 -20.04
C LYS B 84 7.64 -12.97 -19.02
N ALA B 85 7.03 -13.52 -17.97
CA ALA B 85 6.46 -12.67 -16.92
C ALA B 85 7.54 -11.95 -16.16
N ARG B 86 8.68 -12.61 -15.93
CA ARG B 86 9.76 -11.99 -15.18
C ARG B 86 10.57 -11.02 -16.02
N GLU B 87 10.60 -11.20 -17.34
CA GLU B 87 11.31 -10.28 -18.23
C GLU B 87 10.47 -9.08 -18.63
N THR B 88 9.15 -9.24 -18.75
CA THR B 88 8.31 -8.20 -19.31
C THR B 88 7.89 -7.16 -18.26
N LEU B 89 7.60 -7.59 -17.05
CA LEU B 89 7.07 -6.73 -16.00
C LEU B 89 8.06 -6.65 -14.85
N ASP B 90 7.93 -5.57 -14.07
CA ASP B 90 8.65 -5.40 -12.82
C ASP B 90 7.73 -5.83 -11.68
N TRP B 91 8.26 -6.66 -10.78
CA TRP B 91 7.50 -7.17 -9.65
C TRP B 91 8.05 -6.64 -8.34
N TYR B 92 7.16 -6.38 -7.39
CA TYR B 92 7.61 -6.09 -6.03
C TYR B 92 7.91 -7.37 -5.26
N ASP B 93 7.13 -8.41 -5.52
CA ASP B 93 7.36 -9.74 -4.96
C ASP B 93 7.24 -10.75 -6.09
N ASP B 94 8.20 -11.67 -6.14
CA ASP B 94 8.22 -12.69 -7.17
C ASP B 94 7.03 -13.63 -6.97
N PHE B 95 6.70 -14.37 -8.03
CA PHE B 95 5.70 -15.42 -7.93
C PHE B 95 6.40 -16.76 -7.79
N LYS B 96 5.64 -17.71 -7.26
CA LYS B 96 6.06 -19.10 -7.08
C LYS B 96 5.33 -20.03 -8.03
N THR B 97 4.00 -20.00 -8.03
CA THR B 97 3.17 -20.76 -8.94
C THR B 97 3.00 -19.97 -10.25
N VAL B 98 3.12 -20.65 -11.38
CA VAL B 98 2.89 -20.00 -12.66
C VAL B 98 1.40 -19.92 -12.96
N ARG B 99 0.68 -21.05 -12.85
CA ARG B 99 -0.75 -21.08 -13.16
C ARG B 99 -1.48 -22.12 -12.32
N ALA B 100 -2.78 -21.92 -12.18
CA ALA B 100 -3.65 -22.88 -11.51
C ALA B 100 -5.09 -22.51 -11.85
N GLY B 101 -6.03 -23.37 -11.45
CA GLY B 101 -7.45 -23.15 -11.72
C GLY B 101 -7.84 -23.55 -13.14
N GLY B 102 -9.12 -23.28 -13.45
CA GLY B 102 -9.65 -23.63 -14.75
C GLY B 102 -11.06 -23.10 -15.01
N PHE B 103 -11.60 -23.50 -16.17
CA PHE B 103 -12.87 -22.98 -16.66
C PHE B 103 -14.05 -23.42 -15.78
N GLU B 104 -14.04 -24.67 -15.32
CA GLU B 104 -15.25 -25.26 -14.77
C GLU B 104 -15.83 -24.43 -13.63
N HIS B 105 -15.00 -24.02 -12.68
CA HIS B 105 -15.52 -23.17 -11.61
C HIS B 105 -15.08 -21.74 -11.73
N GLY B 106 -14.19 -21.41 -12.66
CA GLY B 106 -13.75 -20.05 -12.83
C GLY B 106 -12.91 -19.58 -11.65
N ASP B 107 -11.79 -20.26 -11.45
CA ASP B 107 -10.83 -19.99 -10.41
C ASP B 107 -9.46 -19.83 -11.03
N VAL B 108 -9.42 -19.17 -12.19
CA VAL B 108 -8.19 -19.01 -12.95
C VAL B 108 -7.21 -18.17 -12.15
N GLN B 109 -5.98 -18.64 -12.08
CA GLN B 109 -4.90 -17.98 -11.38
C GLN B 109 -3.66 -17.98 -12.27
N TRP B 110 -2.97 -16.85 -12.28
CA TRP B 110 -1.67 -16.75 -12.94
C TRP B 110 -0.75 -15.96 -12.03
N PHE B 111 0.43 -16.52 -11.77
CA PHE B 111 1.45 -15.88 -10.95
C PHE B 111 0.93 -15.45 -9.57
N PRO B 112 0.15 -16.32 -8.89
CA PRO B 112 -0.66 -15.81 -7.77
C PRO B 112 0.11 -15.20 -6.60
N GLU B 113 1.31 -15.67 -6.27
CA GLU B 113 1.98 -15.11 -5.11
C GLU B 113 2.70 -13.80 -5.40
N GLY B 114 2.82 -13.40 -6.67
CA GLY B 114 3.56 -12.20 -7.00
C GLY B 114 2.77 -10.93 -6.74
N THR B 115 3.51 -9.84 -6.56
CA THR B 115 2.89 -8.53 -6.41
C THR B 115 3.55 -7.56 -7.37
N LEU B 116 2.76 -6.58 -7.81
CA LEU B 116 3.19 -5.59 -8.76
C LEU B 116 2.20 -4.44 -8.74
N ASN B 117 2.48 -3.40 -9.52
CA ASN B 117 1.52 -2.32 -9.73
C ASN B 117 1.52 -1.95 -11.20
N ALA B 118 0.32 -1.79 -11.77
CA ALA B 118 0.22 -1.52 -13.20
C ALA B 118 0.76 -0.12 -13.53
N ALA B 119 0.51 0.87 -12.68
CA ALA B 119 1.05 2.20 -12.96
C ALA B 119 2.57 2.23 -12.84
N TYR B 120 3.15 1.44 -11.93
CA TYR B 120 4.61 1.40 -11.88
C TYR B 120 5.18 0.88 -13.19
N ASN B 121 4.53 -0.14 -13.78
CA ASN B 121 5.01 -0.75 -15.01
C ASN B 121 4.70 0.08 -16.25
N CYS B 122 3.66 0.91 -16.21
CA CYS B 122 3.29 1.75 -17.33
C CYS B 122 3.88 3.15 -17.26
N LEU B 123 4.32 3.60 -16.09
CA LEU B 123 4.82 4.96 -15.90
C LEU B 123 6.20 4.97 -15.26
N ASP B 124 6.26 4.71 -13.94
CA ASP B 124 7.45 4.98 -13.15
C ASP B 124 8.72 4.43 -13.80
N ARG B 125 8.73 3.14 -14.11
CA ARG B 125 9.97 2.50 -14.53
C ARG B 125 10.52 3.06 -15.82
N HIS B 126 9.67 3.66 -16.66
CA HIS B 126 10.14 4.35 -17.85
C HIS B 126 10.56 5.79 -17.55
N TYR B 127 9.81 6.44 -16.66
CA TYR B 127 10.22 7.75 -16.18
C TYR B 127 11.62 7.69 -15.61
N TYR B 128 11.91 6.66 -14.80
CA TYR B 128 13.24 6.56 -14.20
C TYR B 128 14.33 6.35 -15.25
N LYS B 129 13.98 5.87 -16.44
CA LYS B 129 14.96 5.63 -17.49
C LYS B 129 15.09 6.82 -18.44
N ASN B 130 13.97 7.32 -18.96
CA ASN B 130 13.95 8.37 -19.98
C ASN B 130 12.77 9.26 -19.73
N PRO B 131 12.86 10.14 -18.72
CA PRO B 131 11.68 10.89 -18.30
C PRO B 131 11.10 11.80 -19.37
N LYS B 132 11.89 12.22 -20.34
CA LYS B 132 11.43 13.17 -21.35
C LYS B 132 10.91 12.50 -22.61
N LYS B 133 11.02 11.18 -22.70
CA LYS B 133 10.44 10.46 -23.83
C LYS B 133 8.93 10.64 -23.88
N THR B 134 8.40 10.71 -25.09
CA THR B 134 6.96 10.90 -25.26
C THR B 134 6.21 9.62 -24.94
N ALA B 135 5.21 9.74 -24.07
CA ALA B 135 4.30 8.65 -23.71
C ALA B 135 3.03 8.68 -24.53
N ILE B 136 2.39 9.85 -24.62
CA ILE B 136 1.16 10.02 -25.36
C ILE B 136 1.38 11.08 -26.42
N ILE B 137 1.00 10.77 -27.66
CA ILE B 137 0.81 11.77 -28.70
C ILE B 137 -0.66 12.15 -28.64
N TYR B 138 -0.93 13.29 -28.01
CA TYR B 138 -2.30 13.77 -27.85
C TYR B 138 -2.65 14.49 -29.15
N GLU B 139 -3.39 13.81 -30.01
CA GLU B 139 -3.91 14.37 -31.25
C GLU B 139 -5.27 14.98 -30.91
N ALA B 140 -5.30 16.29 -30.69
CA ALA B 140 -6.55 16.94 -30.35
C ALA B 140 -7.49 16.97 -31.56
N ASP B 141 -8.76 17.25 -31.29
CA ASP B 141 -9.75 17.30 -32.36
C ASP B 141 -9.29 18.24 -33.46
N GLU B 142 -8.81 19.42 -33.08
CA GLU B 142 -8.15 20.34 -34.00
C GLU B 142 -6.68 19.96 -34.11
N PRO B 143 -6.17 19.69 -35.31
CA PRO B 143 -4.74 19.32 -35.42
C PRO B 143 -3.78 20.33 -34.80
N SER B 144 -4.16 21.62 -34.69
CA SER B 144 -3.23 22.60 -34.13
C SER B 144 -3.05 22.44 -32.63
N GLU B 145 -4.08 21.96 -31.92
CA GLU B 145 -4.05 21.87 -30.46
C GLU B 145 -3.34 20.61 -29.96
N SER B 146 -2.71 19.85 -30.84
CA SER B 146 -2.07 18.59 -30.49
C SER B 146 -0.68 18.83 -29.93
N ARG B 147 -0.24 17.93 -29.06
CA ARG B 147 1.08 18.02 -28.46
C ARG B 147 1.49 16.65 -27.94
N GLU B 148 2.79 16.53 -27.62
CA GLU B 148 3.34 15.33 -27.02
C GLU B 148 3.34 15.47 -25.50
N VAL B 149 2.88 14.44 -24.82
CA VAL B 149 2.88 14.38 -23.37
C VAL B 149 3.91 13.32 -22.99
N SER B 150 4.89 13.72 -22.20
CA SER B 150 6.00 12.85 -21.85
C SER B 150 5.68 11.96 -20.65
N TYR B 151 6.53 10.94 -20.47
CA TYR B 151 6.36 10.06 -19.32
C TYR B 151 6.46 10.83 -18.01
N GLU B 152 7.29 11.87 -17.96
CA GLU B 152 7.32 12.71 -16.76
C GLU B 152 5.99 13.40 -16.57
N GLU B 153 5.49 14.08 -17.60
CA GLU B 153 4.22 14.80 -17.45
C GLU B 153 3.09 13.85 -17.06
N LEU B 154 3.00 12.69 -17.73
CA LEU B 154 1.89 11.77 -17.50
C LEU B 154 1.95 11.16 -16.10
N MET B 155 3.16 10.86 -15.62
CA MET B 155 3.33 10.31 -14.27
C MET B 155 2.92 11.32 -13.21
N GLN B 156 3.33 12.58 -13.36
CA GLN B 156 2.98 13.60 -12.39
C GLN B 156 1.48 13.81 -12.34
N GLU B 157 0.84 13.82 -13.50
CA GLU B 157 -0.61 14.01 -13.54
C GLU B 157 -1.31 12.82 -12.90
N THR B 158 -0.85 11.59 -13.21
CA THR B 158 -1.39 10.39 -12.57
C THR B 158 -1.24 10.44 -11.06
N CYS B 159 -0.06 10.81 -10.57
CA CYS B 159 0.13 10.80 -9.12
C CYS B 159 -0.72 11.87 -8.44
N ARG B 160 -0.97 13.01 -9.11
CA ARG B 160 -1.83 14.03 -8.52
C ARG B 160 -3.27 13.51 -8.39
N VAL B 161 -3.78 12.90 -9.46
CA VAL B 161 -5.14 12.37 -9.39
C VAL B 161 -5.21 11.28 -8.34
N ALA B 162 -4.18 10.42 -8.27
CA ALA B 162 -4.18 9.36 -7.28
C ALA B 162 -4.27 9.95 -5.86
N ASN B 163 -3.48 10.99 -5.58
CA ASN B 163 -3.56 11.66 -4.29
C ASN B 163 -4.95 12.25 -4.04
N VAL B 164 -5.61 12.76 -5.09
CA VAL B 164 -6.95 13.32 -4.92
C VAL B 164 -7.95 12.23 -4.55
N LEU B 165 -7.91 11.11 -5.29
CA LEU B 165 -8.80 9.99 -5.00
C LEU B 165 -8.61 9.47 -3.57
N LYS B 166 -7.36 9.37 -3.12
CA LYS B 166 -7.12 8.94 -1.74
C LYS B 166 -7.73 9.94 -0.74
N SER B 167 -7.60 11.24 -1.00
CA SER B 167 -8.20 12.24 -0.12
C SER B 167 -9.72 12.12 -0.07
N TYR B 168 -10.36 11.56 -1.12
CA TYR B 168 -11.78 11.26 -1.07
C TYR B 168 -12.10 9.98 -0.30
N GLY B 169 -11.09 9.33 0.27
CA GLY B 169 -11.29 8.06 0.95
C GLY B 169 -11.25 6.81 0.08
N VAL B 170 -10.83 6.90 -1.18
CA VAL B 170 -10.81 5.72 -2.03
C VAL B 170 -9.73 4.77 -1.53
N LYS B 171 -10.09 3.50 -1.36
CA LYS B 171 -9.20 2.48 -0.82
C LYS B 171 -9.03 1.35 -1.84
N LYS B 172 -7.96 0.59 -1.64
CA LYS B 172 -7.68 -0.58 -2.44
C LYS B 172 -8.92 -1.42 -2.62
N GLY B 173 -9.27 -1.73 -3.87
CA GLY B 173 -10.43 -2.54 -4.14
C GLY B 173 -11.73 -1.79 -4.30
N ASP B 174 -11.73 -0.47 -4.14
CA ASP B 174 -12.91 0.34 -4.42
C ASP B 174 -13.07 0.57 -5.92
N ALA B 175 -14.31 0.69 -6.36
CA ALA B 175 -14.61 0.93 -7.76
C ALA B 175 -14.75 2.43 -8.01
N VAL B 176 -14.19 2.89 -9.14
CA VAL B 176 -14.23 4.29 -9.55
C VAL B 176 -14.70 4.37 -10.99
N SER B 177 -15.84 5.01 -11.23
CA SER B 177 -16.35 5.14 -12.60
C SER B 177 -15.60 6.24 -13.34
N ILE B 178 -15.40 6.02 -14.64
CA ILE B 178 -14.71 6.97 -15.50
C ILE B 178 -15.57 7.23 -16.73
N TYR B 179 -15.91 8.49 -16.94
CA TYR B 179 -16.73 8.94 -18.05
C TYR B 179 -15.97 10.08 -18.73
N LEU B 180 -14.93 9.75 -19.47
CA LEU B 180 -14.01 10.73 -20.04
C LEU B 180 -13.91 10.57 -21.54
N PRO B 181 -13.97 11.67 -22.34
CA PRO B 181 -13.72 11.57 -23.79
C PRO B 181 -12.24 11.32 -24.04
N MET B 182 -11.85 11.17 -25.31
CA MET B 182 -10.47 10.80 -25.64
C MET B 182 -9.53 12.01 -25.54
N THR B 183 -9.43 12.54 -24.34
CA THR B 183 -8.37 13.47 -24.01
C THR B 183 -7.27 12.72 -23.26
N TRP B 184 -6.04 13.23 -23.35
CA TRP B 184 -4.91 12.45 -22.84
C TRP B 184 -5.05 12.17 -21.34
N GLN B 185 -5.75 13.04 -20.60
CA GLN B 185 -5.92 12.81 -19.18
C GLN B 185 -6.65 11.51 -18.89
N ALA B 186 -7.38 10.97 -19.87
CA ALA B 186 -8.09 9.71 -19.64
C ALA B 186 -7.12 8.63 -19.22
N ALA B 187 -5.90 8.64 -19.77
CA ALA B 187 -4.91 7.65 -19.37
C ALA B 187 -4.49 7.85 -17.92
N ALA B 188 -4.35 9.11 -17.50
CA ALA B 188 -3.94 9.38 -16.13
C ALA B 188 -5.00 8.96 -15.15
N ALA B 189 -6.28 9.06 -15.54
CA ALA B 189 -7.35 8.66 -14.65
C ALA B 189 -7.39 7.15 -14.49
N PHE B 190 -7.27 6.40 -15.60
CA PHE B 190 -7.15 4.95 -15.50
C PHE B 190 -5.97 4.55 -14.60
N LEU B 191 -4.79 5.10 -14.86
CA LEU B 191 -3.61 4.69 -14.13
C LEU B 191 -3.58 5.20 -12.69
N ALA B 192 -4.31 6.29 -12.38
CA ALA B 192 -4.42 6.73 -11.00
C ALA B 192 -5.16 5.71 -10.16
N CYS B 193 -6.25 5.14 -10.70
CA CYS B 193 -6.95 4.07 -10.01
C CYS B 193 -6.05 2.86 -9.79
N ALA B 194 -5.34 2.44 -10.84
CA ALA B 194 -4.44 1.29 -10.72
C ALA B 194 -3.30 1.59 -9.77
N ARG B 195 -2.92 2.86 -9.63
CA ARG B 195 -1.78 3.18 -8.78
C ARG B 195 -2.09 2.88 -7.31
N ILE B 196 -3.33 3.12 -6.90
CA ILE B 196 -3.77 2.96 -5.52
C ILE B 196 -4.58 1.69 -5.31
N GLY B 197 -4.66 0.81 -6.32
CA GLY B 197 -5.38 -0.43 -6.16
C GLY B 197 -6.87 -0.29 -6.29
N ALA B 198 -7.36 0.84 -6.79
CA ALA B 198 -8.78 0.98 -7.10
C ALA B 198 -9.07 0.25 -8.40
N ILE B 199 -10.36 0.00 -8.63
CA ILE B 199 -10.87 -0.75 -9.77
C ILE B 199 -11.57 0.25 -10.68
N HIS B 200 -10.91 0.70 -11.75
CA HIS B 200 -11.55 1.67 -12.63
C HIS B 200 -12.57 0.96 -13.54
N SER B 201 -13.66 1.67 -13.82
CA SER B 201 -14.77 1.18 -14.64
C SER B 201 -15.12 2.22 -15.70
N ALA B 202 -14.55 2.07 -16.88
CA ALA B 202 -14.70 3.07 -17.93
C ALA B 202 -16.03 2.93 -18.65
N VAL B 203 -16.65 4.05 -18.94
CA VAL B 203 -17.92 4.10 -19.66
C VAL B 203 -17.71 5.06 -20.82
N PHE B 204 -17.95 4.57 -22.03
CA PHE B 204 -17.77 5.37 -23.23
C PHE B 204 -18.41 6.74 -23.05
N ALA B 205 -17.62 7.78 -23.33
CA ALA B 205 -18.11 9.17 -23.27
C ALA B 205 -19.04 9.41 -24.44
N GLY B 206 -20.34 9.35 -24.20
CA GLY B 206 -21.32 9.39 -25.28
C GLY B 206 -22.50 8.48 -25.05
N PHE B 207 -22.37 7.52 -24.14
CA PHE B 207 -23.53 6.73 -23.74
C PHE B 207 -24.56 7.65 -23.08
N SER B 208 -25.83 7.28 -23.21
CA SER B 208 -26.91 8.00 -22.57
C SER B 208 -26.74 7.95 -21.04
N ALA B 209 -27.43 8.85 -20.36
CA ALA B 209 -27.45 8.80 -18.90
C ALA B 209 -27.99 7.45 -18.43
N GLU B 210 -28.99 6.92 -19.13
CA GLU B 210 -29.51 5.61 -18.75
C GLU B 210 -28.41 4.55 -18.80
N SER B 211 -27.54 4.62 -19.82
CA SER B 211 -26.44 3.67 -19.91
C SER B 211 -25.35 3.98 -18.88
N LEU B 212 -25.02 5.26 -18.70
CA LEU B 212 -24.06 5.65 -17.67
C LEU B 212 -24.57 5.28 -16.29
N ARG B 213 -25.86 5.51 -16.05
CA ARG B 213 -26.44 5.25 -14.74
C ARG B 213 -26.36 3.76 -14.37
N ASP B 214 -26.75 2.88 -15.30
CA ASP B 214 -26.75 1.44 -15.01
C ASP B 214 -25.36 0.94 -14.65
N ARG B 215 -24.34 1.41 -15.36
CA ARG B 215 -22.98 0.98 -15.07
C ARG B 215 -22.47 1.54 -13.74
N VAL B 216 -22.87 2.78 -13.39
CA VAL B 216 -22.41 3.36 -12.13
C VAL B 216 -23.00 2.62 -10.95
N ASN B 217 -24.29 2.26 -11.04
CA ASN B 217 -24.94 1.57 -9.93
C ASN B 217 -24.41 0.15 -9.78
N ASP B 218 -24.21 -0.56 -10.90
CA ASP B 218 -23.80 -1.96 -10.80
C ASP B 218 -22.45 -2.09 -10.09
N CYS B 219 -21.47 -1.26 -10.45
CA CYS B 219 -20.16 -1.32 -9.83
C CYS B 219 -20.12 -0.70 -8.43
N GLU B 220 -21.19 -0.02 -8.02
CA GLU B 220 -21.34 0.50 -6.65
C GLU B 220 -20.26 1.51 -6.29
N CYS B 221 -19.74 2.24 -7.27
CA CYS B 221 -18.69 3.19 -7.00
C CYS B 221 -19.22 4.40 -6.23
N LYS B 222 -18.31 5.07 -5.54
CA LYS B 222 -18.62 6.30 -4.83
C LYS B 222 -18.01 7.52 -5.48
N VAL B 223 -17.10 7.35 -6.43
CA VAL B 223 -16.39 8.46 -7.06
C VAL B 223 -16.51 8.29 -8.56
N LEU B 224 -16.78 9.40 -9.25
CA LEU B 224 -16.91 9.45 -10.69
C LEU B 224 -15.93 10.49 -11.23
N ILE B 225 -15.25 10.15 -12.31
CA ILE B 225 -14.30 11.05 -12.97
C ILE B 225 -14.84 11.33 -14.36
N THR B 226 -14.89 12.61 -14.72
CA THR B 226 -15.48 13.01 -15.98
C THR B 226 -14.94 14.39 -16.36
N THR B 227 -15.42 14.90 -17.50
CA THR B 227 -15.05 16.20 -18.02
C THR B 227 -16.24 17.15 -17.98
N ASP B 228 -15.97 18.45 -18.18
CA ASP B 228 -17.06 19.40 -18.38
C ASP B 228 -17.71 19.19 -19.74
N GLU B 229 -16.88 19.04 -20.78
CA GLU B 229 -17.37 18.78 -22.12
C GLU B 229 -16.31 18.01 -22.89
N GLY B 230 -16.74 17.39 -24.00
CA GLY B 230 -15.83 16.74 -24.92
C GLY B 230 -15.89 17.41 -26.28
N ARG B 231 -14.98 17.00 -27.17
CA ARG B 231 -14.91 17.52 -28.53
C ARG B 231 -14.49 16.41 -29.48
N ARG B 232 -15.33 16.10 -30.47
CA ARG B 232 -15.01 15.10 -31.49
C ARG B 232 -15.55 15.52 -32.84
N GLY B 233 -14.64 15.64 -33.81
CA GLY B 233 -15.00 16.02 -35.17
C GLY B 233 -15.59 17.40 -35.31
N GLY B 234 -15.42 18.25 -34.31
CA GLY B 234 -16.03 19.55 -34.28
C GLY B 234 -17.31 19.62 -33.47
N LYS B 235 -17.86 18.49 -33.07
CA LYS B 235 -19.07 18.51 -32.26
C LYS B 235 -18.70 18.67 -30.79
N THR B 236 -19.71 18.94 -29.96
CA THR B 236 -19.51 19.16 -28.53
C THR B 236 -20.31 18.13 -27.74
N ILE B 237 -19.61 17.34 -26.93
CA ILE B 237 -20.23 16.30 -26.10
C ILE B 237 -20.50 16.89 -24.72
N ALA B 238 -21.76 16.85 -24.29
CA ALA B 238 -22.16 17.44 -23.01
C ALA B 238 -22.01 16.41 -21.88
N THR B 239 -20.76 16.02 -21.66
CA THR B 239 -20.45 14.98 -20.66
C THR B 239 -20.96 15.38 -19.29
N LYS B 240 -20.70 16.60 -18.84
CA LYS B 240 -21.14 17.00 -17.51
C LYS B 240 -22.66 17.03 -17.41
N GLN B 241 -23.33 17.52 -18.47
CA GLN B 241 -24.79 17.55 -18.46
C GLN B 241 -25.38 16.15 -18.37
N ILE B 242 -24.84 15.20 -19.14
CA ILE B 242 -25.32 13.82 -19.05
C ILE B 242 -25.09 13.27 -17.65
N VAL B 243 -23.90 13.52 -17.09
CA VAL B 243 -23.58 12.96 -15.78
C VAL B 243 -24.59 13.42 -14.74
N ASP B 244 -24.84 14.74 -14.70
CA ASP B 244 -25.81 15.25 -13.73
C ASP B 244 -27.15 14.55 -13.90
N ALA B 245 -27.57 14.30 -15.15
CA ALA B 245 -28.82 13.59 -15.38
C ALA B 245 -28.76 12.16 -14.86
N ALA B 246 -27.66 11.45 -15.15
CA ALA B 246 -27.53 10.07 -14.70
C ALA B 246 -27.44 9.98 -13.18
N LEU B 247 -26.71 10.91 -12.56
CA LEU B 247 -26.45 10.85 -11.12
C LEU B 247 -27.70 11.15 -10.29
N GLN B 248 -28.77 11.65 -10.89
CA GLN B 248 -30.03 11.78 -10.18
C GLN B 248 -30.62 10.42 -9.81
N GLN B 249 -30.12 9.32 -10.39
CA GLN B 249 -30.56 7.98 -10.02
C GLN B 249 -29.36 7.08 -9.73
N CYS B 250 -28.23 7.67 -9.34
CA CYS B 250 -27.05 6.93 -8.87
C CYS B 250 -26.82 7.38 -7.43
N PRO B 251 -27.50 6.76 -6.46
CA PRO B 251 -27.47 7.29 -5.09
C PRO B 251 -26.12 7.25 -4.41
N LEU B 252 -25.23 6.32 -4.75
CA LEU B 252 -24.03 6.14 -3.94
C LEU B 252 -22.89 7.10 -4.31
N VAL B 253 -22.99 7.80 -5.43
CA VAL B 253 -21.87 8.64 -5.87
C VAL B 253 -21.79 9.86 -4.98
N GLU B 254 -20.65 10.04 -4.31
CA GLU B 254 -20.42 11.15 -3.40
C GLU B 254 -19.40 12.16 -3.89
N ASN B 255 -18.59 11.82 -4.90
CA ASN B 255 -17.55 12.73 -5.36
C ASN B 255 -17.45 12.67 -6.86
N VAL B 256 -17.27 13.83 -7.50
CA VAL B 256 -17.13 13.89 -8.94
C VAL B 256 -16.00 14.85 -9.28
N LEU B 257 -15.03 14.35 -10.04
CA LEU B 257 -13.84 15.11 -10.44
C LEU B 257 -13.99 15.48 -11.90
N VAL B 258 -14.08 16.79 -12.16
CA VAL B 258 -14.43 17.29 -13.48
C VAL B 258 -13.19 17.92 -14.10
N LEU B 259 -12.64 17.26 -15.11
CA LEU B 259 -11.58 17.86 -15.91
C LEU B 259 -12.14 19.02 -16.70
N ARG B 260 -11.35 20.09 -16.78
CA ARG B 260 -11.76 21.34 -17.45
C ARG B 260 -11.29 21.24 -18.90
N ARG B 261 -12.07 20.52 -19.71
CA ARG B 261 -11.65 20.24 -21.08
C ARG B 261 -11.86 21.44 -21.99
N THR B 262 -13.06 22.03 -21.96
CA THR B 262 -13.39 23.17 -22.80
C THR B 262 -13.34 24.51 -22.06
N GLY B 263 -13.73 24.53 -20.78
CA GLY B 263 -13.91 25.76 -20.06
C GLY B 263 -15.27 26.40 -20.22
N ASN B 264 -16.11 25.89 -21.13
CA ASN B 264 -17.46 26.41 -21.30
C ASN B 264 -18.30 26.15 -20.05
N LYS B 265 -19.29 27.01 -19.83
CA LYS B 265 -20.04 26.95 -18.59
C LYS B 265 -20.80 25.64 -18.50
N VAL B 266 -20.59 24.92 -17.40
CA VAL B 266 -21.33 23.71 -17.08
C VAL B 266 -21.81 23.81 -15.63
N PRO B 267 -22.89 23.14 -15.26
CA PRO B 267 -23.32 23.15 -13.85
C PRO B 267 -22.40 22.32 -12.96
N MET B 268 -21.93 22.92 -11.87
CA MET B 268 -21.09 22.24 -10.90
C MET B 268 -21.83 22.22 -9.57
N THR B 269 -22.33 21.06 -9.18
CA THR B 269 -23.03 20.92 -7.92
C THR B 269 -22.09 21.18 -6.76
N GLU B 270 -22.53 22.00 -5.81
CA GLU B 270 -21.68 22.37 -4.68
C GLU B 270 -21.41 21.16 -3.80
N GLY B 271 -20.16 20.98 -3.40
CA GLY B 271 -19.76 19.88 -2.53
C GLY B 271 -19.48 18.56 -3.20
N ARG B 272 -20.43 18.08 -4.01
CA ARG B 272 -20.24 16.81 -4.71
C ARG B 272 -19.19 16.94 -5.81
N ASP B 273 -19.14 18.09 -6.47
CA ASP B 273 -18.35 18.27 -7.67
C ASP B 273 -17.18 19.20 -7.39
N LYS B 274 -16.03 18.86 -7.95
CA LYS B 274 -14.82 19.65 -7.83
C LYS B 274 -14.11 19.66 -9.17
N TRP B 275 -13.35 20.72 -9.42
CA TRP B 275 -12.58 20.82 -10.65
C TRP B 275 -11.27 20.03 -10.55
N TRP B 276 -11.02 19.17 -11.54
CA TRP B 276 -9.76 18.44 -11.65
C TRP B 276 -8.53 19.27 -11.33
N ASP B 277 -8.36 20.41 -12.00
CA ASP B 277 -7.11 21.18 -11.88
C ASP B 277 -7.00 21.85 -10.52
N GLU B 278 -8.12 22.24 -9.91
CA GLU B 278 -8.06 22.82 -8.57
C GLU B 278 -7.70 21.76 -7.54
N GLU B 279 -8.31 20.57 -7.65
CA GLU B 279 -8.00 19.50 -6.70
C GLU B 279 -6.54 19.07 -6.83
N CYS B 280 -6.06 18.94 -8.07
CA CYS B 280 -4.71 18.44 -8.27
C CYS B 280 -3.66 19.45 -7.85
N ALA B 281 -3.98 20.75 -7.91
CA ALA B 281 -3.01 21.78 -7.56
C ALA B 281 -2.66 21.76 -6.07
N LYS B 282 -3.50 21.14 -5.23
CA LYS B 282 -3.21 21.00 -3.80
C LYS B 282 -2.31 19.82 -3.48
N MET B 283 -2.16 18.87 -4.37
CA MET B 283 -1.55 17.60 -4.04
C MET B 283 -0.11 17.51 -4.54
N PRO B 284 0.68 16.62 -3.97
CA PRO B 284 2.04 16.41 -4.46
C PRO B 284 2.02 15.72 -5.82
N ALA B 285 3.13 15.87 -6.55
CA ALA B 285 3.29 15.34 -7.89
C ALA B 285 3.88 13.93 -7.90
N TYR B 286 4.02 13.30 -6.72
CA TYR B 286 4.34 11.89 -6.60
C TYR B 286 3.39 11.24 -5.60
N CYS B 287 3.20 9.93 -5.76
CA CYS B 287 2.29 9.12 -4.97
C CYS B 287 2.90 7.74 -4.93
N PRO B 288 2.93 7.07 -3.78
CA PRO B 288 3.45 5.70 -3.76
C PRO B 288 2.53 4.76 -4.51
N CYS B 289 3.10 3.66 -5.00
CA CYS B 289 2.32 2.61 -5.63
C CYS B 289 1.82 1.61 -4.59
N GLU B 290 0.55 1.23 -4.73
CA GLU B 290 -0.02 0.14 -3.94
C GLU B 290 0.50 -1.18 -4.50
N ARG B 291 1.06 -2.01 -3.64
CA ARG B 291 1.54 -3.32 -4.06
C ARG B 291 0.35 -4.25 -4.24
N MET B 292 0.06 -4.64 -5.48
CA MET B 292 -1.11 -5.44 -5.80
C MET B 292 -0.71 -6.89 -6.04
N ALA B 293 -1.51 -7.81 -5.49
CA ALA B 293 -1.38 -9.23 -5.84
C ALA B 293 -1.73 -9.45 -7.31
N SER B 294 -1.14 -10.48 -7.91
CA SER B 294 -1.41 -10.76 -9.33
C SER B 294 -2.89 -10.82 -9.64
N GLU B 295 -3.67 -11.41 -8.77
CA GLU B 295 -5.10 -11.60 -9.00
C GLU B 295 -5.99 -10.52 -8.41
N ASP B 296 -5.43 -9.46 -7.86
CA ASP B 296 -6.29 -8.32 -7.52
C ASP B 296 -6.93 -7.76 -8.78
N PRO B 297 -8.20 -7.38 -8.76
CA PRO B 297 -8.83 -6.86 -9.98
C PRO B 297 -8.26 -5.50 -10.36
N LEU B 298 -8.01 -5.34 -11.67
CA LEU B 298 -7.50 -4.10 -12.27
C LEU B 298 -8.63 -3.22 -12.76
N PHE B 299 -9.64 -3.78 -13.42
CA PHE B 299 -10.73 -2.93 -13.87
C PHE B 299 -11.95 -3.79 -14.14
N ILE B 300 -13.08 -3.08 -14.30
CA ILE B 300 -14.33 -3.64 -14.78
C ILE B 300 -14.65 -2.92 -16.09
N LEU B 301 -14.92 -3.68 -17.14
CA LEU B 301 -15.36 -3.07 -18.40
C LEU B 301 -16.70 -3.68 -18.81
N TYR B 302 -17.75 -2.86 -18.75
CA TYR B 302 -19.09 -3.30 -19.09
C TYR B 302 -19.24 -3.48 -20.59
N THR B 303 -20.14 -4.36 -20.98
CA THR B 303 -20.41 -4.65 -22.38
C THR B 303 -21.89 -4.46 -22.68
N SER B 304 -22.18 -3.92 -23.86
CA SER B 304 -23.56 -3.73 -24.31
C SER B 304 -24.16 -5.04 -24.82
N LYS B 309 -29.46 -7.02 -18.05
CA LYS B 309 -28.51 -6.28 -17.21
C LYS B 309 -27.19 -6.07 -17.95
N PRO B 310 -26.35 -5.18 -17.42
CA PRO B 310 -25.02 -4.96 -18.00
C PRO B 310 -23.99 -5.95 -17.48
N LYS B 311 -23.11 -6.38 -18.38
CA LYS B 311 -22.13 -7.41 -18.06
C LYS B 311 -20.78 -6.75 -17.79
N GLY B 312 -20.39 -6.69 -16.52
CA GLY B 312 -19.14 -6.09 -16.12
C GLY B 312 -17.99 -7.06 -16.14
N VAL B 313 -17.23 -7.07 -17.22
CA VAL B 313 -16.13 -8.01 -17.40
C VAL B 313 -14.97 -7.57 -16.51
N VAL B 314 -14.46 -8.48 -15.70
CA VAL B 314 -13.43 -8.20 -14.71
C VAL B 314 -12.12 -8.83 -15.14
N HIS B 315 -11.06 -8.02 -15.17
CA HIS B 315 -9.71 -8.46 -15.46
C HIS B 315 -8.84 -8.23 -14.23
N SER B 316 -7.95 -9.17 -13.94
CA SER B 316 -7.03 -9.01 -12.82
C SER B 316 -5.77 -8.33 -13.35
N THR B 317 -4.70 -8.30 -12.57
CA THR B 317 -3.60 -7.37 -12.81
C THR B 317 -2.49 -7.99 -13.64
N ALA B 318 -1.80 -9.00 -13.09
CA ALA B 318 -0.54 -9.43 -13.68
C ALA B 318 -0.74 -10.09 -15.05
N GLY B 319 -1.67 -11.03 -15.16
CA GLY B 319 -1.90 -11.72 -16.43
C GLY B 319 -2.43 -10.83 -17.54
N TYR B 320 -3.40 -9.96 -17.23
CA TYR B 320 -3.88 -8.98 -18.21
C TYR B 320 -2.76 -8.08 -18.70
N LEU B 321 -1.97 -7.55 -17.77
CA LEU B 321 -0.89 -6.63 -18.17
C LEU B 321 0.16 -7.36 -19.01
N LEU B 322 0.52 -8.59 -18.64
CA LEU B 322 1.49 -9.33 -19.41
C LEU B 322 0.96 -9.66 -20.80
N GLY B 323 -0.33 -10.04 -20.88
CA GLY B 323 -0.92 -10.33 -22.16
C GLY B 323 -0.89 -9.14 -23.11
N THR B 324 -1.28 -7.96 -22.59
CA THR B 324 -1.25 -6.76 -23.44
C THR B 324 0.18 -6.41 -23.84
N ALA B 325 1.13 -6.58 -22.92
CA ALA B 325 2.52 -6.29 -23.24
C ALA B 325 3.05 -7.23 -24.32
N LEU B 326 2.80 -8.54 -24.15
CA LEU B 326 3.34 -9.51 -25.10
C LEU B 326 2.68 -9.40 -26.47
N THR B 327 1.37 -9.19 -26.50
CA THR B 327 0.70 -9.11 -27.80
C THR B 327 1.13 -7.87 -28.56
N LEU B 328 1.22 -6.70 -27.88
CA LEU B 328 1.66 -5.50 -28.58
C LEU B 328 3.06 -5.69 -29.14
N LYS B 329 3.94 -6.37 -28.41
CA LYS B 329 5.31 -6.53 -28.86
C LYS B 329 5.40 -7.43 -30.11
N TYR B 330 4.64 -8.52 -30.14
CA TYR B 330 4.78 -9.51 -31.21
C TYR B 330 3.76 -9.35 -32.33
N VAL B 331 2.49 -9.06 -32.01
CA VAL B 331 1.49 -8.91 -33.06
C VAL B 331 1.72 -7.63 -33.85
N PHE B 332 2.29 -6.58 -33.23
CA PHE B 332 2.62 -5.35 -33.93
C PHE B 332 4.12 -5.14 -34.07
N ASP B 333 4.92 -6.10 -33.67
CA ASP B 333 6.38 -6.00 -33.71
C ASP B 333 6.86 -4.64 -33.21
N ALA B 334 6.55 -4.37 -31.94
CA ALA B 334 6.89 -3.10 -31.32
C ALA B 334 8.34 -3.08 -30.87
N HIS B 335 9.04 -2.02 -31.23
CA HIS B 335 10.43 -1.80 -30.86
C HIS B 335 10.55 -0.47 -30.14
N PRO B 336 11.65 -0.26 -29.39
CA PRO B 336 11.67 0.83 -28.39
C PRO B 336 11.32 2.21 -28.92
N ASP B 337 11.72 2.58 -30.13
CA ASP B 337 11.49 3.91 -30.65
C ASP B 337 10.19 4.03 -31.42
N ASP B 338 9.38 2.96 -31.45
CA ASP B 338 8.17 2.97 -32.25
C ASP B 338 7.18 4.01 -31.71
N ARG B 339 6.22 4.36 -32.56
CA ARG B 339 5.16 5.31 -32.21
C ARG B 339 3.84 4.70 -32.64
N PHE B 340 3.13 4.10 -31.69
CA PHE B 340 1.97 3.26 -31.96
C PHE B 340 0.68 4.08 -31.97
N ALA B 341 -0.10 3.95 -33.04
CA ALA B 341 -1.30 4.74 -33.29
C ALA B 341 -2.54 3.85 -33.39
N CYS B 342 -3.11 3.50 -32.23
CA CYS B 342 -4.41 2.86 -32.14
C CYS B 342 -5.49 3.94 -32.10
N MET B 343 -6.40 3.90 -33.05
CA MET B 343 -7.40 4.96 -33.21
C MET B 343 -8.73 4.61 -32.55
N ALA B 344 -8.73 3.74 -31.56
CA ALA B 344 -9.97 3.31 -30.93
C ALA B 344 -10.28 4.26 -29.78
N ASP B 345 -11.27 3.91 -28.95
CA ASP B 345 -11.67 4.72 -27.80
C ASP B 345 -11.35 3.96 -26.51
N ILE B 346 -10.84 4.67 -25.49
CA ILE B 346 -10.53 4.07 -24.22
C ILE B 346 -11.78 3.58 -23.50
N GLY B 347 -12.96 3.97 -23.97
CA GLY B 347 -14.18 3.41 -23.42
C GLY B 347 -14.46 1.98 -23.83
N TRP B 348 -13.65 1.41 -24.72
CA TRP B 348 -13.78 0.03 -25.19
C TRP B 348 -12.50 -0.75 -24.89
N ILE B 349 -12.60 -2.08 -24.96
CA ILE B 349 -11.45 -2.91 -24.55
C ILE B 349 -10.26 -2.69 -25.46
N THR B 350 -10.47 -2.31 -26.71
CA THR B 350 -9.34 -2.06 -27.59
C THR B 350 -8.52 -0.85 -27.11
N GLY B 351 -9.19 0.16 -26.56
CA GLY B 351 -8.46 1.27 -25.94
C GLY B 351 -7.74 0.90 -24.67
N HIS B 352 -8.40 0.14 -23.78
CA HIS B 352 -7.76 -0.32 -22.56
C HIS B 352 -6.41 -0.95 -22.86
N SER B 353 -6.38 -1.88 -23.84
CA SER B 353 -5.27 -2.78 -24.06
C SER B 353 -4.19 -2.24 -24.99
N TYR B 354 -4.55 -1.47 -26.04
CA TYR B 354 -3.60 -1.12 -27.09
C TYR B 354 -3.48 0.39 -27.31
N ILE B 355 -4.10 1.21 -26.45
CA ILE B 355 -3.74 2.61 -26.28
C ILE B 355 -2.98 2.82 -24.97
N ILE B 356 -3.52 2.31 -23.86
CA ILE B 356 -2.92 2.58 -22.54
C ILE B 356 -2.01 1.43 -22.10
N TYR B 357 -2.59 0.32 -21.65
CA TYR B 357 -1.81 -0.64 -20.88
C TYR B 357 -0.71 -1.30 -21.70
N GLY B 358 -1.01 -1.78 -22.90
CA GLY B 358 -0.02 -2.41 -23.75
C GLY B 358 1.13 -1.50 -24.12
N PRO B 359 0.84 -0.41 -24.81
CA PRO B 359 1.94 0.48 -25.23
C PRO B 359 2.73 1.05 -24.05
N LEU B 360 2.07 1.56 -23.03
CA LEU B 360 2.81 2.15 -21.93
C LEU B 360 3.64 1.10 -21.17
N ALA B 361 3.12 -0.12 -21.02
CA ALA B 361 3.93 -1.17 -20.41
C ALA B 361 5.21 -1.38 -21.18
N ASN B 362 5.12 -1.50 -22.51
CA ASN B 362 6.31 -1.66 -23.35
C ASN B 362 7.15 -0.38 -23.41
N GLY B 363 6.66 0.70 -22.81
CA GLY B 363 7.44 1.93 -22.72
C GLY B 363 7.61 2.71 -24.00
N ILE B 364 6.66 2.61 -24.94
CA ILE B 364 6.78 3.30 -26.23
C ILE B 364 5.83 4.49 -26.27
N THR B 365 5.63 5.06 -27.46
CA THR B 365 4.73 6.20 -27.60
C THR B 365 3.39 5.72 -28.14
N THR B 366 2.32 6.19 -27.53
CA THR B 366 0.95 5.78 -27.90
C THR B 366 0.14 7.01 -28.28
N ALA B 367 -0.84 6.83 -29.15
CA ALA B 367 -1.63 7.94 -29.65
C ALA B 367 -3.00 7.96 -28.98
N VAL B 368 -3.44 9.14 -28.58
CA VAL B 368 -4.78 9.36 -28.05
C VAL B 368 -5.46 10.30 -29.03
N PHE B 369 -6.35 9.75 -29.88
CA PHE B 369 -6.95 10.45 -31.01
C PHE B 369 -8.36 10.92 -30.61
N GLU B 370 -8.53 12.22 -30.41
CA GLU B 370 -9.80 12.74 -29.91
C GLU B 370 -10.79 13.04 -31.03
N SER B 371 -10.39 12.88 -32.28
CA SER B 371 -11.20 13.28 -33.43
C SER B 371 -11.76 12.04 -34.13
N THR B 372 -12.46 12.28 -35.22
CA THR B 372 -12.94 11.23 -36.10
C THR B 372 -12.04 11.12 -37.32
N PRO B 373 -12.14 10.02 -38.06
CA PRO B 373 -11.33 9.86 -39.28
C PRO B 373 -11.77 10.75 -40.43
N VAL B 374 -12.79 11.60 -40.25
CA VAL B 374 -13.31 12.47 -41.30
C VAL B 374 -13.10 13.95 -41.01
N TYR B 375 -12.39 14.30 -39.93
CA TYR B 375 -12.18 15.69 -39.57
C TYR B 375 -10.69 15.99 -39.47
N PRO B 376 -10.19 17.11 -40.06
CA PRO B 376 -10.89 18.10 -40.91
C PRO B 376 -11.36 17.50 -42.21
N THR B 377 -10.65 16.47 -42.68
CA THR B 377 -10.94 15.78 -43.93
C THR B 377 -10.76 14.28 -43.73
N PRO B 378 -11.21 13.45 -44.68
CA PRO B 378 -10.96 12.01 -44.57
C PRO B 378 -9.50 11.62 -44.66
N SER B 379 -8.59 12.59 -44.75
CA SER B 379 -7.16 12.34 -44.76
C SER B 379 -6.51 12.50 -43.37
N ARG B 380 -7.31 12.70 -42.31
CA ARG B 380 -6.74 12.92 -40.98
C ARG B 380 -5.81 11.78 -40.59
N TYR B 381 -6.27 10.53 -40.74
CA TYR B 381 -5.42 9.38 -40.47
C TYR B 381 -4.08 9.52 -41.15
N TRP B 382 -4.10 9.92 -42.42
CA TRP B 382 -2.86 9.98 -43.21
C TRP B 382 -2.07 11.23 -42.89
N ASP B 383 -2.74 12.37 -42.72
CA ASP B 383 -2.06 13.55 -42.18
C ASP B 383 -1.45 13.23 -40.83
N PHE B 384 -2.20 12.53 -39.98
CA PHE B 384 -1.69 12.12 -38.69
C PHE B 384 -0.47 11.23 -38.85
N VAL B 385 -0.52 10.27 -39.76
CA VAL B 385 0.58 9.33 -39.90
C VAL B 385 1.85 10.07 -40.33
N ASP B 386 1.72 10.95 -41.31
CA ASP B 386 2.91 11.65 -41.80
C ASP B 386 3.41 12.68 -40.79
N LYS B 387 2.49 13.40 -40.14
CA LYS B 387 2.91 14.38 -39.14
C LYS B 387 3.79 13.74 -38.05
N TRP B 388 3.40 12.56 -37.56
CA TRP B 388 4.06 11.97 -36.41
C TRP B 388 4.97 10.79 -36.75
N LYS B 389 5.11 10.43 -38.02
CA LYS B 389 5.91 9.28 -38.41
C LYS B 389 5.48 8.05 -37.62
N ALA B 390 4.18 7.79 -37.64
CA ALA B 390 3.61 6.65 -36.94
C ALA B 390 4.17 5.35 -37.52
N THR B 391 4.44 4.39 -36.66
CA THR B 391 5.05 3.14 -37.10
C THR B 391 4.03 2.00 -37.21
N GLN B 392 2.85 2.15 -36.60
CA GLN B 392 1.76 1.18 -36.70
C GLN B 392 0.44 1.92 -36.62
N LEU B 393 -0.55 1.48 -37.40
CA LEU B 393 -1.89 2.04 -37.40
C LEU B 393 -2.89 0.91 -37.16
N TYR B 394 -3.84 1.14 -36.25
CA TYR B 394 -4.73 0.08 -35.76
C TYR B 394 -6.13 0.68 -35.64
N THR B 395 -7.03 0.30 -36.55
CA THR B 395 -8.40 0.80 -36.51
C THR B 395 -9.36 -0.36 -36.79
N ALA B 396 -10.61 -0.04 -37.08
CA ALA B 396 -11.67 -1.03 -37.17
C ALA B 396 -12.24 -1.11 -38.59
N PRO B 397 -12.94 -2.20 -38.93
CA PRO B 397 -13.61 -2.24 -40.23
C PRO B 397 -14.64 -1.13 -40.40
N THR B 398 -15.42 -0.86 -39.35
CA THR B 398 -16.48 0.15 -39.47
C THR B 398 -15.91 1.49 -39.91
N ALA B 399 -14.70 1.84 -39.45
CA ALA B 399 -14.04 3.04 -39.95
C ALA B 399 -13.40 2.78 -41.31
N ILE B 400 -12.90 1.57 -41.54
CA ILE B 400 -12.34 1.22 -42.84
C ILE B 400 -13.36 1.46 -43.94
N ARG B 401 -14.66 1.27 -43.65
CA ARG B 401 -15.68 1.56 -44.63
C ARG B 401 -15.57 2.99 -45.10
N LEU B 402 -15.19 3.89 -44.20
CA LEU B 402 -15.13 5.31 -44.53
C LEU B 402 -14.12 5.62 -45.62
N LEU B 403 -12.85 5.32 -45.38
CA LEU B 403 -11.78 5.76 -46.26
C LEU B 403 -11.92 5.17 -47.66
N ARG B 404 -11.94 3.84 -47.78
CA ARG B 404 -12.03 3.24 -49.10
C ARG B 404 -13.32 3.63 -49.82
N ARG B 405 -14.35 4.07 -49.08
CA ARG B 405 -15.63 4.41 -49.69
C ARG B 405 -15.66 5.81 -50.30
N MET B 406 -15.00 6.79 -49.67
CA MET B 406 -15.16 8.18 -50.10
C MET B 406 -14.15 8.61 -51.16
N GLY B 407 -12.95 8.00 -51.18
CA GLY B 407 -11.96 8.33 -52.23
C GLY B 407 -10.53 8.10 -51.83
N GLU B 408 -9.69 7.66 -52.77
CA GLU B 408 -8.24 7.38 -52.52
C GLU B 408 -7.41 8.61 -52.91
N ASP B 409 -8.03 9.77 -53.08
CA ASP B 409 -7.28 11.01 -53.29
C ASP B 409 -6.69 11.36 -51.92
N HIS B 410 -7.45 11.03 -50.88
CA HIS B 410 -7.04 11.32 -49.49
C HIS B 410 -5.76 10.56 -49.17
N VAL B 411 -5.40 9.49 -49.90
CA VAL B 411 -4.25 8.68 -49.55
C VAL B 411 -3.14 8.85 -50.58
N HIS B 414 -0.18 11.23 -49.87
CA HIS B 414 0.54 11.17 -48.60
C HIS B 414 1.70 10.21 -48.65
N ASP B 415 2.63 10.35 -47.70
CA ASP B 415 3.81 9.50 -47.68
C ASP B 415 3.50 8.15 -47.06
N LEU B 416 3.12 8.12 -45.79
CA LEU B 416 2.73 6.91 -45.08
C LEU B 416 3.87 5.91 -45.03
N SER B 417 5.09 6.33 -45.35
CA SER B 417 6.24 5.44 -45.37
C SER B 417 6.66 4.98 -43.98
N SER B 418 6.36 5.76 -42.93
CA SER B 418 6.72 5.39 -41.57
C SER B 418 5.97 4.14 -41.11
N LEU B 419 4.78 3.89 -41.66
CA LEU B 419 4.03 2.73 -41.26
C LEU B 419 4.81 1.47 -41.61
N ARG B 420 4.64 0.46 -40.77
CA ARG B 420 5.30 -0.83 -40.98
C ARG B 420 4.41 -2.01 -40.66
N VAL B 421 3.32 -1.83 -39.92
CA VAL B 421 2.35 -2.88 -39.62
C VAL B 421 0.99 -2.21 -39.55
N LEU B 422 0.00 -2.79 -40.21
CA LEU B 422 -1.36 -2.26 -40.21
C LEU B 422 -2.29 -3.29 -39.59
N GLY B 423 -3.15 -2.84 -38.68
CA GLY B 423 -4.00 -3.74 -37.93
C GLY B 423 -5.47 -3.37 -38.07
N SER B 424 -6.32 -4.37 -37.94
CA SER B 424 -7.76 -4.19 -38.04
C SER B 424 -8.40 -5.04 -36.95
N VAL B 425 -9.39 -4.49 -36.26
CA VAL B 425 -10.04 -5.14 -35.14
C VAL B 425 -11.51 -4.78 -35.11
N GLY B 426 -12.33 -5.67 -34.55
CA GLY B 426 -13.71 -5.31 -34.27
C GLY B 426 -14.78 -6.23 -34.81
N GLU B 427 -14.55 -6.76 -36.00
CA GLU B 427 -15.52 -7.60 -36.70
C GLU B 427 -14.80 -8.14 -37.92
N PRO B 428 -15.39 -9.09 -38.65
CA PRO B 428 -14.76 -9.56 -39.89
C PRO B 428 -14.53 -8.41 -40.86
N ILE B 429 -13.38 -8.44 -41.54
CA ILE B 429 -13.04 -7.49 -42.59
C ILE B 429 -13.32 -8.12 -43.94
N ASN B 430 -14.20 -7.52 -44.73
CA ASN B 430 -14.44 -8.00 -46.08
C ASN B 430 -13.12 -7.97 -46.85
N PRO B 431 -12.78 -9.02 -47.59
CA PRO B 431 -11.48 -9.03 -48.30
C PRO B 431 -11.25 -7.83 -49.20
N GLU B 432 -12.34 -7.19 -49.64
CA GLU B 432 -12.23 -6.05 -50.53
C GLU B 432 -11.56 -4.86 -49.84
N ALA B 433 -11.97 -4.58 -48.59
CA ALA B 433 -11.31 -3.54 -47.80
C ALA B 433 -9.87 -3.91 -47.47
N TRP B 434 -9.59 -5.20 -47.34
CA TRP B 434 -8.26 -5.66 -46.96
C TRP B 434 -7.20 -5.22 -47.98
N HIS B 435 -7.49 -5.32 -49.28
CA HIS B 435 -6.45 -5.00 -50.27
C HIS B 435 -6.16 -3.52 -50.34
N TRP B 436 -7.19 -2.68 -50.27
CA TRP B 436 -6.91 -1.25 -50.22
C TRP B 436 -5.96 -0.94 -49.07
N TYR B 437 -6.23 -1.51 -47.90
CA TYR B 437 -5.34 -1.32 -46.75
C TYR B 437 -3.91 -1.68 -47.13
N ASN B 438 -3.74 -2.82 -47.79
CA ASN B 438 -2.41 -3.27 -48.19
C ASN B 438 -1.79 -2.37 -49.27
N ASP B 439 -2.62 -1.86 -50.19
CA ASP B 439 -2.08 -1.19 -51.37
C ASP B 439 -1.70 0.25 -51.10
N PHE B 440 -2.64 1.03 -50.58
CA PHE B 440 -2.50 2.48 -50.52
C PHE B 440 -1.98 2.97 -49.18
N ALA B 441 -2.37 2.31 -48.08
CA ALA B 441 -1.85 2.71 -46.79
C ALA B 441 -0.45 2.13 -46.58
N GLY B 442 -0.23 0.91 -47.07
CA GLY B 442 1.03 0.21 -46.93
C GLY B 442 1.95 0.21 -48.13
N LYS B 443 1.54 0.81 -49.25
CA LYS B 443 2.31 0.78 -50.50
C LYS B 443 2.80 -0.62 -50.80
N ASN B 444 2.03 -1.63 -50.42
CA ASN B 444 2.42 -3.02 -50.63
C ASN B 444 3.72 -3.33 -49.89
N GLN B 445 3.94 -2.60 -48.79
CA GLN B 445 5.14 -2.75 -47.99
C GLN B 445 4.84 -2.89 -46.50
N CYS B 446 3.57 -2.95 -46.09
CA CYS B 446 3.20 -3.20 -44.71
C CYS B 446 2.59 -4.58 -44.58
N ALA B 447 2.79 -5.18 -43.43
CA ALA B 447 2.04 -6.37 -43.06
C ALA B 447 0.70 -5.96 -42.48
N ILE B 448 -0.36 -6.65 -42.89
CA ILE B 448 -1.71 -6.40 -42.40
C ILE B 448 -2.01 -7.48 -41.37
N VAL B 449 -2.29 -7.07 -40.14
CA VAL B 449 -2.59 -8.01 -39.06
C VAL B 449 -4.07 -7.89 -38.71
N ASP B 450 -4.83 -8.92 -39.01
CA ASP B 450 -6.24 -9.03 -38.64
C ASP B 450 -6.28 -9.67 -37.25
N THR B 451 -6.67 -8.90 -36.25
CA THR B 451 -6.59 -9.32 -34.84
C THR B 451 -7.96 -9.71 -34.33
N TYR B 452 -8.13 -10.99 -33.97
CA TYR B 452 -9.39 -11.49 -33.42
C TYR B 452 -9.27 -11.63 -31.91
N TRP B 453 -10.25 -11.10 -31.18
CA TRP B 453 -10.30 -11.26 -29.73
C TRP B 453 -11.59 -10.67 -29.22
N MET B 454 -11.79 -10.77 -27.92
CA MET B 454 -12.98 -10.25 -27.28
C MET B 454 -12.58 -9.49 -26.02
N THR B 455 -13.51 -8.68 -25.53
CA THR B 455 -13.36 -8.09 -24.22
C THR B 455 -12.95 -9.13 -23.19
N GLU B 456 -13.56 -10.33 -23.27
CA GLU B 456 -13.35 -11.38 -22.29
C GLU B 456 -12.03 -12.11 -22.45
N THR B 457 -11.34 -11.99 -23.58
CA THR B 457 -10.02 -12.60 -23.69
C THR B 457 -8.92 -11.68 -23.19
N GLY B 458 -9.21 -10.37 -23.03
CA GLY B 458 -8.24 -9.41 -22.56
C GLY B 458 -7.30 -8.89 -23.62
N SER B 459 -6.84 -9.78 -24.49
CA SER B 459 -5.83 -9.42 -25.45
C SER B 459 -6.03 -10.27 -26.70
N ILE B 460 -5.23 -9.96 -27.72
CA ILE B 460 -5.42 -10.52 -29.04
C ILE B 460 -5.27 -12.03 -28.99
N SER B 461 -6.25 -12.75 -29.53
CA SER B 461 -6.30 -14.21 -29.53
C SER B 461 -5.77 -14.86 -30.80
N ILE B 462 -6.15 -14.35 -31.96
CA ILE B 462 -5.74 -14.95 -33.23
C ILE B 462 -5.35 -13.80 -34.13
N ALA B 463 -4.11 -13.81 -34.62
CA ALA B 463 -3.62 -12.76 -35.49
C ALA B 463 -2.30 -13.22 -36.10
N PRO B 464 -1.91 -12.65 -37.22
CA PRO B 464 -0.60 -13.01 -37.79
C PRO B 464 0.52 -12.18 -37.20
N LEU B 465 1.65 -12.82 -36.93
CA LEU B 465 2.85 -12.12 -36.53
C LEU B 465 3.50 -11.54 -37.77
N PRO B 466 3.64 -10.21 -37.87
CA PRO B 466 3.91 -9.60 -39.18
C PRO B 466 5.24 -10.03 -39.78
N GLY B 467 6.22 -10.37 -38.95
CA GLY B 467 7.51 -10.78 -39.48
C GLY B 467 7.62 -12.24 -39.83
N ALA B 468 6.56 -13.04 -39.68
CA ALA B 468 6.67 -14.47 -39.86
C ALA B 468 5.54 -15.06 -40.70
N ILE B 469 4.36 -14.45 -40.70
CA ILE B 469 3.16 -15.07 -41.24
C ILE B 469 2.79 -14.43 -42.56
N SER B 470 2.58 -15.27 -43.57
CA SER B 470 2.11 -14.85 -44.87
C SER B 470 0.58 -14.81 -44.80
N THR B 471 0.01 -13.64 -45.07
CA THR B 471 -1.39 -13.39 -44.77
C THR B 471 -2.31 -13.77 -45.93
N LYS B 472 -3.61 -13.88 -45.61
CA LYS B 472 -4.70 -14.04 -46.56
C LYS B 472 -5.75 -12.98 -46.26
N PRO B 473 -6.29 -12.30 -47.27
CA PRO B 473 -7.32 -11.29 -47.02
C PRO B 473 -8.54 -11.87 -46.32
N GLY B 474 -8.84 -11.35 -45.13
CA GLY B 474 -10.03 -11.75 -44.40
C GLY B 474 -9.84 -12.85 -43.39
N SER B 475 -8.60 -13.24 -43.10
CA SER B 475 -8.27 -14.34 -42.20
C SER B 475 -7.49 -13.85 -40.98
N ALA B 476 -7.88 -14.34 -39.79
CA ALA B 476 -7.10 -14.06 -38.59
C ALA B 476 -5.81 -14.88 -38.53
N THR B 477 -5.74 -15.99 -39.27
CA THR B 477 -4.55 -16.85 -39.38
C THR B 477 -4.39 -17.74 -38.15
N PHE B 478 -3.36 -17.51 -37.35
CA PHE B 478 -2.99 -18.50 -36.33
C PHE B 478 -3.08 -17.93 -34.92
N PRO B 479 -3.32 -18.80 -33.93
CA PRO B 479 -3.52 -18.30 -32.57
C PRO B 479 -2.24 -17.77 -31.97
N PHE B 480 -2.40 -16.85 -31.02
CA PHE B 480 -1.28 -16.23 -30.35
C PHE B 480 -0.75 -17.15 -29.25
N PHE B 481 0.48 -16.86 -28.82
CA PHE B 481 1.09 -17.54 -27.70
C PHE B 481 0.12 -17.73 -26.54
N GLY B 482 0.08 -18.94 -26.00
CA GLY B 482 -0.82 -19.29 -24.93
C GLY B 482 -2.21 -19.68 -25.37
N MET B 483 -2.57 -19.45 -26.63
CA MET B 483 -3.90 -19.76 -27.13
C MET B 483 -3.86 -21.08 -27.88
N ASP B 484 -4.56 -22.05 -27.36
CA ASP B 484 -4.70 -23.39 -27.95
C ASP B 484 -6.17 -23.50 -28.31
N VAL B 485 -6.51 -23.22 -29.57
CA VAL B 485 -7.91 -23.13 -29.98
C VAL B 485 -8.31 -24.36 -30.78
N ASP B 486 -9.61 -24.61 -30.87
CA ASP B 486 -10.12 -25.73 -31.64
C ASP B 486 -11.48 -25.38 -32.23
N ILE B 487 -12.00 -26.30 -33.04
CA ILE B 487 -13.31 -26.17 -33.67
C ILE B 487 -14.20 -27.31 -33.17
N ILE B 488 -15.44 -26.96 -32.84
CA ILE B 488 -16.42 -27.93 -32.35
C ILE B 488 -17.64 -27.87 -33.27
N ASP B 489 -18.11 -29.04 -33.68
CA ASP B 489 -19.36 -29.14 -34.43
C ASP B 489 -20.51 -28.84 -33.49
N PRO B 490 -21.19 -27.70 -33.62
CA PRO B 490 -22.29 -27.40 -32.67
C PRO B 490 -23.42 -28.41 -32.75
N GLN B 491 -23.45 -29.27 -33.76
CA GLN B 491 -24.53 -30.24 -33.88
C GLN B 491 -24.24 -31.54 -33.16
N THR B 492 -22.96 -31.83 -32.88
CA THR B 492 -22.55 -33.01 -32.15
C THR B 492 -21.87 -32.71 -30.82
N GLY B 493 -21.46 -31.46 -30.58
CA GLY B 493 -20.74 -31.07 -29.37
C GLY B 493 -19.32 -31.57 -29.30
N GLN B 494 -18.80 -32.15 -30.38
CA GLN B 494 -17.49 -32.78 -30.41
C GLN B 494 -16.50 -31.98 -31.24
N VAL B 495 -15.22 -32.19 -30.94
CA VAL B 495 -14.11 -31.51 -31.60
C VAL B 495 -13.87 -32.14 -32.97
N LEU B 496 -13.76 -31.29 -33.99
CA LEU B 496 -13.43 -31.69 -35.35
C LEU B 496 -11.92 -31.72 -35.52
N GLU B 497 -11.34 -32.92 -35.65
CA GLU B 497 -9.91 -33.04 -35.84
C GLU B 497 -9.52 -32.61 -37.24
N GLY B 498 -8.34 -32.01 -37.35
CA GLY B 498 -7.78 -31.74 -38.66
C GLY B 498 -8.13 -30.38 -39.21
N ASN B 499 -7.87 -30.24 -40.51
CA ASN B 499 -8.10 -28.99 -41.23
C ASN B 499 -9.29 -29.11 -42.16
N ASP B 500 -9.66 -27.97 -42.72
CA ASP B 500 -10.81 -27.84 -43.62
C ASP B 500 -12.10 -28.25 -42.90
N VAL B 501 -12.25 -27.73 -41.68
CA VAL B 501 -13.41 -27.99 -40.83
C VAL B 501 -14.01 -26.65 -40.41
N GLU B 502 -15.29 -26.71 -40.05
CA GLU B 502 -16.05 -25.51 -39.72
C GLU B 502 -16.98 -25.82 -38.55
N GLY B 503 -17.13 -24.85 -37.65
CA GLY B 503 -18.02 -24.97 -36.52
C GLY B 503 -17.95 -23.77 -35.61
N VAL B 504 -17.84 -23.98 -34.30
CA VAL B 504 -17.71 -22.88 -33.36
C VAL B 504 -16.33 -22.94 -32.73
N LEU B 505 -15.80 -21.77 -32.44
CA LEU B 505 -14.46 -21.64 -31.87
C LEU B 505 -14.50 -21.80 -30.34
N VAL B 506 -13.50 -22.53 -29.83
CA VAL B 506 -13.34 -22.78 -28.40
C VAL B 506 -11.84 -22.77 -28.10
N ALA B 507 -11.49 -22.44 -26.85
CA ALA B 507 -10.13 -22.53 -26.35
C ALA B 507 -10.03 -23.71 -25.40
N ARG B 508 -8.90 -24.40 -25.45
CA ARG B 508 -8.73 -25.64 -24.69
C ARG B 508 -8.22 -25.42 -23.27
N ARG B 509 -7.48 -24.34 -23.03
CA ARG B 509 -6.86 -24.04 -21.74
C ARG B 509 -6.90 -22.55 -21.43
N PRO B 510 -6.90 -22.18 -20.14
CA PRO B 510 -6.85 -20.75 -19.81
C PRO B 510 -5.55 -20.12 -20.29
N TRP B 511 -5.63 -18.83 -20.57
CA TRP B 511 -4.47 -18.01 -20.90
C TRP B 511 -4.41 -16.87 -19.89
N PRO B 512 -3.25 -16.21 -19.78
CA PRO B 512 -3.06 -15.28 -18.64
C PRO B 512 -4.05 -14.13 -18.60
N SER B 513 -4.49 -13.61 -19.75
CA SER B 513 -5.29 -12.39 -19.77
C SER B 513 -6.79 -12.68 -19.78
N ILE B 514 -7.20 -13.90 -19.48
CA ILE B 514 -8.61 -14.22 -19.54
C ILE B 514 -9.35 -13.46 -18.45
N ALA B 515 -10.53 -12.95 -18.78
CA ALA B 515 -11.37 -12.34 -17.77
C ALA B 515 -11.62 -13.36 -16.66
N ARG B 516 -11.63 -12.88 -15.42
CA ARG B 516 -11.69 -13.75 -14.26
C ARG B 516 -13.10 -13.95 -13.73
N THR B 517 -14.02 -13.06 -14.07
CA THR B 517 -15.40 -13.17 -13.64
C THR B 517 -16.23 -12.13 -14.38
N VAL B 518 -17.52 -12.15 -14.12
CA VAL B 518 -18.43 -11.04 -14.37
C VAL B 518 -18.79 -10.47 -13.01
N TYR B 519 -18.62 -9.16 -12.85
CA TYR B 519 -18.68 -8.51 -11.54
C TYR B 519 -19.96 -8.85 -10.80
N ARG B 520 -19.79 -9.48 -9.64
CA ARG B 520 -20.91 -9.89 -8.79
C ARG B 520 -21.91 -10.79 -9.51
N ASP B 521 -21.51 -11.47 -10.59
CA ASP B 521 -22.42 -12.34 -11.32
C ASP B 521 -21.63 -13.50 -11.94
N HIS B 522 -20.86 -14.19 -11.10
CA HIS B 522 -20.04 -15.29 -11.59
C HIS B 522 -20.85 -16.37 -12.30
N LYS B 523 -22.13 -16.54 -11.92
CA LYS B 523 -22.97 -17.52 -12.61
C LYS B 523 -23.14 -17.17 -14.08
N ARG B 524 -23.39 -15.90 -14.39
CA ARG B 524 -23.49 -15.47 -15.79
C ARG B 524 -22.20 -15.74 -16.54
N TYR B 525 -21.06 -15.62 -15.85
CA TYR B 525 -19.76 -15.92 -16.43
C TYR B 525 -19.65 -17.41 -16.77
N LEU B 526 -19.98 -18.30 -15.84
CA LEU B 526 -19.84 -19.72 -16.10
C LEU B 526 -20.83 -20.19 -17.17
N GLU B 527 -22.10 -19.79 -17.04
CA GLU B 527 -23.11 -20.23 -17.98
C GLU B 527 -22.83 -19.74 -19.39
N THR B 528 -22.22 -18.56 -19.54
CA THR B 528 -22.03 -17.97 -20.85
C THR B 528 -20.80 -18.52 -21.57
N TYR B 529 -19.72 -18.80 -20.83
CA TYR B 529 -18.45 -19.14 -21.45
C TYR B 529 -17.91 -20.52 -21.10
N MET B 530 -18.39 -21.15 -20.03
CA MET B 530 -17.80 -22.37 -19.53
C MET B 530 -18.72 -23.58 -19.56
N LYS B 531 -20.05 -23.38 -19.54
CA LYS B 531 -21.05 -24.44 -19.57
C LYS B 531 -21.37 -24.93 -20.98
N PRO B 532 -21.47 -24.05 -22.00
CA PRO B 532 -21.96 -24.54 -23.31
C PRO B 532 -21.17 -25.70 -23.88
N TYR B 533 -19.85 -25.72 -23.76
CA TYR B 533 -19.03 -26.85 -24.17
C TYR B 533 -18.10 -27.18 -23.01
N PRO B 534 -18.55 -28.01 -22.06
CA PRO B 534 -17.74 -28.29 -20.87
C PRO B 534 -16.37 -28.82 -21.24
N GLY B 535 -15.37 -28.34 -20.50
CA GLY B 535 -13.98 -28.56 -20.79
C GLY B 535 -13.30 -27.42 -21.52
N TYR B 536 -14.05 -26.49 -22.12
CA TYR B 536 -13.48 -25.47 -22.98
C TYR B 536 -14.06 -24.10 -22.64
N PHE B 537 -13.43 -23.06 -23.20
CA PHE B 537 -13.97 -21.70 -23.24
C PHE B 537 -14.67 -21.48 -24.58
N PHE B 538 -15.90 -20.95 -24.52
CA PHE B 538 -16.74 -20.74 -25.70
C PHE B 538 -16.74 -19.25 -26.07
N PHE B 539 -16.06 -18.92 -27.19
CA PHE B 539 -15.99 -17.53 -27.64
C PHE B 539 -17.36 -16.97 -28.03
N GLY B 540 -18.18 -17.78 -28.69
CA GLY B 540 -19.45 -17.33 -29.22
C GLY B 540 -19.47 -17.05 -30.71
N ASP B 541 -18.42 -17.42 -31.42
CA ASP B 541 -18.27 -17.11 -32.83
C ASP B 541 -18.13 -18.39 -33.64
N GLY B 542 -18.78 -18.42 -34.79
CA GLY B 542 -18.48 -19.45 -35.77
C GLY B 542 -17.11 -19.25 -36.37
N ALA B 543 -16.46 -20.36 -36.68
CA ALA B 543 -15.10 -20.29 -37.22
C ALA B 543 -14.85 -21.51 -38.09
N ALA B 544 -13.81 -21.40 -38.91
CA ALA B 544 -13.42 -22.49 -39.78
C ALA B 544 -11.90 -22.48 -39.92
N ARG B 545 -11.31 -23.67 -39.99
CA ARG B 545 -9.88 -23.83 -40.15
C ARG B 545 -9.64 -24.45 -41.53
N ASP B 546 -9.07 -23.67 -42.46
CA ASP B 546 -8.98 -24.08 -43.85
C ASP B 546 -7.83 -25.08 -44.06
N TYR B 547 -7.66 -25.52 -45.31
CA TYR B 547 -6.71 -26.58 -45.60
C TYR B 547 -5.29 -26.21 -45.20
N ASP B 548 -4.97 -24.92 -45.17
CA ASP B 548 -3.64 -24.46 -44.76
C ASP B 548 -3.52 -24.27 -43.24
N GLY B 549 -4.57 -24.54 -42.48
CA GLY B 549 -4.56 -24.30 -41.05
C GLY B 549 -4.97 -22.90 -40.63
N TYR B 550 -5.19 -22.00 -41.58
CA TYR B 550 -5.61 -20.64 -41.28
C TYR B 550 -7.01 -20.61 -40.70
N MET B 551 -7.20 -19.75 -39.71
CA MET B 551 -8.48 -19.60 -39.05
C MET B 551 -9.29 -18.48 -39.68
N TRP B 552 -10.59 -18.70 -39.79
CA TRP B 552 -11.53 -17.74 -40.37
C TRP B 552 -12.68 -17.56 -39.39
N ILE B 553 -12.89 -16.33 -38.94
CA ILE B 553 -13.96 -16.00 -38.01
C ILE B 553 -15.12 -15.43 -38.81
N LYS B 554 -16.27 -16.09 -38.75
CA LYS B 554 -17.36 -15.80 -39.65
C LYS B 554 -18.55 -15.09 -39.01
N GLY B 555 -18.54 -14.87 -37.70
CA GLY B 555 -19.59 -14.11 -37.06
C GLY B 555 -20.17 -14.82 -35.87
N ARG B 556 -21.11 -14.14 -35.21
CA ARG B 556 -21.71 -14.67 -34.01
C ARG B 556 -22.54 -15.91 -34.32
N VAL B 557 -22.51 -16.88 -33.40
CA VAL B 557 -23.37 -18.05 -33.53
C VAL B 557 -24.84 -17.65 -33.44
N ASP B 558 -25.15 -16.66 -32.61
CA ASP B 558 -26.53 -16.17 -32.47
C ASP B 558 -27.02 -15.43 -33.72
N ASP B 559 -26.14 -15.16 -34.69
CA ASP B 559 -26.53 -14.52 -35.93
C ASP B 559 -26.59 -15.50 -37.10
N VAL B 560 -26.29 -16.78 -36.85
CA VAL B 560 -26.37 -17.79 -37.89
C VAL B 560 -27.81 -17.95 -38.33
N ILE B 561 -28.02 -18.15 -39.63
CA ILE B 561 -29.34 -18.37 -40.20
C ILE B 561 -29.35 -19.76 -40.82
N ASN B 562 -30.37 -20.54 -40.50
CA ASN B 562 -30.46 -21.93 -40.93
C ASN B 562 -31.63 -22.03 -41.91
N VAL B 563 -31.31 -22.22 -43.19
CA VAL B 563 -32.29 -22.26 -44.26
C VAL B 563 -32.26 -23.66 -44.86
N SER B 564 -33.35 -24.40 -44.67
CA SER B 564 -33.49 -25.76 -45.22
C SER B 564 -32.30 -26.64 -44.85
N GLY B 565 -31.82 -26.51 -43.61
CA GLY B 565 -30.73 -27.30 -43.12
C GLY B 565 -29.34 -26.75 -43.40
N HIS B 566 -29.23 -25.64 -44.12
CA HIS B 566 -27.94 -25.00 -44.38
C HIS B 566 -27.78 -23.83 -43.42
N ARG B 567 -26.89 -23.99 -42.43
CA ARG B 567 -26.58 -22.92 -41.50
C ARG B 567 -25.66 -21.92 -42.19
N LEU B 568 -26.11 -20.66 -42.30
CA LEU B 568 -25.40 -19.62 -43.01
C LEU B 568 -24.85 -18.60 -42.03
N SER B 569 -23.61 -18.17 -42.25
CA SER B 569 -23.01 -17.12 -41.44
C SER B 569 -23.37 -15.75 -42.03
N THR B 570 -23.48 -14.76 -41.14
CA THR B 570 -23.75 -13.40 -41.60
C THR B 570 -22.56 -12.81 -42.36
N ALA B 571 -21.35 -13.31 -42.14
CA ALA B 571 -20.18 -12.73 -42.80
C ALA B 571 -20.13 -13.10 -44.28
N GLU B 572 -20.52 -14.33 -44.63
CA GLU B 572 -20.38 -14.75 -46.02
C GLU B 572 -21.43 -14.11 -46.91
N VAL B 573 -22.66 -13.95 -46.40
CA VAL B 573 -23.71 -13.32 -47.20
C VAL B 573 -23.44 -11.83 -47.35
N GLU B 574 -22.91 -11.19 -46.29
CA GLU B 574 -22.63 -9.76 -46.34
C GLU B 574 -21.40 -9.45 -47.17
N SER B 575 -20.45 -10.38 -47.26
CA SER B 575 -19.28 -10.18 -48.12
C SER B 575 -19.66 -10.30 -49.59
N ALA B 576 -20.55 -11.23 -49.92
CA ALA B 576 -20.98 -11.38 -51.32
C ALA B 576 -21.78 -10.17 -51.79
N LEU B 577 -22.59 -9.59 -50.88
CA LEU B 577 -23.36 -8.42 -51.24
C LEU B 577 -22.47 -7.23 -51.57
N ILE B 578 -21.42 -7.01 -50.76
CA ILE B 578 -20.57 -5.83 -50.92
C ILE B 578 -19.75 -5.91 -52.18
N LEU B 579 -19.82 -7.02 -52.91
CA LEU B 579 -19.16 -7.09 -54.21
C LEU B 579 -19.96 -6.41 -55.30
N HIS B 580 -21.23 -6.06 -55.07
CA HIS B 580 -22.05 -5.40 -56.08
C HIS B 580 -21.84 -3.90 -56.01
N LYS B 581 -21.72 -3.27 -57.19
CA LYS B 581 -21.46 -1.84 -57.27
C LYS B 581 -22.45 -1.04 -56.43
N GLY B 582 -21.94 -0.05 -55.70
CA GLY B 582 -22.78 0.85 -54.97
C GLY B 582 -23.09 0.44 -53.56
N VAL B 583 -22.80 -0.81 -53.19
CA VAL B 583 -23.09 -1.29 -51.84
C VAL B 583 -22.00 -0.78 -50.90
N ALA B 584 -22.43 -0.18 -49.79
CA ALA B 584 -21.53 0.31 -48.76
C ALA B 584 -21.44 -0.64 -47.59
N GLU B 585 -22.58 -1.05 -47.05
CA GLU B 585 -22.61 -1.90 -45.86
C GLU B 585 -23.93 -2.65 -45.84
N THR B 586 -23.90 -3.88 -45.32
CA THR B 586 -25.09 -4.73 -45.28
C THR B 586 -25.17 -5.44 -43.94
N ALA B 587 -26.36 -5.96 -43.65
CA ALA B 587 -26.62 -6.78 -42.48
C ALA B 587 -27.75 -7.75 -42.81
N VAL B 588 -27.52 -9.04 -42.64
CA VAL B 588 -28.52 -10.07 -42.89
C VAL B 588 -28.95 -10.67 -41.56
N VAL B 589 -30.26 -10.86 -41.40
CA VAL B 589 -30.84 -11.49 -40.22
C VAL B 589 -31.88 -12.51 -40.68
N GLY B 590 -32.16 -13.45 -39.79
CA GLY B 590 -33.09 -14.54 -40.08
C GLY B 590 -34.46 -14.33 -39.45
N CYS B 591 -35.50 -14.67 -40.20
CA CYS B 591 -36.87 -14.70 -39.70
C CYS B 591 -37.49 -16.04 -40.09
N ALA B 592 -38.38 -16.54 -39.24
CA ALA B 592 -38.95 -17.87 -39.46
C ALA B 592 -39.69 -17.95 -40.79
N ASP B 593 -39.57 -19.11 -41.45
CA ASP B 593 -40.20 -19.37 -42.73
C ASP B 593 -40.79 -20.78 -42.71
N ASP B 594 -42.06 -20.91 -43.09
CA ASP B 594 -42.77 -22.17 -42.95
C ASP B 594 -42.25 -23.27 -43.88
N LEU B 595 -41.56 -22.91 -44.96
CA LEU B 595 -41.10 -23.89 -45.93
C LEU B 595 -39.59 -24.13 -45.90
N THR B 596 -38.82 -23.20 -45.30
CA THR B 596 -37.38 -23.34 -45.20
C THR B 596 -36.87 -23.12 -43.77
N GLY B 597 -37.76 -23.14 -42.78
CA GLY B 597 -37.37 -22.91 -41.40
C GLY B 597 -37.09 -21.45 -41.11
N GLN B 598 -36.01 -20.93 -41.68
CA GLN B 598 -35.68 -19.51 -41.64
C GLN B 598 -35.40 -19.05 -43.05
N ALA B 599 -35.35 -17.73 -43.23
CA ALA B 599 -35.01 -17.14 -44.52
C ALA B 599 -34.08 -15.97 -44.28
N VAL B 600 -33.15 -15.77 -45.22
CA VAL B 600 -32.17 -14.69 -45.12
C VAL B 600 -32.83 -13.40 -45.60
N TYR B 601 -32.85 -12.39 -44.72
CA TYR B 601 -33.28 -11.05 -45.07
C TYR B 601 -32.09 -10.11 -44.96
N ALA B 602 -31.81 -9.37 -46.03
CA ALA B 602 -30.64 -8.50 -46.10
C ALA B 602 -31.09 -7.04 -46.07
N PHE B 603 -30.47 -6.26 -45.21
CA PHE B 603 -30.69 -4.81 -45.13
C PHE B 603 -29.46 -4.14 -45.72
N VAL B 604 -29.65 -3.38 -46.80
CA VAL B 604 -28.55 -2.91 -47.61
C VAL B 604 -28.47 -1.39 -47.56
N THR B 605 -27.24 -0.89 -47.47
CA THR B 605 -26.93 0.54 -47.51
C THR B 605 -26.12 0.81 -48.77
N MET B 606 -26.44 1.89 -49.46
CA MET B 606 -25.79 2.22 -50.72
C MET B 606 -24.88 3.44 -50.55
N LYS B 607 -23.94 3.58 -51.47
CA LYS B 607 -23.07 4.75 -51.47
C LYS B 607 -23.85 5.99 -51.86
N PRO B 608 -23.43 7.17 -51.40
CA PRO B 608 -24.21 8.38 -51.69
C PRO B 608 -24.38 8.69 -53.17
N GLU B 609 -23.35 8.49 -54.00
CA GLU B 609 -23.47 8.88 -55.40
C GLU B 609 -24.39 7.94 -56.18
N PHE B 610 -24.61 6.71 -55.70
CA PHE B 610 -25.38 5.73 -56.45
C PHE B 610 -26.77 6.24 -56.79
N ASP B 611 -27.16 6.05 -58.06
CA ASP B 611 -28.45 6.52 -58.56
C ASP B 611 -29.46 5.40 -58.35
N LEU B 612 -30.41 5.62 -57.44
CA LEU B 612 -31.46 4.65 -57.17
C LEU B 612 -32.58 4.69 -58.21
N LYS B 613 -32.65 5.73 -59.03
CA LYS B 613 -33.66 5.77 -60.08
C LYS B 613 -33.23 4.95 -61.29
N ALA B 614 -31.98 5.12 -61.73
CA ALA B 614 -31.47 4.34 -62.84
C ALA B 614 -31.59 2.85 -62.54
N THR B 615 -31.06 2.44 -61.39
CA THR B 615 -31.16 1.08 -60.90
C THR B 615 -32.34 1.07 -59.91
N LYS B 616 -33.52 0.70 -60.40
CA LYS B 616 -34.72 0.67 -59.58
C LYS B 616 -34.50 -0.22 -58.34
N GLU B 617 -35.22 0.11 -57.26
CA GLU B 617 -35.06 -0.68 -56.04
C GLU B 617 -35.46 -2.14 -56.29
N ALA B 618 -36.44 -2.38 -57.15
CA ALA B 618 -36.82 -3.75 -57.48
C ALA B 618 -35.76 -4.40 -58.36
N ASP B 619 -35.15 -3.62 -59.25
CA ASP B 619 -34.08 -4.16 -60.09
C ASP B 619 -32.81 -4.40 -59.29
N LEU B 620 -32.50 -3.48 -58.36
CA LEU B 620 -31.32 -3.64 -57.52
C LEU B 620 -31.39 -4.96 -56.72
N SER B 621 -32.54 -5.24 -56.11
CA SER B 621 -32.71 -6.48 -55.36
C SER B 621 -32.50 -7.70 -56.25
N LYS B 622 -33.00 -7.65 -57.50
CA LYS B 622 -32.82 -8.79 -58.39
C LYS B 622 -31.34 -9.06 -58.63
N GLU B 623 -30.57 -8.00 -58.91
CA GLU B 623 -29.14 -8.16 -59.12
C GLU B 623 -28.43 -8.69 -57.88
N LEU B 624 -28.84 -8.22 -56.69
CA LEU B 624 -28.20 -8.66 -55.46
C LEU B 624 -28.47 -10.14 -55.19
N ALA B 625 -29.73 -10.56 -55.33
CA ALA B 625 -30.07 -11.97 -55.09
C ALA B 625 -29.34 -12.89 -56.06
N ILE B 626 -29.10 -12.43 -57.29
CA ILE B 626 -28.33 -13.21 -58.25
C ILE B 626 -26.86 -13.25 -57.85
N GLN B 627 -26.34 -12.13 -57.31
CA GLN B 627 -24.97 -12.11 -56.84
C GLN B 627 -24.76 -13.13 -55.73
N VAL B 628 -25.65 -13.13 -54.73
CA VAL B 628 -25.49 -14.05 -53.61
C VAL B 628 -25.65 -15.49 -54.08
N ARG B 629 -26.67 -15.77 -54.90
CA ARG B 629 -26.85 -17.11 -55.44
C ARG B 629 -25.62 -17.58 -56.21
N LYS B 630 -25.01 -16.68 -57.00
CA LYS B 630 -23.86 -17.06 -57.80
C LYS B 630 -22.63 -17.31 -56.91
N VAL B 631 -22.45 -16.47 -55.89
CA VAL B 631 -21.23 -16.52 -55.09
C VAL B 631 -21.33 -17.56 -53.96
N ILE B 632 -22.51 -17.76 -53.39
CA ILE B 632 -22.71 -18.71 -52.28
C ILE B 632 -23.52 -19.91 -52.74
N GLY B 633 -24.75 -19.67 -53.21
CA GLY B 633 -25.61 -20.72 -53.71
C GLY B 633 -27.07 -20.33 -53.58
N PRO B 634 -27.95 -21.05 -54.28
CA PRO B 634 -29.37 -20.70 -54.24
C PRO B 634 -29.93 -20.71 -52.83
N PHE B 635 -29.43 -21.62 -51.98
CA PHE B 635 -29.90 -21.69 -50.60
C PHE B 635 -29.68 -20.39 -49.84
N ALA B 636 -28.74 -19.56 -50.28
CA ALA B 636 -28.38 -18.32 -49.59
C ALA B 636 -29.06 -17.08 -50.16
N ALA B 637 -29.75 -17.20 -51.28
CA ALA B 637 -30.40 -16.04 -51.89
C ALA B 637 -31.34 -15.38 -50.89
N PRO B 638 -31.20 -14.08 -50.62
CA PRO B 638 -32.12 -13.43 -49.68
C PRO B 638 -33.56 -13.51 -50.15
N LYS B 639 -34.46 -13.82 -49.22
CA LYS B 639 -35.89 -13.82 -49.53
C LYS B 639 -36.41 -12.40 -49.72
N LYS B 640 -35.88 -11.44 -48.97
CA LYS B 640 -36.27 -10.04 -49.11
C LYS B 640 -35.07 -9.16 -48.80
N ILE B 641 -34.95 -8.07 -49.56
CA ILE B 641 -33.84 -7.13 -49.41
C ILE B 641 -34.45 -5.74 -49.20
N TYR B 642 -34.10 -5.09 -48.11
CA TYR B 642 -34.63 -3.78 -47.78
C TYR B 642 -33.56 -2.72 -47.95
N LEU B 647 -28.00 1.61 -41.04
CA LEU B 647 -28.09 0.38 -40.25
C LEU B 647 -28.03 0.70 -38.75
N PRO B 648 -28.96 0.16 -37.96
CA PRO B 648 -28.92 0.38 -36.50
C PRO B 648 -27.60 -0.09 -35.93
N LYS B 649 -26.78 0.84 -35.43
CA LYS B 649 -25.47 0.51 -34.90
C LYS B 649 -25.28 1.13 -33.53
N THR B 650 -24.66 0.38 -32.63
CA THR B 650 -24.31 0.88 -31.30
C THR B 650 -23.21 1.94 -31.43
N ARG B 651 -22.80 2.49 -30.29
CA ARG B 651 -21.70 3.46 -30.31
C ARG B 651 -20.36 2.80 -30.61
N SER B 652 -20.22 1.52 -30.26
CA SER B 652 -18.99 0.76 -30.50
C SER B 652 -18.76 0.44 -31.97
N GLY B 653 -19.68 0.80 -32.87
CA GLY B 653 -19.55 0.50 -34.28
C GLY B 653 -20.18 -0.80 -34.73
N LYS B 654 -20.82 -1.54 -33.83
CA LYS B 654 -21.40 -2.83 -34.16
C LYS B 654 -22.82 -2.64 -34.69
N ILE B 655 -23.20 -3.47 -35.67
CA ILE B 655 -24.55 -3.41 -36.24
C ILE B 655 -25.50 -4.18 -35.35
N MET B 656 -26.56 -3.52 -34.89
CA MET B 656 -27.55 -4.11 -33.99
C MET B 656 -28.44 -5.05 -34.81
N ARG B 657 -27.93 -6.26 -35.04
CA ARG B 657 -28.69 -7.27 -35.79
C ARG B 657 -29.85 -7.83 -34.99
N ARG B 658 -29.83 -7.70 -33.67
CA ARG B 658 -30.98 -8.16 -32.89
C ARG B 658 -32.18 -7.26 -33.10
N VAL B 659 -31.95 -5.98 -33.45
CA VAL B 659 -33.05 -5.07 -33.74
C VAL B 659 -33.66 -5.39 -35.10
N LEU B 660 -32.82 -5.65 -36.11
CA LEU B 660 -33.35 -5.99 -37.44
C LEU B 660 -34.12 -7.30 -37.41
N ARG B 661 -33.72 -8.25 -36.56
CA ARG B 661 -34.40 -9.55 -36.51
C ARG B 661 -35.79 -9.44 -35.89
N LYS B 662 -35.94 -8.70 -34.79
CA LYS B 662 -37.23 -8.60 -34.12
C LYS B 662 -38.22 -7.75 -34.93
N ILE B 663 -37.73 -6.70 -35.59
CA ILE B 663 -38.63 -5.85 -36.37
C ILE B 663 -39.26 -6.66 -37.51
N VAL B 664 -38.43 -7.44 -38.20
CA VAL B 664 -38.94 -8.28 -39.29
C VAL B 664 -40.01 -9.23 -38.78
N ALA B 665 -39.92 -9.66 -37.51
CA ALA B 665 -40.97 -10.52 -36.98
C ALA B 665 -42.23 -9.72 -36.64
N GLY B 666 -42.06 -8.48 -36.19
CA GLY B 666 -43.16 -7.62 -35.86
C GLY B 666 -43.30 -7.47 -34.35
N GLU B 667 -42.23 -7.03 -33.71
CA GLU B 667 -42.18 -6.82 -32.26
C GLU B 667 -41.82 -5.38 -31.94
N GLY B 668 -42.40 -4.44 -32.69
CA GLY B 668 -42.15 -3.02 -32.46
C GLY B 668 -40.73 -2.62 -32.79
N ARG C 53 3.47 -49.85 7.89
CA ARG C 53 3.56 -48.79 8.89
C ARG C 53 4.76 -47.87 8.63
N PRO C 54 4.52 -46.56 8.49
CA PRO C 54 5.64 -45.62 8.32
C PRO C 54 6.42 -45.42 9.62
N LYS C 55 7.72 -45.18 9.47
CA LYS C 55 8.59 -45.03 10.63
C LYS C 55 8.27 -43.73 11.37
N PRO C 56 8.07 -43.77 12.69
CA PRO C 56 7.85 -42.52 13.43
C PRO C 56 9.03 -41.56 13.30
N HIS C 57 8.71 -40.28 13.36
CA HIS C 57 9.73 -39.25 13.13
C HIS C 57 10.76 -39.24 14.26
N ILE C 58 10.32 -39.33 15.51
CA ILE C 58 11.19 -39.36 16.68
C ILE C 58 11.19 -40.79 17.23
N GLY C 59 12.39 -41.37 17.35
CA GLY C 59 12.55 -42.70 17.91
C GLY C 59 14.00 -43.16 17.95
N PRO C 60 14.25 -44.40 18.43
CA PRO C 60 13.31 -45.35 19.04
C PRO C 60 13.31 -45.32 20.56
N ASN C 61 14.34 -44.76 21.19
CA ASN C 61 14.48 -44.68 22.64
C ASN C 61 14.35 -43.23 23.10
N TYR C 62 14.70 -43.00 24.37
CA TYR C 62 14.63 -41.64 24.91
C TYR C 62 15.78 -40.78 24.43
N GLU C 63 16.98 -41.35 24.29
CA GLU C 63 18.13 -40.57 23.85
C GLU C 63 17.89 -39.93 22.48
N SER C 64 16.92 -40.44 21.72
CA SER C 64 16.50 -39.77 20.51
C SER C 64 15.57 -38.60 20.81
N TYR C 65 14.74 -38.73 21.85
CA TYR C 65 13.85 -37.65 22.28
C TYR C 65 14.54 -36.67 23.23
N VAL C 66 15.71 -37.00 23.77
CA VAL C 66 16.48 -36.01 24.49
C VAL C 66 17.34 -35.19 23.54
N LYS C 67 17.95 -35.84 22.54
CA LYS C 67 18.74 -35.10 21.57
C LYS C 67 17.87 -34.06 20.85
N GLU C 68 16.58 -34.33 20.72
CA GLU C 68 15.68 -33.40 20.04
C GLU C 68 15.08 -32.37 20.99
N TRP C 69 14.42 -32.83 22.08
CA TRP C 69 13.79 -31.89 23.01
C TRP C 69 14.80 -30.92 23.59
N ALA C 70 16.08 -31.32 23.65
CA ALA C 70 17.12 -30.43 24.14
C ALA C 70 17.31 -29.23 23.23
N LYS C 71 16.79 -29.28 22.00
CA LYS C 71 16.95 -28.19 21.05
C LYS C 71 15.82 -27.18 21.12
N THR C 72 14.62 -27.59 21.54
CA THR C 72 13.46 -26.70 21.58
C THR C 72 13.46 -25.80 22.82
N VAL C 73 14.36 -26.05 23.79
CA VAL C 73 14.53 -25.21 24.97
C VAL C 73 16.01 -24.89 25.10
N GLY C 74 16.31 -23.86 25.89
CA GLY C 74 17.69 -23.53 26.24
C GLY C 74 18.21 -22.25 25.60
N PRO C 75 19.54 -22.16 25.43
CA PRO C 75 20.12 -20.97 24.80
C PRO C 75 20.03 -20.98 23.29
N ASN C 76 20.30 -22.13 22.66
CA ASN C 76 20.11 -22.29 21.23
C ASN C 76 18.70 -22.75 20.87
N SER C 77 17.72 -22.50 21.76
CA SER C 77 16.33 -22.76 21.44
C SER C 77 15.91 -22.05 20.16
N ASP C 78 16.53 -20.92 19.84
CA ASP C 78 16.15 -20.18 18.64
C ASP C 78 16.52 -20.93 17.36
N GLU C 79 17.78 -21.36 17.24
CA GLU C 79 18.25 -21.95 15.99
C GLU C 79 17.34 -23.07 15.51
N TRP C 80 16.78 -23.84 16.44
CA TRP C 80 15.90 -24.93 16.06
C TRP C 80 14.54 -24.41 15.60
N TRP C 81 13.92 -23.53 16.39
CA TRP C 81 12.62 -22.99 16.01
C TRP C 81 12.70 -22.20 14.72
N ALA C 82 13.87 -21.65 14.39
CA ALA C 82 14.01 -20.95 13.12
C ALA C 82 14.02 -21.93 11.95
N ALA C 83 14.71 -23.07 12.08
CA ALA C 83 14.70 -24.05 11.02
C ALA C 83 13.30 -24.62 10.81
N LYS C 84 12.64 -25.03 11.89
CA LYS C 84 11.31 -25.61 11.76
C LYS C 84 10.33 -24.62 11.16
N ALA C 85 10.45 -23.34 11.56
CA ALA C 85 9.53 -22.31 11.06
C ALA C 85 9.63 -22.17 9.55
N ARG C 86 10.85 -22.25 9.02
CA ARG C 86 11.03 -22.12 7.58
C ARG C 86 10.66 -23.41 6.84
N GLU C 87 10.79 -24.56 7.52
CA GLU C 87 10.55 -25.86 6.91
C GLU C 87 9.07 -26.20 6.90
N THR C 88 8.36 -25.87 7.99
CA THR C 88 6.96 -26.24 8.14
C THR C 88 6.04 -25.35 7.31
N LEU C 89 6.17 -24.03 7.46
CA LEU C 89 5.24 -23.11 6.83
C LEU C 89 5.86 -22.40 5.63
N ASP C 90 4.97 -21.94 4.73
CA ASP C 90 5.33 -21.08 3.60
C ASP C 90 5.19 -19.63 4.00
N TRP C 91 6.22 -18.83 3.76
CA TRP C 91 6.22 -17.42 4.09
C TRP C 91 6.19 -16.56 2.83
N TYR C 92 5.41 -15.48 2.86
CA TYR C 92 5.55 -14.47 1.82
C TYR C 92 6.79 -13.60 2.04
N ASP C 93 7.14 -13.34 3.30
CA ASP C 93 8.34 -12.61 3.69
C ASP C 93 9.05 -13.33 4.83
N ASP C 94 10.38 -13.38 4.75
CA ASP C 94 11.15 -14.06 5.77
C ASP C 94 11.10 -13.26 7.07
N PHE C 95 11.47 -13.92 8.16
CA PHE C 95 11.53 -13.34 9.49
C PHE C 95 12.99 -13.22 9.89
N LYS C 96 13.30 -12.17 10.65
CA LYS C 96 14.65 -11.92 11.13
C LYS C 96 14.82 -12.35 12.59
N THR C 97 13.90 -11.97 13.46
CA THR C 97 13.98 -12.28 14.88
C THR C 97 13.14 -13.50 15.20
N VAL C 98 13.71 -14.45 15.95
CA VAL C 98 13.00 -15.67 16.29
C VAL C 98 11.95 -15.39 17.35
N ARG C 99 12.38 -14.91 18.51
CA ARG C 99 11.51 -14.67 19.65
C ARG C 99 11.93 -13.38 20.34
N ALA C 100 10.96 -12.72 20.95
CA ALA C 100 11.22 -11.57 21.82
C ALA C 100 10.10 -11.50 22.85
N GLY C 101 10.24 -10.59 23.79
CA GLY C 101 9.24 -10.41 24.83
C GLY C 101 9.23 -11.55 25.84
N GLY C 102 8.28 -11.44 26.77
CA GLY C 102 8.16 -12.39 27.85
C GLY C 102 6.83 -12.27 28.54
N PHE C 103 6.67 -13.03 29.64
CA PHE C 103 5.39 -13.07 30.32
C PHE C 103 5.13 -11.79 31.10
N GLU C 104 6.19 -11.18 31.65
CA GLU C 104 6.08 -10.02 32.53
C GLU C 104 5.03 -9.04 32.07
N HIS C 105 5.29 -8.33 30.96
CA HIS C 105 4.38 -7.31 30.45
C HIS C 105 3.42 -7.82 29.39
N GLY C 106 3.52 -9.10 29.00
CA GLY C 106 2.62 -9.65 28.00
C GLY C 106 2.89 -9.08 26.62
N ASP C 107 4.14 -9.20 26.17
CA ASP C 107 4.59 -8.70 24.88
C ASP C 107 5.22 -9.81 24.06
N VAL C 108 4.63 -11.00 24.12
CA VAL C 108 5.25 -12.14 23.44
C VAL C 108 5.24 -11.90 21.94
N GLN C 109 6.39 -12.20 21.30
CA GLN C 109 6.57 -12.05 19.87
C GLN C 109 7.31 -13.26 19.34
N TRP C 110 6.87 -13.74 18.17
CA TRP C 110 7.54 -14.85 17.49
C TRP C 110 7.56 -14.54 16.00
N PHE C 111 8.76 -14.62 15.42
CA PHE C 111 8.96 -14.34 13.99
C PHE C 111 8.33 -13.01 13.56
N PRO C 112 8.61 -11.92 14.31
CA PRO C 112 7.83 -10.69 14.09
C PRO C 112 7.90 -10.11 12.68
N GLU C 113 9.03 -10.24 11.97
CA GLU C 113 9.17 -9.60 10.66
C GLU C 113 8.58 -10.42 9.52
N GLY C 114 8.32 -11.71 9.75
CA GLY C 114 7.80 -12.55 8.70
C GLY C 114 6.33 -12.29 8.46
N THR C 115 5.91 -12.62 7.23
CA THR C 115 4.53 -12.50 6.81
C THR C 115 4.11 -13.81 6.16
N LEU C 116 2.81 -14.08 6.21
CA LEU C 116 2.29 -15.38 5.81
C LEU C 116 0.78 -15.33 5.86
N ASN C 117 0.13 -16.41 5.46
CA ASN C 117 -1.32 -16.51 5.53
C ASN C 117 -1.68 -17.94 5.91
N ALA C 118 -2.65 -18.09 6.82
CA ALA C 118 -3.01 -19.42 7.28
C ALA C 118 -3.73 -20.21 6.18
N ALA C 119 -4.56 -19.55 5.38
CA ALA C 119 -5.26 -20.28 4.33
C ALA C 119 -4.28 -20.74 3.24
N TYR C 120 -3.33 -19.88 2.83
CA TYR C 120 -2.36 -20.34 1.86
C TYR C 120 -1.68 -21.62 2.35
N ASN C 121 -1.40 -21.68 3.66
CA ASN C 121 -0.67 -22.79 4.25
C ASN C 121 -1.57 -23.99 4.52
N CYS C 122 -2.87 -23.79 4.65
CA CYS C 122 -3.82 -24.88 4.88
C CYS C 122 -4.60 -25.27 3.63
N LEU C 123 -4.55 -24.46 2.57
CA LEU C 123 -5.28 -24.77 1.35
C LEU C 123 -4.37 -24.69 0.13
N ASP C 124 -4.04 -23.47 -0.29
CA ASP C 124 -3.46 -23.20 -1.61
C ASP C 124 -2.26 -24.10 -1.90
N ARG C 125 -1.29 -24.15 -0.98
CA ARG C 125 -0.04 -24.82 -1.28
C ARG C 125 -0.27 -26.30 -1.53
N HIS C 126 -1.20 -26.91 -0.77
CA HIS C 126 -1.52 -28.31 -1.00
C HIS C 126 -2.37 -28.49 -2.26
N TYR C 127 -3.28 -27.55 -2.53
CA TYR C 127 -4.02 -27.55 -3.78
C TYR C 127 -3.08 -27.56 -4.98
N TYR C 128 -2.05 -26.71 -4.94
CA TYR C 128 -1.14 -26.59 -6.07
C TYR C 128 -0.32 -27.85 -6.27
N LYS C 129 -0.16 -28.65 -5.22
CA LYS C 129 0.63 -29.88 -5.28
C LYS C 129 -0.23 -31.09 -5.63
N ASN C 130 -1.40 -31.23 -5.01
CA ASN C 130 -2.30 -32.35 -5.31
C ASN C 130 -3.74 -31.92 -5.04
N PRO C 131 -4.43 -31.42 -6.06
CA PRO C 131 -5.74 -30.79 -5.82
C PRO C 131 -6.86 -31.75 -5.50
N LYS C 132 -6.77 -33.02 -5.91
CA LYS C 132 -7.86 -33.97 -5.70
C LYS C 132 -7.77 -34.71 -4.37
N LYS C 133 -6.65 -34.58 -3.67
CA LYS C 133 -6.52 -35.22 -2.36
C LYS C 133 -7.65 -34.74 -1.44
N THR C 134 -8.17 -35.66 -0.65
CA THR C 134 -9.24 -35.33 0.29
C THR C 134 -8.66 -34.52 1.45
N ALA C 135 -9.15 -33.28 1.60
CA ALA C 135 -8.78 -32.49 2.76
C ALA C 135 -9.68 -32.83 3.94
N ILE C 136 -10.97 -33.04 3.70
CA ILE C 136 -11.93 -33.28 4.77
C ILE C 136 -12.75 -34.53 4.48
N ILE C 137 -12.89 -35.40 5.48
CA ILE C 137 -13.88 -36.45 5.48
C ILE C 137 -15.06 -35.92 6.30
N TYR C 138 -16.14 -35.59 5.59
CA TYR C 138 -17.36 -35.06 6.21
C TYR C 138 -18.24 -36.25 6.59
N GLU C 139 -18.17 -36.66 7.86
CA GLU C 139 -19.03 -37.72 8.39
C GLU C 139 -20.28 -37.03 8.91
N ALA C 140 -21.27 -36.90 8.03
CA ALA C 140 -22.54 -36.31 8.40
C ALA C 140 -23.16 -37.09 9.55
N ASP C 141 -24.17 -36.47 10.17
CA ASP C 141 -24.87 -37.16 11.25
C ASP C 141 -25.51 -38.45 10.76
N GLU C 142 -26.06 -38.45 9.54
CA GLU C 142 -26.54 -39.67 8.91
C GLU C 142 -25.38 -40.32 8.16
N PRO C 143 -24.95 -41.54 8.54
CA PRO C 143 -23.71 -42.10 7.97
C PRO C 143 -23.66 -42.16 6.45
N SER C 144 -24.80 -42.29 5.79
CA SER C 144 -24.82 -42.42 4.34
C SER C 144 -24.80 -41.08 3.62
N GLU C 145 -24.90 -39.97 4.34
CA GLU C 145 -24.72 -38.64 3.76
C GLU C 145 -23.27 -38.19 3.79
N SER C 146 -22.35 -39.04 4.23
CA SER C 146 -20.94 -38.68 4.29
C SER C 146 -20.34 -38.63 2.90
N ARG C 147 -19.28 -37.82 2.76
CA ARG C 147 -18.57 -37.72 1.50
C ARG C 147 -17.23 -37.05 1.72
N GLU C 148 -16.34 -37.23 0.75
CA GLU C 148 -15.03 -36.64 0.81
C GLU C 148 -15.04 -35.27 0.14
N VAL C 149 -14.32 -34.34 0.72
CA VAL C 149 -14.18 -32.99 0.18
C VAL C 149 -12.71 -32.80 -0.14
N SER C 150 -12.41 -32.51 -1.40
CA SER C 150 -11.03 -32.37 -1.82
C SER C 150 -10.47 -31.02 -1.40
N TYR C 151 -9.14 -30.89 -1.45
CA TYR C 151 -8.50 -29.60 -1.23
C TYR C 151 -8.99 -28.56 -2.25
N GLU C 152 -9.16 -28.97 -3.51
CA GLU C 152 -9.72 -28.08 -4.52
C GLU C 152 -11.09 -27.58 -4.11
N GLU C 153 -12.01 -28.51 -3.85
CA GLU C 153 -13.35 -28.12 -3.46
C GLU C 153 -13.32 -27.24 -2.20
N LEU C 154 -12.53 -27.63 -1.20
CA LEU C 154 -12.43 -26.83 0.02
C LEU C 154 -11.80 -25.47 -0.26
N MET C 155 -10.81 -25.41 -1.14
CA MET C 155 -10.24 -24.12 -1.48
C MET C 155 -11.28 -23.23 -2.16
N GLN C 156 -12.05 -23.79 -3.07
CA GLN C 156 -12.96 -22.94 -3.84
C GLN C 156 -14.05 -22.37 -2.94
N GLU C 157 -14.54 -23.17 -1.98
CA GLU C 157 -15.58 -22.68 -1.07
C GLU C 157 -15.03 -21.57 -0.17
N THR C 158 -13.81 -21.74 0.32
CA THR C 158 -13.19 -20.70 1.13
C THR C 158 -13.07 -19.40 0.32
N CYS C 159 -12.53 -19.48 -0.89
CA CYS C 159 -12.36 -18.29 -1.72
C CYS C 159 -13.69 -17.61 -2.01
N ARG C 160 -14.74 -18.39 -2.25
CA ARG C 160 -16.05 -17.78 -2.46
C ARG C 160 -16.47 -16.99 -1.23
N VAL C 161 -16.45 -17.63 -0.06
CA VAL C 161 -16.84 -16.97 1.17
C VAL C 161 -15.95 -15.76 1.42
N ALA C 162 -14.64 -15.91 1.21
CA ALA C 162 -13.75 -14.77 1.40
C ALA C 162 -14.18 -13.60 0.52
N ASN C 163 -14.61 -13.89 -0.72
CA ASN C 163 -15.06 -12.81 -1.59
C ASN C 163 -16.36 -12.21 -1.09
N VAL C 164 -17.27 -13.06 -0.59
CA VAL C 164 -18.51 -12.55 0.00
C VAL C 164 -18.18 -11.55 1.10
N LEU C 165 -17.37 -11.99 2.07
CA LEU C 165 -17.06 -11.12 3.20
C LEU C 165 -16.50 -9.79 2.71
N LYS C 166 -15.63 -9.81 1.67
CA LYS C 166 -15.10 -8.56 1.15
C LYS C 166 -16.19 -7.68 0.55
N SER C 167 -17.20 -8.28 -0.06
CA SER C 167 -18.30 -7.47 -0.57
C SER C 167 -19.09 -6.82 0.56
N TYR C 168 -19.09 -7.41 1.77
CA TYR C 168 -19.70 -6.79 2.94
C TYR C 168 -18.80 -5.75 3.62
N GLY C 169 -17.63 -5.46 3.03
CA GLY C 169 -16.72 -4.49 3.63
C GLY C 169 -15.83 -5.01 4.73
N VAL C 170 -15.79 -6.32 4.99
CA VAL C 170 -14.87 -6.83 6.00
C VAL C 170 -13.44 -6.52 5.58
N LYS C 171 -12.70 -5.89 6.48
CA LYS C 171 -11.32 -5.49 6.24
C LYS C 171 -10.36 -6.30 7.10
N LYS C 172 -9.11 -6.37 6.65
CA LYS C 172 -8.04 -6.88 7.50
C LYS C 172 -8.21 -6.32 8.90
N GLY C 173 -8.19 -7.21 9.89
CA GLY C 173 -8.29 -6.81 11.28
C GLY C 173 -9.69 -6.76 11.85
N ASP C 174 -10.72 -6.81 11.02
CA ASP C 174 -12.10 -6.84 11.50
C ASP C 174 -12.43 -8.19 12.15
N ALA C 175 -13.48 -8.19 12.97
CA ALA C 175 -13.94 -9.39 13.64
C ALA C 175 -15.17 -9.92 12.93
N VAL C 176 -15.23 -11.24 12.80
CA VAL C 176 -16.37 -11.95 12.22
C VAL C 176 -16.71 -13.08 13.18
N SER C 177 -17.99 -13.19 13.53
CA SER C 177 -18.44 -14.26 14.40
C SER C 177 -18.96 -15.44 13.59
N ILE C 178 -18.68 -16.63 14.07
CA ILE C 178 -19.01 -17.89 13.41
C ILE C 178 -19.82 -18.74 14.38
N TYR C 179 -21.09 -18.97 14.07
CA TYR C 179 -21.99 -19.79 14.87
C TYR C 179 -22.43 -20.97 14.01
N LEU C 180 -21.63 -22.02 14.00
CA LEU C 180 -21.84 -23.12 13.08
C LEU C 180 -21.67 -24.45 13.80
N PRO C 181 -22.45 -25.47 13.41
CA PRO C 181 -22.19 -26.83 13.93
C PRO C 181 -21.15 -27.55 13.08
N MET C 182 -20.91 -28.83 13.39
CA MET C 182 -19.84 -29.61 12.79
C MET C 182 -20.19 -30.11 11.40
N THR C 183 -20.59 -29.21 10.53
CA THR C 183 -20.60 -29.46 9.11
C THR C 183 -19.25 -29.03 8.52
N TRP C 184 -18.94 -29.53 7.33
CA TRP C 184 -17.59 -29.30 6.79
C TRP C 184 -17.38 -27.86 6.34
N GLN C 185 -18.44 -27.11 6.07
CA GLN C 185 -18.26 -25.72 5.66
C GLN C 185 -17.70 -24.85 6.76
N ALA C 186 -17.57 -25.39 7.97
CA ALA C 186 -17.03 -24.62 9.09
C ALA C 186 -15.56 -24.26 8.86
N ALA C 187 -14.79 -25.17 8.27
CA ALA C 187 -13.38 -24.90 7.98
C ALA C 187 -13.24 -23.84 6.88
N ALA C 188 -14.13 -23.90 5.88
CA ALA C 188 -14.15 -22.88 4.85
C ALA C 188 -14.43 -21.50 5.45
N ALA C 189 -15.32 -21.45 6.45
CA ALA C 189 -15.59 -20.20 7.15
C ALA C 189 -14.37 -19.73 7.93
N PHE C 190 -13.76 -20.61 8.72
CA PHE C 190 -12.56 -20.20 9.44
C PHE C 190 -11.52 -19.66 8.46
N LEU C 191 -11.19 -20.46 7.45
CA LEU C 191 -10.10 -20.12 6.53
C LEU C 191 -10.43 -18.94 5.62
N ALA C 192 -11.72 -18.67 5.38
CA ALA C 192 -12.07 -17.50 4.59
C ALA C 192 -11.81 -16.22 5.37
N CYS C 193 -12.05 -16.27 6.69
CA CYS C 193 -11.67 -15.15 7.55
C CYS C 193 -10.16 -14.99 7.62
N ALA C 194 -9.44 -16.09 7.76
CA ALA C 194 -7.98 -15.99 7.81
C ALA C 194 -7.42 -15.49 6.47
N ARG C 195 -8.05 -15.91 5.37
CA ARG C 195 -7.56 -15.58 4.04
C ARG C 195 -7.48 -14.08 3.81
N ILE C 196 -8.35 -13.30 4.44
CA ILE C 196 -8.43 -11.87 4.20
C ILE C 196 -7.95 -11.08 5.42
N GLY C 197 -7.28 -11.76 6.35
CA GLY C 197 -6.85 -11.14 7.59
C GLY C 197 -7.95 -10.79 8.56
N ALA C 198 -9.14 -11.33 8.39
CA ALA C 198 -10.19 -11.05 9.37
C ALA C 198 -10.04 -12.00 10.55
N ILE C 199 -10.48 -11.53 11.73
CA ILE C 199 -10.36 -12.29 12.97
C ILE C 199 -11.67 -13.04 13.19
N HIS C 200 -11.64 -14.36 13.15
CA HIS C 200 -12.87 -15.11 13.39
C HIS C 200 -13.02 -15.43 14.86
N SER C 201 -14.26 -15.34 15.35
CA SER C 201 -14.64 -15.71 16.71
C SER C 201 -15.64 -16.83 16.62
N ALA C 202 -15.18 -18.07 16.81
CA ALA C 202 -16.04 -19.24 16.73
C ALA C 202 -16.83 -19.38 18.01
N VAL C 203 -18.16 -19.42 17.89
CA VAL C 203 -19.07 -19.61 19.02
C VAL C 203 -19.80 -20.93 18.82
N PHE C 204 -19.45 -21.93 19.62
CA PHE C 204 -20.08 -23.25 19.59
C PHE C 204 -21.58 -23.18 19.37
N ALA C 205 -22.08 -24.09 18.52
CA ALA C 205 -23.45 -24.06 18.02
C ALA C 205 -24.49 -24.48 19.04
N GLY C 206 -24.08 -24.93 20.22
CA GLY C 206 -25.01 -25.27 21.27
C GLY C 206 -25.24 -24.15 22.26
N PHE C 207 -24.32 -23.18 22.30
CA PHE C 207 -24.45 -22.06 23.23
C PHE C 207 -25.81 -21.40 23.09
N SER C 208 -26.28 -20.84 24.20
CA SER C 208 -27.56 -20.16 24.25
C SER C 208 -27.48 -18.82 23.52
N ALA C 209 -28.64 -18.24 23.23
CA ALA C 209 -28.69 -16.92 22.61
C ALA C 209 -28.00 -15.90 23.50
N GLU C 210 -28.14 -16.04 24.83
CA GLU C 210 -27.47 -15.12 25.74
C GLU C 210 -25.95 -15.23 25.62
N SER C 211 -25.42 -16.47 25.66
CA SER C 211 -23.98 -16.65 25.59
C SER C 211 -23.41 -16.26 24.23
N LEU C 212 -24.24 -16.30 23.18
CA LEU C 212 -23.83 -15.84 21.87
C LEU C 212 -23.94 -14.32 21.77
N ARG C 213 -24.98 -13.74 22.34
CA ARG C 213 -25.07 -12.29 22.40
C ARG C 213 -23.84 -11.68 23.07
N ASP C 214 -23.32 -12.32 24.11
CA ASP C 214 -22.19 -11.74 24.84
C ASP C 214 -20.90 -11.92 24.05
N ARG C 215 -20.70 -13.08 23.43
CA ARG C 215 -19.48 -13.30 22.67
C ARG C 215 -19.46 -12.46 21.40
N VAL C 216 -20.62 -12.22 20.79
CA VAL C 216 -20.69 -11.41 19.58
C VAL C 216 -20.46 -9.93 19.88
N ASN C 217 -20.91 -9.45 21.05
CA ASN C 217 -20.76 -8.05 21.39
C ASN C 217 -19.36 -7.71 21.90
N ASP C 218 -18.69 -8.66 22.59
CA ASP C 218 -17.34 -8.39 23.03
C ASP C 218 -16.40 -8.19 21.83
N CYS C 219 -16.47 -9.08 20.83
CA CYS C 219 -15.55 -8.98 19.71
C CYS C 219 -15.88 -7.80 18.78
N GLU C 220 -17.10 -7.29 18.82
CA GLU C 220 -17.53 -6.14 18.04
C GLU C 220 -17.64 -6.45 16.55
N CYS C 221 -17.73 -7.75 16.21
CA CYS C 221 -17.89 -8.17 14.82
C CYS C 221 -19.08 -7.50 14.15
N LYS C 222 -18.96 -7.26 12.85
CA LYS C 222 -20.06 -6.68 12.07
C LYS C 222 -20.73 -7.70 11.16
N VAL C 223 -20.24 -8.93 11.16
CA VAL C 223 -20.73 -9.97 10.27
C VAL C 223 -20.76 -11.27 11.05
N LEU C 224 -21.84 -12.03 10.86
CA LEU C 224 -22.06 -13.32 11.49
C LEU C 224 -22.30 -14.38 10.43
N ILE C 225 -21.68 -15.54 10.61
CA ILE C 225 -21.85 -16.68 9.72
C ILE C 225 -22.49 -17.80 10.53
N THR C 226 -23.66 -18.25 10.09
CA THR C 226 -24.40 -19.30 10.79
C THR C 226 -25.07 -20.26 9.79
N THR C 227 -25.72 -21.30 10.33
CA THR C 227 -26.54 -22.21 9.56
C THR C 227 -28.03 -21.92 9.80
N ASP C 228 -28.87 -22.56 8.97
CA ASP C 228 -30.31 -22.48 9.21
C ASP C 228 -30.73 -23.45 10.30
N GLU C 229 -30.09 -24.62 10.37
CA GLU C 229 -30.29 -25.59 11.45
C GLU C 229 -29.06 -26.47 11.54
N GLY C 230 -28.92 -27.19 12.66
CA GLY C 230 -27.86 -28.15 12.84
C GLY C 230 -28.39 -29.58 12.90
N ARG C 231 -27.46 -30.53 13.01
CA ARG C 231 -27.81 -31.95 13.09
C ARG C 231 -26.74 -32.69 13.86
N ARG C 232 -27.12 -33.30 14.99
CA ARG C 232 -26.17 -34.01 15.85
C ARG C 232 -26.91 -35.11 16.60
N GLY C 233 -26.33 -36.31 16.62
CA GLY C 233 -26.90 -37.42 17.34
C GLY C 233 -28.35 -37.67 16.98
N GLY C 234 -28.72 -37.36 15.73
CA GLY C 234 -30.08 -37.50 15.27
C GLY C 234 -30.99 -36.33 15.59
N LYS C 235 -30.54 -35.38 16.40
CA LYS C 235 -31.35 -34.27 16.86
C LYS C 235 -31.07 -33.03 16.02
N THR C 236 -32.02 -32.08 16.10
CA THR C 236 -31.94 -30.83 15.35
C THR C 236 -31.53 -29.70 16.29
N ILE C 237 -30.52 -28.93 15.86
CA ILE C 237 -30.02 -27.80 16.63
C ILE C 237 -30.45 -26.52 15.94
N ALA C 238 -31.59 -25.97 16.33
CA ALA C 238 -32.07 -24.75 15.72
C ALA C 238 -31.09 -23.60 15.96
N THR C 239 -30.19 -23.36 15.01
CA THR C 239 -29.16 -22.33 15.21
C THR C 239 -29.61 -20.94 14.75
N LYS C 240 -30.35 -20.85 13.65
CA LYS C 240 -30.84 -19.53 13.21
C LYS C 240 -31.82 -18.95 14.20
N GLN C 241 -32.66 -19.79 14.81
CA GLN C 241 -33.57 -19.31 15.84
C GLN C 241 -32.77 -18.65 16.97
N ILE C 242 -31.78 -19.37 17.50
CA ILE C 242 -30.91 -18.81 18.53
C ILE C 242 -30.20 -17.57 18.02
N VAL C 243 -29.86 -17.52 16.73
CA VAL C 243 -29.17 -16.37 16.16
C VAL C 243 -30.09 -15.15 16.14
N ASP C 244 -31.34 -15.33 15.73
CA ASP C 244 -32.27 -14.19 15.68
C ASP C 244 -32.58 -13.67 17.08
N ALA C 245 -32.72 -14.56 18.07
CA ALA C 245 -32.94 -14.10 19.44
C ALA C 245 -31.82 -13.18 19.89
N ALA C 246 -30.57 -13.64 19.77
CA ALA C 246 -29.44 -12.88 20.30
C ALA C 246 -29.27 -11.55 19.57
N LEU C 247 -29.39 -11.56 18.24
CA LEU C 247 -29.04 -10.38 17.46
C LEU C 247 -29.97 -9.19 17.73
N GLN C 248 -31.15 -9.42 18.31
CA GLN C 248 -32.01 -8.29 18.63
C GLN C 248 -31.29 -7.28 19.50
N GLN C 249 -30.26 -7.71 20.22
CA GLN C 249 -29.47 -6.89 21.12
C GLN C 249 -28.00 -6.85 20.70
N CYS C 250 -27.74 -7.07 19.41
CA CYS C 250 -26.39 -6.95 18.81
C CYS C 250 -26.45 -5.80 17.80
N PRO C 251 -26.19 -4.56 18.24
CA PRO C 251 -26.40 -3.43 17.31
C PRO C 251 -25.33 -3.26 16.26
N LEU C 252 -24.15 -3.89 16.41
CA LEU C 252 -23.07 -3.75 15.44
C LEU C 252 -23.23 -4.69 14.24
N VAL C 253 -23.98 -5.78 14.39
CA VAL C 253 -24.00 -6.83 13.37
C VAL C 253 -24.90 -6.40 12.23
N GLU C 254 -24.32 -6.26 11.03
CA GLU C 254 -25.00 -5.70 9.89
C GLU C 254 -25.28 -6.71 8.78
N ASN C 255 -24.55 -7.82 8.75
CA ASN C 255 -24.70 -8.83 7.71
C ASN C 255 -24.61 -10.20 8.34
N VAL C 256 -25.48 -11.11 7.89
CA VAL C 256 -25.51 -12.51 8.30
C VAL C 256 -25.52 -13.38 7.06
N LEU C 257 -24.66 -14.41 7.04
CA LEU C 257 -24.56 -15.37 5.95
C LEU C 257 -25.02 -16.72 6.47
N VAL C 258 -26.11 -17.23 5.89
CA VAL C 258 -26.81 -18.40 6.41
C VAL C 258 -26.62 -19.58 5.46
N LEU C 259 -26.10 -20.68 5.99
CA LEU C 259 -25.82 -21.89 5.23
C LEU C 259 -27.01 -22.85 5.30
N ARG C 260 -27.47 -23.33 4.14
CA ARG C 260 -28.63 -24.23 4.09
C ARG C 260 -28.20 -25.64 4.41
N ARG C 261 -28.14 -25.97 5.70
CA ARG C 261 -27.75 -27.31 6.12
C ARG C 261 -28.93 -28.28 6.10
N THR C 262 -30.16 -27.77 6.12
CA THR C 262 -31.35 -28.61 6.11
C THR C 262 -32.40 -28.16 5.11
N GLY C 263 -32.35 -26.94 4.60
CA GLY C 263 -33.39 -26.43 3.73
C GLY C 263 -34.69 -26.08 4.43
N ASN C 264 -34.84 -26.43 5.71
CA ASN C 264 -36.07 -26.16 6.44
C ASN C 264 -36.35 -24.66 6.49
N LYS C 265 -37.64 -24.31 6.48
CA LYS C 265 -38.02 -22.91 6.56
C LYS C 265 -37.52 -22.31 7.86
N VAL C 266 -36.79 -21.21 7.74
CA VAL C 266 -36.37 -20.42 8.90
C VAL C 266 -36.62 -18.95 8.56
N PRO C 267 -36.75 -18.10 9.57
CA PRO C 267 -36.91 -16.66 9.28
C PRO C 267 -35.64 -16.08 8.70
N MET C 268 -35.80 -15.21 7.70
CA MET C 268 -34.69 -14.50 7.08
C MET C 268 -35.00 -13.00 7.11
N THR C 269 -34.24 -12.26 7.90
CA THR C 269 -34.39 -10.81 7.97
C THR C 269 -33.93 -10.19 6.66
N GLU C 270 -34.87 -9.68 5.86
CA GLU C 270 -34.53 -9.06 4.58
C GLU C 270 -33.47 -7.99 4.78
N GLY C 271 -32.46 -7.99 3.91
CA GLY C 271 -31.37 -7.05 4.00
C GLY C 271 -30.22 -7.56 4.84
N ARG C 272 -30.50 -7.92 6.09
CA ARG C 272 -29.44 -8.41 6.97
C ARG C 272 -29.04 -9.83 6.61
N ASP C 273 -29.99 -10.67 6.22
CA ASP C 273 -29.76 -12.10 6.06
C ASP C 273 -29.72 -12.46 4.57
N LYS C 274 -28.68 -13.20 4.19
CA LYS C 274 -28.51 -13.65 2.82
C LYS C 274 -28.08 -15.12 2.84
N TRP C 275 -28.46 -15.84 1.79
CA TRP C 275 -28.12 -17.25 1.70
C TRP C 275 -26.68 -17.47 1.23
N TRP C 276 -25.95 -18.34 1.94
CA TRP C 276 -24.57 -18.68 1.62
C TRP C 276 -24.41 -19.10 0.16
N ASP C 277 -25.23 -20.05 -0.28
CA ASP C 277 -25.09 -20.57 -1.65
C ASP C 277 -25.46 -19.53 -2.69
N GLU C 278 -26.40 -18.64 -2.39
CA GLU C 278 -26.75 -17.58 -3.33
C GLU C 278 -25.69 -16.49 -3.33
N GLU C 279 -25.14 -16.11 -2.16
CA GLU C 279 -24.07 -15.13 -2.16
C GLU C 279 -22.82 -15.68 -2.87
N CYS C 280 -22.49 -16.94 -2.62
CA CYS C 280 -21.26 -17.49 -3.19
C CYS C 280 -21.40 -17.74 -4.69
N ALA C 281 -22.62 -17.98 -5.18
CA ALA C 281 -22.81 -18.14 -6.61
C ALA C 281 -22.47 -16.88 -7.40
N LYS C 282 -22.42 -15.73 -6.75
CA LYS C 282 -22.09 -14.51 -7.45
C LYS C 282 -20.60 -14.22 -7.51
N MET C 283 -19.77 -14.96 -6.78
CA MET C 283 -18.36 -14.62 -6.56
C MET C 283 -17.45 -15.58 -7.30
N PRO C 284 -16.22 -15.16 -7.61
CA PRO C 284 -15.25 -16.09 -8.20
C PRO C 284 -14.80 -17.10 -7.16
N ALA C 285 -14.16 -18.16 -7.67
CA ALA C 285 -13.70 -19.25 -6.83
C ALA C 285 -12.22 -19.13 -6.49
N TYR C 286 -11.60 -17.99 -6.79
CA TYR C 286 -10.29 -17.67 -6.25
C TYR C 286 -10.33 -16.29 -5.62
N CYS C 287 -9.61 -16.13 -4.50
CA CYS C 287 -9.50 -14.82 -3.81
C CYS C 287 -8.03 -14.68 -3.39
N PRO C 288 -7.42 -13.49 -3.47
CA PRO C 288 -6.02 -13.33 -3.01
C PRO C 288 -5.92 -13.43 -1.50
N CYS C 289 -4.76 -13.90 -1.05
CA CYS C 289 -4.49 -13.99 0.38
C CYS C 289 -3.90 -12.68 0.85
N GLU C 290 -4.45 -12.15 1.94
CA GLU C 290 -3.83 -11.01 2.59
C GLU C 290 -2.49 -11.44 3.17
N ARG C 291 -1.47 -10.60 2.99
CA ARG C 291 -0.15 -10.86 3.55
C ARG C 291 -0.12 -10.41 5.00
N MET C 292 -0.21 -11.35 5.92
CA MET C 292 -0.35 -11.08 7.34
C MET C 292 1.01 -11.16 8.02
N ALA C 293 1.21 -10.28 9.00
CA ALA C 293 2.39 -10.37 9.85
C ALA C 293 2.18 -11.50 10.86
N SER C 294 3.28 -12.14 11.25
CA SER C 294 3.21 -13.23 12.21
C SER C 294 2.32 -12.86 13.39
N GLU C 295 2.53 -11.68 13.96
CA GLU C 295 1.82 -11.32 15.18
C GLU C 295 0.46 -10.69 14.93
N ASP C 296 0.00 -10.66 13.69
CA ASP C 296 -1.38 -10.29 13.46
C ASP C 296 -2.28 -11.32 14.14
N PRO C 297 -3.35 -10.88 14.80
CA PRO C 297 -4.26 -11.87 15.41
C PRO C 297 -4.93 -12.70 14.33
N LEU C 298 -5.15 -13.98 14.66
CA LEU C 298 -5.86 -14.91 13.81
C LEU C 298 -7.29 -15.16 14.28
N PHE C 299 -7.51 -15.37 15.57
CA PHE C 299 -8.86 -15.62 16.02
C PHE C 299 -9.02 -15.29 17.50
N ILE C 300 -10.28 -15.18 17.90
CA ILE C 300 -10.71 -15.04 19.28
C ILE C 300 -11.56 -16.25 19.63
N LEU C 301 -11.24 -16.90 20.75
CA LEU C 301 -12.03 -18.01 21.25
C LEU C 301 -12.37 -17.73 22.72
N TYR C 302 -13.62 -17.36 22.98
CA TYR C 302 -14.06 -17.12 24.34
C TYR C 302 -14.17 -18.42 25.11
N THR C 303 -13.68 -18.38 26.36
CA THR C 303 -13.79 -19.50 27.29
C THR C 303 -14.97 -19.23 28.24
N PRO C 310 -17.02 -14.40 29.24
CA PRO C 310 -16.50 -13.72 28.04
C PRO C 310 -15.00 -13.42 28.11
N LYS C 311 -14.16 -14.45 28.19
CA LYS C 311 -12.71 -14.30 28.17
C LYS C 311 -12.24 -14.74 26.77
N GLY C 312 -12.14 -13.78 25.85
CA GLY C 312 -11.74 -14.05 24.49
C GLY C 312 -10.25 -14.20 24.34
N VAL C 313 -9.77 -15.44 24.38
CA VAL C 313 -8.34 -15.68 24.20
C VAL C 313 -7.96 -15.35 22.76
N VAL C 314 -6.85 -14.65 22.59
CA VAL C 314 -6.36 -14.21 21.29
C VAL C 314 -5.10 -14.98 20.94
N HIS C 315 -5.02 -15.44 19.70
CA HIS C 315 -3.82 -16.10 19.19
C HIS C 315 -3.29 -15.38 17.96
N SER C 316 -1.98 -15.16 17.93
CA SER C 316 -1.34 -14.58 16.77
C SER C 316 -1.43 -15.62 15.65
N THR C 317 -0.69 -15.38 14.57
CA THR C 317 -0.82 -16.21 13.37
C THR C 317 0.30 -17.24 13.21
N ALA C 318 1.53 -16.80 12.98
CA ALA C 318 2.60 -17.76 12.68
C ALA C 318 2.88 -18.70 13.85
N GLY C 319 2.79 -18.18 15.09
CA GLY C 319 3.03 -19.01 16.25
C GLY C 319 1.99 -20.08 16.44
N TYR C 320 0.72 -19.68 16.56
CA TYR C 320 -0.35 -20.63 16.75
C TYR C 320 -0.33 -21.68 15.64
N LEU C 321 0.04 -21.28 14.43
CA LEU C 321 0.00 -22.17 13.28
C LEU C 321 1.19 -23.13 13.31
N LEU C 322 2.36 -22.63 13.71
CA LEU C 322 3.53 -23.49 13.82
C LEU C 322 3.34 -24.50 14.95
N GLY C 323 2.81 -24.06 16.08
CA GLY C 323 2.58 -24.97 17.18
C GLY C 323 1.58 -26.05 16.84
N THR C 324 0.52 -25.68 16.10
CA THR C 324 -0.47 -26.67 15.71
C THR C 324 0.11 -27.68 14.73
N ALA C 325 0.90 -27.20 13.76
CA ALA C 325 1.45 -28.11 12.75
C ALA C 325 2.43 -29.10 13.37
N LEU C 326 3.37 -28.61 14.19
CA LEU C 326 4.39 -29.49 14.76
C LEU C 326 3.78 -30.54 15.67
N THR C 327 2.82 -30.16 16.51
CA THR C 327 2.25 -31.13 17.44
C THR C 327 1.63 -32.32 16.70
N LEU C 328 0.90 -32.06 15.62
CA LEU C 328 0.33 -33.15 14.86
C LEU C 328 1.43 -34.04 14.29
N LYS C 329 2.47 -33.43 13.70
CA LYS C 329 3.51 -34.21 13.04
C LYS C 329 4.28 -35.10 14.01
N TYR C 330 4.28 -34.82 15.32
CA TYR C 330 5.07 -35.57 16.26
C TYR C 330 4.21 -36.31 17.29
N VAL C 331 3.38 -35.59 18.06
CA VAL C 331 2.56 -36.23 19.09
C VAL C 331 1.71 -37.34 18.50
N PHE C 332 1.10 -37.10 17.33
CA PHE C 332 0.30 -38.13 16.66
C PHE C 332 1.05 -38.82 15.54
N ASP C 333 2.30 -38.44 15.28
CA ASP C 333 3.13 -39.06 14.25
C ASP C 333 2.40 -39.12 12.91
N ALA C 334 1.89 -37.96 12.48
CA ALA C 334 1.16 -37.88 11.22
C ALA C 334 2.10 -37.96 10.02
N HIS C 335 1.61 -38.55 8.95
CA HIS C 335 2.38 -38.75 7.73
C HIS C 335 1.53 -38.38 6.52
N PRO C 336 2.12 -38.27 5.33
CA PRO C 336 1.38 -37.68 4.19
C PRO C 336 0.02 -38.29 3.87
N ASP C 337 -0.12 -39.61 3.96
CA ASP C 337 -1.36 -40.25 3.56
C ASP C 337 -2.25 -40.63 4.73
N ASP C 338 -1.94 -40.13 5.94
CA ASP C 338 -2.74 -40.48 7.10
C ASP C 338 -4.10 -39.78 7.05
N ARG C 339 -5.00 -40.24 7.93
CA ARG C 339 -6.38 -39.77 8.00
C ARG C 339 -6.73 -39.50 9.45
N PHE C 340 -6.36 -38.30 9.92
CA PHE C 340 -6.54 -37.95 11.33
C PHE C 340 -8.01 -37.74 11.65
N ALA C 341 -8.50 -38.45 12.66
CA ALA C 341 -9.87 -38.33 13.13
C ALA C 341 -9.87 -37.67 14.52
N CYS C 342 -10.42 -36.46 14.61
CA CYS C 342 -10.66 -35.79 15.88
C CYS C 342 -12.15 -35.53 16.01
N MET C 343 -12.72 -35.95 17.14
CA MET C 343 -14.16 -35.90 17.35
C MET C 343 -14.60 -34.66 18.08
N ALA C 344 -13.67 -33.74 18.35
CA ALA C 344 -14.01 -32.48 19.00
C ALA C 344 -14.91 -31.65 18.09
N ASP C 345 -15.26 -30.47 18.57
CA ASP C 345 -16.11 -29.54 17.86
C ASP C 345 -15.30 -28.29 17.56
N ILE C 346 -15.54 -27.67 16.40
CA ILE C 346 -14.78 -26.50 15.98
C ILE C 346 -15.13 -25.29 16.85
N GLY C 347 -16.06 -25.47 17.79
CA GLY C 347 -16.38 -24.41 18.73
C GLY C 347 -15.36 -24.24 19.84
N TRP C 348 -14.50 -25.24 20.04
CA TRP C 348 -13.51 -25.26 21.10
C TRP C 348 -12.12 -25.31 20.51
N ILE C 349 -11.12 -25.03 21.34
CA ILE C 349 -9.75 -25.00 20.86
C ILE C 349 -9.30 -26.36 20.35
N THR C 350 -9.98 -27.45 20.73
CA THR C 350 -9.63 -28.75 20.19
C THR C 350 -9.96 -28.83 18.71
N GLY C 351 -11.13 -28.32 18.31
CA GLY C 351 -11.49 -28.30 16.91
C GLY C 351 -10.70 -27.29 16.09
N HIS C 352 -10.41 -26.13 16.67
CA HIS C 352 -9.56 -25.17 15.97
C HIS C 352 -8.22 -25.79 15.62
N SER C 353 -7.57 -26.42 16.60
CA SER C 353 -6.15 -26.74 16.48
C SER C 353 -5.91 -28.10 15.85
N TYR C 354 -6.84 -29.05 15.98
CA TYR C 354 -6.59 -30.42 15.56
C TYR C 354 -7.68 -30.97 14.64
N ILE C 355 -8.67 -30.18 14.27
CA ILE C 355 -9.51 -30.48 13.12
C ILE C 355 -9.10 -29.69 11.90
N ILE C 356 -8.87 -28.39 12.06
CA ILE C 356 -8.67 -27.48 10.94
C ILE C 356 -7.20 -27.12 10.74
N TYR C 357 -6.60 -26.43 11.71
CA TYR C 357 -5.31 -25.76 11.43
C TYR C 357 -4.14 -26.75 11.43
N GLY C 358 -4.06 -27.62 12.42
CA GLY C 358 -2.99 -28.59 12.46
C GLY C 358 -3.00 -29.53 11.27
N PRO C 359 -4.09 -30.25 11.08
CA PRO C 359 -4.17 -31.19 9.94
C PRO C 359 -4.06 -30.53 8.58
N LEU C 360 -4.86 -29.50 8.30
CA LEU C 360 -4.80 -28.90 6.98
C LEU C 360 -3.49 -28.18 6.73
N ALA C 361 -2.72 -27.88 7.77
CA ALA C 361 -1.42 -27.27 7.54
C ALA C 361 -0.40 -28.30 7.03
N ASN C 362 -0.38 -29.49 7.65
CA ASN C 362 0.49 -30.58 7.18
C ASN C 362 0.06 -31.19 5.85
N GLY C 363 -1.11 -30.81 5.32
CA GLY C 363 -1.52 -31.34 4.04
C GLY C 363 -2.02 -32.77 4.09
N ILE C 364 -2.64 -33.18 5.19
CA ILE C 364 -3.20 -34.51 5.30
C ILE C 364 -4.72 -34.39 5.23
N THR C 365 -5.40 -35.49 5.53
CA THR C 365 -6.86 -35.56 5.61
C THR C 365 -7.30 -35.46 7.07
N THR C 366 -8.36 -34.66 7.30
CA THR C 366 -8.94 -34.50 8.63
C THR C 366 -10.42 -34.77 8.56
N ALA C 367 -11.00 -35.20 9.67
CA ALA C 367 -12.41 -35.57 9.75
C ALA C 367 -13.23 -34.46 10.40
N VAL C 368 -14.39 -34.18 9.80
CA VAL C 368 -15.39 -33.31 10.43
C VAL C 368 -16.58 -34.16 10.84
N PHE C 369 -16.53 -34.71 12.06
CA PHE C 369 -17.52 -35.63 12.59
C PHE C 369 -18.72 -34.85 13.12
N GLU C 370 -19.89 -35.05 12.50
CA GLU C 370 -21.08 -34.29 12.82
C GLU C 370 -22.04 -35.01 13.77
N SER C 371 -21.63 -36.13 14.37
CA SER C 371 -22.53 -36.98 15.14
C SER C 371 -22.00 -37.17 16.57
N THR C 372 -22.66 -38.03 17.35
CA THR C 372 -22.19 -38.39 18.68
C THR C 372 -21.49 -39.74 18.66
N PRO C 373 -20.86 -40.13 19.77
CA PRO C 373 -20.22 -41.45 19.80
C PRO C 373 -21.19 -42.62 19.86
N VAL C 374 -22.45 -42.40 20.24
CA VAL C 374 -23.40 -43.48 20.41
C VAL C 374 -24.56 -43.41 19.42
N TYR C 375 -24.47 -42.54 18.42
CA TYR C 375 -25.48 -42.47 17.38
C TYR C 375 -24.90 -42.92 16.04
N PRO C 376 -25.55 -43.85 15.34
CA PRO C 376 -26.73 -44.64 15.73
C PRO C 376 -26.49 -45.52 16.96
N THR C 377 -25.29 -46.09 17.10
CA THR C 377 -24.98 -47.06 18.13
C THR C 377 -23.58 -46.80 18.67
N PRO C 378 -23.26 -47.30 19.89
CA PRO C 378 -21.93 -47.05 20.48
C PRO C 378 -20.74 -47.58 19.70
N SER C 379 -20.94 -48.03 18.46
CA SER C 379 -19.85 -48.51 17.62
C SER C 379 -19.41 -47.48 16.59
N ARG C 380 -20.03 -46.29 16.58
CA ARG C 380 -19.81 -45.33 15.50
C ARG C 380 -18.32 -45.03 15.31
N TYR C 381 -17.60 -44.76 16.40
CA TYR C 381 -16.16 -44.56 16.29
C TYR C 381 -15.51 -45.68 15.49
N TRP C 382 -15.92 -46.92 15.76
CA TRP C 382 -15.26 -48.08 15.21
C TRP C 382 -15.81 -48.47 13.85
N ASP C 383 -17.08 -48.15 13.57
CA ASP C 383 -17.55 -48.16 12.18
C ASP C 383 -16.85 -47.07 11.39
N PHE C 384 -16.83 -45.85 11.94
CA PHE C 384 -16.03 -44.76 11.40
C PHE C 384 -14.60 -45.21 11.10
N VAL C 385 -13.92 -45.77 12.10
CA VAL C 385 -12.49 -46.05 11.94
C VAL C 385 -12.24 -47.00 10.77
N ASP C 386 -13.09 -48.03 10.62
CA ASP C 386 -12.88 -48.99 9.54
C ASP C 386 -13.43 -48.50 8.20
N LYS C 387 -14.52 -47.73 8.21
CA LYS C 387 -15.08 -47.25 6.96
C LYS C 387 -14.12 -46.33 6.22
N TRP C 388 -13.42 -45.47 6.94
CA TRP C 388 -12.48 -44.54 6.32
C TRP C 388 -11.02 -44.92 6.58
N LYS C 389 -10.77 -46.01 7.31
CA LYS C 389 -9.41 -46.45 7.60
C LYS C 389 -8.63 -45.33 8.30
N ALA C 390 -9.27 -44.70 9.28
CA ALA C 390 -8.59 -43.73 10.12
C ALA C 390 -7.26 -44.29 10.60
N THR C 391 -6.25 -43.43 10.68
CA THR C 391 -4.93 -43.81 11.15
C THR C 391 -4.57 -43.19 12.50
N GLN C 392 -5.47 -42.38 13.08
CA GLN C 392 -5.30 -41.79 14.40
C GLN C 392 -6.67 -41.44 14.95
N LEU C 393 -6.81 -41.54 16.26
CA LEU C 393 -8.07 -41.25 16.93
C LEU C 393 -7.82 -40.28 18.08
N TYR C 394 -8.69 -39.29 18.21
CA TYR C 394 -8.55 -38.25 19.24
C TYR C 394 -9.94 -37.95 19.78
N THR C 395 -10.17 -38.29 21.05
CA THR C 395 -11.50 -38.21 21.65
C THR C 395 -11.39 -37.74 23.10
N ALA C 396 -12.52 -37.31 23.67
CA ALA C 396 -12.58 -36.69 25.02
C ALA C 396 -12.44 -37.71 26.15
N PRO C 397 -12.57 -37.28 27.43
CA PRO C 397 -12.55 -38.19 28.56
C PRO C 397 -13.86 -38.91 28.57
N THR C 398 -14.97 -38.19 28.48
CA THR C 398 -16.32 -38.76 28.49
C THR C 398 -16.28 -40.11 27.81
N ALA C 399 -15.77 -40.18 26.58
CA ALA C 399 -15.64 -41.45 25.82
C ALA C 399 -14.17 -41.73 25.51
N ARG C 404 -16.79 -47.78 26.81
CA ARG C 404 -16.67 -49.01 27.55
C ARG C 404 -17.80 -49.18 28.57
N ARG C 405 -18.76 -48.24 28.58
CA ARG C 405 -19.89 -48.26 29.49
C ARG C 405 -21.22 -48.60 28.82
N MET C 406 -21.48 -48.08 27.61
CA MET C 406 -22.72 -48.43 26.91
C MET C 406 -22.78 -49.91 26.57
N GLY C 407 -21.62 -50.54 26.32
CA GLY C 407 -21.57 -51.95 26.04
C GLY C 407 -20.16 -52.46 25.92
N HIS C 414 -14.62 -55.05 15.32
CA HIS C 414 -14.14 -54.21 14.23
C HIS C 414 -12.67 -54.44 13.97
N ASP C 415 -12.25 -54.20 12.72
CA ASP C 415 -10.85 -54.40 12.33
C ASP C 415 -9.97 -53.43 13.10
N LEU C 416 -10.00 -52.16 12.75
CA LEU C 416 -9.27 -51.09 13.44
C LEU C 416 -7.76 -51.18 13.26
N SER C 417 -7.28 -52.09 12.41
CA SER C 417 -5.84 -52.23 12.23
C SER C 417 -5.19 -51.00 11.59
N SER C 418 -5.97 -50.05 11.08
CA SER C 418 -5.39 -48.86 10.45
C SER C 418 -4.94 -47.84 11.49
N LEU C 419 -5.58 -47.81 12.66
CA LEU C 419 -5.12 -46.94 13.74
C LEU C 419 -3.67 -47.24 14.07
N ARG C 420 -2.92 -46.20 14.44
CA ARG C 420 -1.51 -46.34 14.76
C ARG C 420 -1.17 -45.57 16.04
N VAL C 421 -1.95 -44.52 16.33
CA VAL C 421 -1.74 -43.68 17.49
C VAL C 421 -3.10 -43.25 18.01
N LEU C 422 -3.27 -43.27 19.34
CA LEU C 422 -4.55 -43.00 19.97
C LEU C 422 -4.36 -42.04 21.14
N GLY C 423 -5.16 -40.97 21.18
CA GLY C 423 -5.01 -39.96 22.21
C GLY C 423 -6.34 -39.42 22.68
N SER C 424 -6.32 -38.89 23.91
CA SER C 424 -7.49 -38.33 24.57
C SER C 424 -7.13 -36.95 25.11
N VAL C 425 -8.15 -36.17 25.46
CA VAL C 425 -7.89 -34.86 26.06
C VAL C 425 -9.08 -34.31 26.86
N PRO C 428 -9.00 -35.03 32.54
CA PRO C 428 -8.26 -36.25 32.90
C PRO C 428 -9.06 -37.52 32.71
N ILE C 429 -8.36 -38.59 32.33
CA ILE C 429 -8.98 -39.89 32.06
C ILE C 429 -8.53 -40.86 33.15
N ASN C 430 -9.48 -41.60 33.69
CA ASN C 430 -9.13 -42.60 34.70
C ASN C 430 -8.11 -43.57 34.13
N PRO C 431 -7.16 -44.06 34.93
CA PRO C 431 -6.04 -44.84 34.38
C PRO C 431 -6.42 -46.22 33.86
N GLU C 432 -7.58 -46.78 34.22
CA GLU C 432 -7.99 -48.06 33.65
C GLU C 432 -8.44 -47.87 32.20
N ALA C 433 -8.91 -46.67 31.83
CA ALA C 433 -9.22 -46.36 30.45
C ALA C 433 -7.98 -46.38 29.57
N TRP C 434 -6.79 -46.24 30.17
CA TRP C 434 -5.54 -46.31 29.40
C TRP C 434 -5.26 -47.73 28.93
N HIS C 435 -5.56 -48.72 29.77
CA HIS C 435 -5.41 -50.12 29.36
C HIS C 435 -6.53 -50.50 28.38
N TRP C 436 -7.76 -50.10 28.68
CA TRP C 436 -8.86 -50.39 27.77
C TRP C 436 -8.63 -49.74 26.40
N TYR C 437 -8.15 -48.49 26.39
CA TYR C 437 -7.89 -47.77 25.16
C TYR C 437 -6.72 -48.36 24.38
N ASN C 438 -5.90 -49.19 25.02
CA ASN C 438 -4.75 -49.80 24.36
C ASN C 438 -5.02 -51.19 23.81
N ASP C 439 -6.00 -51.91 24.36
CA ASP C 439 -6.29 -53.28 23.97
C ASP C 439 -7.58 -53.38 23.15
N PHE C 440 -8.70 -52.93 23.71
CA PHE C 440 -9.97 -52.97 22.98
C PHE C 440 -9.97 -52.04 21.77
N ALA C 441 -9.15 -50.98 21.79
CA ALA C 441 -9.04 -50.05 20.68
C ALA C 441 -7.73 -50.17 19.93
N GLY C 442 -6.65 -50.55 20.61
CA GLY C 442 -5.35 -50.65 20.00
C GLY C 442 -4.90 -52.07 19.72
N LYS C 443 -5.36 -53.02 20.55
CA LYS C 443 -4.98 -54.42 20.44
C LYS C 443 -3.49 -54.64 20.76
N ASN C 444 -2.96 -53.82 21.68
CA ASN C 444 -1.55 -53.91 22.08
C ASN C 444 -0.60 -53.82 20.89
N GLN C 445 -1.06 -53.13 19.85
CA GLN C 445 -0.23 -52.79 18.70
C GLN C 445 -0.27 -51.31 18.38
N CYS C 446 -1.15 -50.53 19.02
CA CYS C 446 -1.24 -49.10 18.82
C CYS C 446 -0.37 -48.36 19.83
N ALA C 447 -0.12 -47.09 19.52
CA ALA C 447 0.50 -46.17 20.45
C ALA C 447 -0.58 -45.49 21.28
N ILE C 448 -0.17 -44.85 22.38
CA ILE C 448 -1.10 -44.15 23.26
C ILE C 448 -0.43 -42.84 23.69
N VAL C 449 -1.10 -41.72 23.43
CA VAL C 449 -0.57 -40.39 23.70
C VAL C 449 -1.62 -39.59 24.45
N ASP C 450 -1.33 -39.22 25.70
CA ASP C 450 -2.24 -38.45 26.54
C ASP C 450 -1.89 -36.98 26.43
N THR C 451 -2.93 -36.11 26.36
CA THR C 451 -2.72 -34.70 26.05
C THR C 451 -3.54 -33.80 26.98
N TYR C 452 -2.84 -32.91 27.69
CA TYR C 452 -3.47 -31.89 28.51
C TYR C 452 -3.05 -30.51 28.02
N TRP C 453 -4.00 -29.57 28.06
CA TRP C 453 -3.76 -28.21 27.59
C TRP C 453 -5.02 -27.39 27.78
N MET C 454 -5.02 -26.16 27.27
CA MET C 454 -6.21 -25.33 27.37
C MET C 454 -6.16 -24.31 26.24
N THR C 455 -7.27 -23.58 26.12
CA THR C 455 -7.39 -22.58 25.07
C THR C 455 -6.17 -21.68 25.01
N GLU C 456 -5.59 -21.33 26.17
CA GLU C 456 -4.52 -20.35 26.20
C GLU C 456 -3.19 -20.89 25.70
N THR C 457 -3.05 -22.21 25.63
CA THR C 457 -1.78 -22.80 25.19
C THR C 457 -1.65 -22.84 23.68
N GLY C 458 -2.75 -22.74 22.96
CA GLY C 458 -2.71 -22.80 21.51
C GLY C 458 -2.52 -24.19 20.93
N SER C 459 -1.52 -24.92 21.42
CA SER C 459 -1.26 -26.28 20.99
C SER C 459 -0.98 -27.16 22.20
N ILE C 460 -1.24 -28.46 22.04
CA ILE C 460 -1.11 -29.40 23.13
C ILE C 460 0.23 -29.19 23.83
N SER C 461 0.19 -29.21 25.17
CA SER C 461 1.34 -28.88 26.01
C SER C 461 2.04 -30.08 26.61
N ILE C 462 1.28 -31.10 27.03
CA ILE C 462 1.82 -32.22 27.79
C ILE C 462 1.40 -33.50 27.07
N ALA C 463 2.36 -34.21 26.47
CA ALA C 463 2.06 -35.44 25.73
C ALA C 463 3.35 -36.20 25.49
N PRO C 464 3.27 -37.52 25.30
CA PRO C 464 4.44 -38.32 24.94
C PRO C 464 4.60 -38.51 23.44
N LEU C 465 5.86 -38.56 23.01
CA LEU C 465 6.12 -38.88 21.61
C LEU C 465 6.00 -40.39 21.39
N PRO C 466 5.35 -40.83 20.31
CA PRO C 466 4.86 -42.22 20.26
C PRO C 466 5.91 -43.28 19.93
N GLY C 467 6.66 -43.09 18.85
CA GLY C 467 7.62 -44.09 18.43
C GLY C 467 9.01 -43.91 18.99
N ALA C 468 9.11 -43.42 20.23
CA ALA C 468 10.39 -43.16 20.87
C ALA C 468 10.35 -43.48 22.36
N ILE C 469 9.28 -43.03 23.03
CA ILE C 469 9.22 -42.98 24.47
C ILE C 469 8.32 -44.09 24.98
N SER C 470 8.87 -44.95 25.83
CA SER C 470 8.07 -45.94 26.53
C SER C 470 7.22 -45.25 27.59
N THR C 471 5.89 -45.37 27.44
CA THR C 471 4.92 -44.56 28.14
C THR C 471 4.37 -45.33 29.32
N LYS C 472 3.53 -44.66 30.11
CA LYS C 472 2.89 -45.26 31.28
C LYS C 472 1.46 -44.72 31.39
N PRO C 473 0.54 -45.50 31.95
CA PRO C 473 -0.83 -45.02 32.10
C PRO C 473 -0.92 -43.77 32.97
N GLY C 474 -1.81 -42.86 32.57
CA GLY C 474 -2.20 -41.72 33.39
C GLY C 474 -1.27 -40.52 33.36
N SER C 475 -0.05 -40.67 32.87
CA SER C 475 0.94 -39.60 32.85
C SER C 475 1.05 -39.00 31.44
N ALA C 476 2.19 -38.36 31.15
CA ALA C 476 2.44 -37.87 29.80
C ALA C 476 3.93 -37.87 29.45
N THR C 477 4.74 -38.67 30.13
CA THR C 477 6.18 -38.74 29.90
C THR C 477 6.82 -37.36 30.01
N PHE C 478 6.66 -36.52 29.00
CA PHE C 478 7.40 -35.28 28.90
C PHE C 478 6.56 -34.21 28.25
N PRO C 479 6.79 -32.94 28.57
CA PRO C 479 6.02 -31.87 27.94
C PRO C 479 6.42 -31.68 26.48
N PHE C 480 5.51 -31.09 25.71
CA PHE C 480 5.74 -31.01 24.28
C PHE C 480 6.98 -30.16 23.98
N PHE C 481 7.53 -30.37 22.78
CA PHE C 481 8.63 -29.58 22.25
C PHE C 481 8.47 -28.10 22.58
N GLY C 482 9.48 -27.53 23.22
CA GLY C 482 9.53 -26.10 23.44
C GLY C 482 8.73 -25.59 24.61
N MET C 483 8.21 -26.47 25.46
CA MET C 483 7.54 -26.05 26.69
C MET C 483 8.21 -26.75 27.87
N ASP C 484 8.63 -25.95 28.84
CA ASP C 484 9.29 -26.41 30.06
C ASP C 484 8.46 -25.92 31.24
N VAL C 485 7.80 -26.84 31.94
CA VAL C 485 6.90 -26.47 33.02
C VAL C 485 7.53 -26.78 34.37
N ASP C 486 6.80 -26.46 35.43
CA ASP C 486 7.21 -26.76 36.81
C ASP C 486 5.96 -26.64 37.68
N ILE C 487 6.14 -26.79 38.99
CA ILE C 487 5.05 -26.67 39.95
C ILE C 487 5.49 -25.79 41.12
N ILE C 488 4.63 -24.84 41.50
CA ILE C 488 4.91 -23.91 42.60
C ILE C 488 4.18 -24.39 43.84
N ASP C 489 4.79 -24.16 45.00
CA ASP C 489 4.10 -24.38 46.26
C ASP C 489 3.14 -23.21 46.49
N PRO C 490 1.82 -23.43 46.45
CA PRO C 490 0.89 -22.28 46.52
C PRO C 490 0.99 -21.45 47.82
N GLN C 491 1.76 -21.88 48.82
CA GLN C 491 1.86 -21.13 50.07
C GLN C 491 3.20 -20.42 50.24
N THR C 492 4.28 -20.94 49.66
CA THR C 492 5.57 -20.27 49.67
C THR C 492 5.86 -19.54 48.36
N GLY C 493 5.12 -19.85 47.30
CA GLY C 493 5.37 -19.21 46.02
C GLY C 493 6.70 -19.54 45.41
N GLN C 494 7.33 -20.64 45.83
CA GLN C 494 8.61 -21.09 45.29
C GLN C 494 8.42 -22.42 44.58
N VAL C 495 9.06 -22.55 43.42
CA VAL C 495 8.95 -23.78 42.65
C VAL C 495 9.62 -24.91 43.42
N LEU C 496 9.00 -26.11 43.38
CA LEU C 496 9.51 -27.28 44.08
C LEU C 496 10.41 -28.09 43.15
N GLU C 497 11.67 -27.68 43.06
CA GLU C 497 12.62 -28.38 42.21
C GLU C 497 12.65 -29.87 42.58
N GLY C 498 13.17 -30.69 41.66
CA GLY C 498 13.26 -32.11 41.89
C GLY C 498 12.02 -32.89 41.47
N ASN C 499 12.11 -34.20 41.65
CA ASN C 499 10.99 -35.11 41.40
C ASN C 499 10.31 -35.45 42.73
N ASP C 500 9.25 -36.25 42.64
CA ASP C 500 8.42 -36.61 43.79
C ASP C 500 7.93 -35.35 44.50
N VAL C 501 7.17 -34.54 43.76
CA VAL C 501 6.70 -33.24 44.21
C VAL C 501 5.26 -33.03 43.74
N GLU C 502 4.62 -32.01 44.29
CA GLU C 502 3.25 -31.66 43.93
C GLU C 502 3.03 -30.17 44.19
N GLY C 503 2.07 -29.58 43.47
CA GLY C 503 1.79 -28.17 43.64
C GLY C 503 0.83 -27.65 42.57
N VAL C 504 0.99 -26.37 42.23
CA VAL C 504 0.19 -25.74 41.19
C VAL C 504 1.01 -25.65 39.91
N LEU C 505 0.36 -25.98 38.78
CA LEU C 505 1.05 -26.07 37.50
C LEU C 505 1.31 -24.70 36.92
N VAL C 506 2.55 -24.47 36.46
CA VAL C 506 2.97 -23.21 35.84
C VAL C 506 4.04 -23.51 34.80
N ALA C 507 4.27 -22.55 33.90
CA ALA C 507 5.23 -22.71 32.80
C ALA C 507 6.33 -21.65 32.89
N ARG C 508 7.49 -21.98 32.30
CA ARG C 508 8.71 -21.19 32.45
C ARG C 508 8.85 -20.05 31.43
N ARG C 509 9.21 -20.40 30.20
CA ARG C 509 9.55 -19.47 29.13
C ARG C 509 8.48 -19.47 28.04
N PRO C 510 8.54 -18.54 27.08
CA PRO C 510 7.49 -18.47 26.06
C PRO C 510 7.59 -19.61 25.05
N TRP C 511 6.42 -20.03 24.57
CA TRP C 511 6.34 -20.97 23.47
C TRP C 511 5.57 -20.36 22.30
N PRO C 512 5.85 -20.79 21.06
CA PRO C 512 5.29 -20.06 19.90
C PRO C 512 3.78 -19.90 19.91
N SER C 513 3.04 -20.95 20.29
CA SER C 513 1.60 -20.96 20.18
C SER C 513 0.91 -20.38 21.41
N ILE C 514 1.65 -19.74 22.31
CA ILE C 514 1.05 -19.17 23.51
C ILE C 514 0.09 -18.06 23.12
N ALA C 515 -1.08 -18.04 23.77
CA ALA C 515 -2.01 -16.93 23.60
C ALA C 515 -1.33 -15.62 23.94
N ARG C 516 -1.72 -14.57 23.21
CA ARG C 516 -1.04 -13.28 23.21
C ARG C 516 -1.74 -12.24 24.06
N THR C 517 -3.03 -12.35 24.24
CA THR C 517 -3.75 -11.47 25.17
C THR C 517 -5.14 -12.02 25.38
N VAL C 518 -5.97 -11.25 26.08
CA VAL C 518 -7.40 -11.48 26.16
C VAL C 518 -8.06 -10.27 25.54
N TYR C 519 -8.93 -10.50 24.56
CA TYR C 519 -9.34 -9.42 23.65
C TYR C 519 -9.80 -8.20 24.45
N ARG C 520 -9.07 -7.08 24.29
CA ARG C 520 -9.38 -5.80 24.90
C ARG C 520 -9.48 -5.91 26.42
N ASP C 521 -8.81 -6.90 26.99
CA ASP C 521 -8.70 -7.02 28.42
C ASP C 521 -7.33 -7.63 28.73
N HIS C 522 -6.29 -7.02 28.17
CA HIS C 522 -4.93 -7.40 28.53
C HIS C 522 -4.74 -7.36 30.04
N LYS C 523 -5.50 -6.51 30.72
CA LYS C 523 -5.47 -6.45 32.19
C LYS C 523 -5.77 -7.82 32.80
N ARG C 524 -6.94 -8.38 32.46
CA ARG C 524 -7.29 -9.73 32.91
C ARG C 524 -6.26 -10.77 32.45
N TYR C 525 -5.65 -10.56 31.27
CA TYR C 525 -4.62 -11.46 30.79
C TYR C 525 -3.45 -11.52 31.76
N LEU C 526 -3.11 -10.39 32.36
CA LEU C 526 -2.02 -10.34 33.34
C LEU C 526 -2.50 -10.77 34.72
N GLU C 527 -3.68 -10.32 35.14
CA GLU C 527 -4.24 -10.62 36.45
C GLU C 527 -4.74 -12.05 36.58
N THR C 528 -4.65 -12.89 35.55
CA THR C 528 -5.12 -14.27 35.57
C THR C 528 -3.99 -15.28 35.35
N TYR C 529 -3.03 -14.97 34.48
CA TYR C 529 -1.97 -15.91 34.15
C TYR C 529 -0.56 -15.39 34.41
N MET C 530 -0.39 -14.09 34.65
CA MET C 530 0.94 -13.48 34.74
C MET C 530 1.25 -12.91 36.11
N LYS C 531 0.31 -12.17 36.70
CA LYS C 531 0.49 -11.57 38.02
C LYS C 531 0.41 -12.57 39.15
N PRO C 532 -0.40 -13.64 39.04
CA PRO C 532 -0.46 -14.62 40.14
C PRO C 532 0.88 -15.16 40.59
N TYR C 533 1.77 -15.52 39.67
CA TYR C 533 3.11 -16.01 40.02
C TYR C 533 4.13 -15.27 39.16
N PRO C 534 5.06 -14.51 39.76
CA PRO C 534 5.87 -13.58 38.97
C PRO C 534 6.67 -14.27 37.88
N GLY C 535 6.56 -13.73 36.66
CA GLY C 535 7.37 -14.19 35.56
C GLY C 535 7.03 -15.56 35.03
N TYR C 536 5.91 -16.14 35.44
CA TYR C 536 5.49 -17.46 35.01
C TYR C 536 4.10 -17.37 34.39
N PHE C 537 3.72 -18.45 33.71
CA PHE C 537 2.37 -18.64 33.23
C PHE C 537 1.64 -19.56 34.22
N PHE C 538 0.52 -19.09 34.75
CA PHE C 538 -0.26 -19.83 35.75
C PHE C 538 -1.42 -20.53 35.07
N PHE C 539 -1.35 -21.87 34.98
CA PHE C 539 -2.38 -22.66 34.31
C PHE C 539 -3.72 -22.60 35.04
N GLY C 540 -3.70 -22.56 36.37
CA GLY C 540 -4.90 -22.60 37.15
C GLY C 540 -5.35 -23.98 37.58
N ASP C 541 -4.46 -24.98 37.48
CA ASP C 541 -4.78 -26.35 37.87
C ASP C 541 -3.60 -26.99 38.59
N GLY C 542 -3.89 -27.86 39.54
CA GLY C 542 -2.85 -28.54 40.30
C GLY C 542 -2.22 -29.68 39.51
N ALA C 543 -0.90 -29.80 39.65
CA ALA C 543 -0.13 -30.82 38.94
C ALA C 543 0.97 -31.35 39.85
N ALA C 544 1.36 -32.61 39.62
CA ALA C 544 2.34 -33.29 40.44
C ALA C 544 3.29 -34.09 39.57
N ARG C 545 4.54 -34.19 40.02
CA ARG C 545 5.61 -34.90 39.31
C ARG C 545 6.21 -35.96 40.21
N ASP C 546 6.61 -37.09 39.61
CA ASP C 546 7.12 -38.23 40.36
C ASP C 546 8.53 -38.60 39.90
N TYR C 547 9.09 -39.63 40.56
CA TYR C 547 10.48 -40.01 40.35
C TYR C 547 10.78 -40.39 38.91
N ASP C 548 9.76 -40.70 38.12
CA ASP C 548 9.93 -41.05 36.73
C ASP C 548 9.94 -39.84 35.80
N GLY C 549 9.83 -38.62 36.35
CA GLY C 549 9.73 -37.44 35.53
C GLY C 549 8.41 -37.30 34.80
N TYR C 550 7.33 -37.80 35.40
CA TYR C 550 6.01 -37.87 34.77
C TYR C 550 5.04 -36.97 35.50
N MET C 551 4.09 -36.40 34.75
CA MET C 551 3.18 -35.39 35.27
C MET C 551 1.76 -35.94 35.38
N TRP C 552 1.03 -35.44 36.38
CA TRP C 552 -0.33 -35.85 36.68
C TRP C 552 -1.16 -34.62 37.01
N ILE C 553 -2.37 -34.55 36.44
CA ILE C 553 -3.22 -33.38 36.59
C ILE C 553 -4.30 -33.59 37.65
#